data_9GD1
#
_entry.id   9GD1
#
_cell.length_a   1.00
_cell.length_b   1.00
_cell.length_c   1.00
_cell.angle_alpha   90.00
_cell.angle_beta   90.00
_cell.angle_gamma   90.00
#
_symmetry.space_group_name_H-M   'P 1'
#
loop_
_entity.id
_entity.type
_entity.pdbx_description
1 polymer 'Histone H3.2'
2 polymer 'Histone H4'
3 polymer 'Histone H2A type 1'
4 polymer 'Histone H2B 1.1'
5 polymer 'DNA (261-MER)'
6 polymer 'DNA (261-MER)'
7 polymer 'Chromo domain-containing protein 1'
8 non-polymer "ADENOSINE-5'-DIPHOSPHATE"
9 non-polymer 'BERYLLIUM TRIFLUORIDE ION'
10 non-polymer 'MAGNESIUM ION'
#
loop_
_entity_poly.entity_id
_entity_poly.type
_entity_poly.pdbx_seq_one_letter_code
_entity_poly.pdbx_strand_id
1 'polypeptide(L)'
;MARTKQTARKSTGGKAPRKQLATKAARKSAPATGGVKKPHRYRPGTVALREIRRYQKSTELLIRKLPFQRLVREIAQDFK
TDLRFQSSAVMALQEASEAYLVALFEDTNLCAIHAKRVTIMPKDIQLARRIRGERA
;
A,E,K,O
2 'polypeptide(L)'
;MSGRGKGGKGLGKGGAKRHRKVLRDNIQGITKPAIRRLARRGGVKRISGLIYEETRGVLKVFLENVIRDAVTYTEHAKRK
TVTAMDVVYALKRQGRTLYGFGG
;
B,F,L,P
3 'polypeptide(L)'
;MSGRGKQGGKTRAKAKTRSSRAGLQFPVGRVHRLLRKGNYAERVGAGAPVYLAAVLEYLTAEILELAGNAARDNKKTRII
PRHLQLAVRNDEELNKLLGRVTIAQGGVLPNIQSVLLPKKTESSKSAKSK
;
C,G,M
4 'polypeptide(L)'
;MAKSAPAPKKGSKKAVTKTQKKDGKKRRKTRKESYAIYVYKVLKQVHPDTGISSKAMSIMNSFVNDVFERIAGEASRLAH
YNKRSTITSREIQTAVRLLLPGELAKHAVSEGTKAVTKYTSAK
;
D,H,N
5 'polydeoxyribonucleotide'
;(DT)(DG)(DG)(DA)(DG)(DA)(DA)(DT)(DC)(DC)(DC)(DG)(DG)(DT)(DG)(DC)(DC)(DG)(DA)(DG)
(DG)(DC)(DC)(DG)(DC)(DT)(DC)(DA)(DA)(DT)(DT)(DG)(DG)(DT)(DC)(DG)(DT)(DA)(DG)(DA)
(DC)(DA)(DG)(DC)(DT)(DC)(DT)(DA)(DG)(DC)(DA)(DC)(DC)(DG)(DC)(DT)(DT)(DA)(DA)(DA)
(DC)(DG)(DC)(DA)(DC)(DG)(DT)(DA)(DC)(DG)(DC)(DG)(DC)(DT)(DG)(DT)(DC)(DC)(DC)(DC)
(DC)(DG)(DC)(DG)(DT)(DT)(DT)(DT)(DA)(DA)(DC)(DC)(DG)(DC)(DC)(DA)(DA)(DG)(DG)(DG)
(DG)(DA)(DT)(DT)(DA)(DC)(DT)(DC)(DC)(DC)(DT)(DA)(DG)(DT)(DC)(DT)(DC)(DC)(DA)(DG)
(DG)(DG)(DA)(DA)(DT)(DT)(DC)(DC)(DT)(DC)(DA)(DA)(DT)(DT)(DG)(DG)(DT)(DC)(DG)(DT)
(DA)(DG)(DA)(DC)(DA)(DG)(DC)(DT)(DC)(DT)(DA)(DG)(DC)(DA)(DC)(DC)(DG)(DC)(DT)(DT)
(DA)(DA)(DA)(DC)(DG)(DC)(DA)(DC)(DG)(DT)(DA)(DC)(DG)(DC)(DG)(DC)(DT)(DG)(DT)(DC)
(DC)(DC)(DC)(DC)(DG)(DC)(DG)(DT)(DT)(DT)(DT)(DA)(DA)(DC)(DC)(DG)(DC)(DC)(DA)(DA)
(DG)(DG)(DG)(DG)(DA)(DT)(DT)(DA)(DC)(DT)(DC)(DC)(DC)(DT)(DA)(DG)(DT)(DC)(DT)(DC)
(DC)(DA)(DG)(DG)(DC)(DA)(DC)(DG)(DT)(DG)(DT)(DC)(DA)(DG)(DA)(DT)(DA)(DT)(DA)(DT)
(DA)(DC)(DA)(DT)(DC)(DC)(DT)(DG)(DT)(DT)(DC)(DT)(DA)(DG)(DA)(DG)(DC)(DG)(DG)(DC)
(DC)
;
I
6 'polydeoxyribonucleotide'
;(DG)(DG)(DC)(DC)(DG)(DC)(DT)(DC)(DT)(DA)(DG)(DA)(DA)(DC)(DA)(DG)(DG)(DA)(DT)(DG)
(DT)(DA)(DT)(DA)(DT)(DA)(DT)(DC)(DT)(DG)(DA)(DC)(DA)(DC)(DG)(DT)(DG)(DC)(DC)(DT)
(DG)(DG)(DA)(DG)(DA)(DC)(DT)(DA)(DG)(DG)(DG)(DA)(DG)(DT)(DA)(DA)(DT)(DC)(DC)(DC)
(DC)(DT)(DT)(DG)(DG)(DC)(DG)(DG)(DT)(DT)(DA)(DA)(DA)(DA)(DC)(DG)(DC)(DG)(DG)(DG)
(DG)(DG)(DA)(DC)(DA)(DG)(DC)(DG)(DC)(DG)(DT)(DA)(DC)(DG)(DT)(DG)(DC)(DG)(DT)(DT)
(DT)(DA)(DA)(DG)(DC)(DG)(DG)(DT)(DG)(DC)(DT)(DA)(DG)(DA)(DG)(DC)(DT)(DG)(DT)(DC)
(DT)(DA)(DC)(DG)(DA)(DC)(DC)(DA)(DA)(DT)(DT)(DG)(DA)(DG)(DG)(DA)(DA)(DT)(DT)(DC)
(DC)(DC)(DT)(DG)(DG)(DA)(DG)(DA)(DC)(DT)(DA)(DG)(DG)(DG)(DA)(DG)(DT)(DA)(DA)(DT)
(DC)(DC)(DC)(DC)(DT)(DT)(DG)(DG)(DC)(DG)(DG)(DT)(DT)(DA)(DA)(DA)(DA)(DC)(DG)(DC)
(DG)(DG)(DG)(DG)(DG)(DA)(DC)(DA)(DG)(DC)(DG)(DC)(DG)(DT)(DA)(DC)(DG)(DT)(DG)(DC)
(DG)(DT)(DT)(DT)(DA)(DA)(DG)(DC)(DG)(DG)(DT)(DG)(DC)(DT)(DA)(DG)(DA)(DG)(DC)(DT)
(DG)(DT)(DC)(DT)(DA)(DC)(DG)(DA)(DC)(DC)(DA)(DA)(DT)(DT)(DG)(DA)(DG)(DC)(DG)(DG)
(DC)(DC)(DT)(DC)(DG)(DG)(DC)(DA)(DC)(DC)(DG)(DG)(DG)(DA)(DT)(DT)(DC)(DT)(DC)(DC)
(DA)
;
J
7 'polypeptide(L)'
;MAAKDISTEVLQNPELYGLRRSHRAAAHQQNYFNDSDDEDDEDNIKQSRRKRMTTIEDDEDEFEDEEGEEDSGEDEDEED
FEEDDDYYGSPIKQNRSKPKSRTKSKSKSKPKSQSEKQSTVKIPTRFSNRQNKTVNYNIDYSDDDLLESEDDYGSEEALS
EENVHEASANPQPEDFHGIDIVINHRLKTSLEEGKVLEKTVPDLNNCKENYEFLIKWTDESHLHNTWETYESIGQVRGLK
RLDNYCKQFIIEDQQVRLDPYVTAEDIEIMDMERERRLDEFEEFHVPERIIDSQRASLEDGTSQLQYLVKWRRLNYDEAT
WENATDIVKLAPEQVKHFQNRENSKILPQYSSNYTSQRPRFEKLSVQPPFIKGGELRDFQLTGINWMAFLWSKGDNGILA
DEMGLGKTVQTVAFISWLIFARRQNGPHIIVVPLSTMPAWLDTFEKWAPDLNCICYMGNQKSRDTIREYEFYTNPRAKGK
KTMKFNVLLTTYEYILKDRAELGSIKWQFMAVDEAHRLKNAESSLYESLNSFKVANRMLITGTPLQNNIKELAALVNFLM
PGRFTIDQEIDFENQDEEQEEYIHDLHRRIQPFILRRLKKDVEKSLPSKTERILRVELSDVQTEYYKNILTKNYSALTAG
AKGGHFSLLNIMNELKKASNHPYLFDNAEERVLQKFGDGKMTRENVLRGLIMSSGKMVLLDQLLTRLKKDGHRVLIFSQM
VRMLDILGDYLSIKGINFQRLDGTVPSAQRRISIDHFNSPDSNDFVFLLSTRAGGLGINLMTADTVVIFDSDWNPQADLQ
AMARAHRIGQKNHVMVYRLVSKDTVEEEVLERARKKMILEYAIISLGVTDGNKYTKKNEPNAGELSAILKFGAGNMFTAT
DNQKKLEDLNLDDVLNHAEDHVTTPDLGESHLGGEEFLKQFEVTDYKADIDWDDIIPEEELKKLQDEEQKRKDEEYVKEQ
LEMMNRRDNALKKIKNSVNGDGTAANSDSDDDSTSRSSRRRARANDMDSIGESEVRALYKAILKFGNLKEILDELIADGT
LPVKSFEKYGETYDEMMEAAKDCVHEEEKNRKEILEKLEKHATAYRAKLKSGEIKAENQPKDNPLTRLSLKKREKKAVLF
NFKGVKSLNAESLLSRVEDLKYLKNLINSNYKDDPLKFSLGNNTPKPVQNWSSNWTKEEDEKLLIGVFKYGYGSWTQIRD
DPFLGITDKIFLNEVHNPVAKKSASSSDTTPTPSKKGKGITGSSKKVPGAIHLGRRVDYLLSFLRGGLNTKSPSADIGSK
KLPTGPSKKRQRKPANHSKSMTPEITSSEPANGPPSKRMKALPKGPAALINNTRLSPNSPTPPLKSKVSRDNGTRQSSNP
SSGSAHEKEYDSMDEEDCRHTMSAIRTSLKRLRRGGKSLDRKEWAKILKTELTTIGNHIESQKGSSRKASPEKYRKHLWS
YSANFWPADVKSTKLMAMYDKITESQKK
;
W
#
loop_
_chem_comp.id
_chem_comp.type
_chem_comp.name
_chem_comp.formula
ADP non-polymer ADENOSINE-5'-DIPHOSPHATE 'C10 H15 N5 O10 P2'
BEF non-polymer 'BERYLLIUM TRIFLUORIDE ION' 'Be F3 -1'
DA DNA linking 2'-DEOXYADENOSINE-5'-MONOPHOSPHATE 'C10 H14 N5 O6 P'
DC DNA linking 2'-DEOXYCYTIDINE-5'-MONOPHOSPHATE 'C9 H14 N3 O7 P'
DG DNA linking 2'-DEOXYGUANOSINE-5'-MONOPHOSPHATE 'C10 H14 N5 O7 P'
DT DNA linking THYMIDINE-5'-MONOPHOSPHATE 'C10 H15 N2 O8 P'
MG non-polymer 'MAGNESIUM ION' 'Mg 2'
#
# COMPACT_ATOMS: atom_id res chain seq x y z
N TYR A 42 8.84 -35.04 -2.90
CA TYR A 42 9.00 -35.11 -1.45
C TYR A 42 7.75 -35.68 -0.77
N ARG A 43 7.97 -36.41 0.31
CA ARG A 43 6.87 -36.91 1.12
C ARG A 43 6.20 -35.76 1.88
N PRO A 44 4.93 -35.92 2.23
CA PRO A 44 4.20 -34.87 2.96
C PRO A 44 4.93 -34.39 4.21
N GLY A 45 4.84 -33.09 4.46
CA GLY A 45 5.37 -32.47 5.65
C GLY A 45 6.87 -32.44 5.80
N THR A 46 7.62 -33.10 4.91
CA THR A 46 9.06 -33.16 5.07
C THR A 46 9.72 -31.79 4.91
N VAL A 47 9.04 -30.86 4.25
CA VAL A 47 9.59 -29.52 4.05
C VAL A 47 9.98 -28.89 5.38
N ALA A 48 9.16 -29.05 6.41
CA ALA A 48 9.50 -28.53 7.72
C ALA A 48 10.83 -29.07 8.21
N LEU A 49 11.00 -30.39 8.20
CA LEU A 49 12.26 -30.99 8.61
C LEU A 49 13.43 -30.51 7.75
N ARG A 50 13.22 -30.45 6.42
CA ARG A 50 14.28 -29.96 5.55
C ARG A 50 14.73 -28.57 5.94
N GLU A 51 13.78 -27.64 6.08
CA GLU A 51 14.14 -26.25 6.36
C GLU A 51 14.68 -26.08 7.77
N ILE A 52 14.23 -26.90 8.73
CA ILE A 52 14.89 -26.93 10.03
C ILE A 52 16.36 -27.26 9.88
N ARG A 53 16.65 -28.40 9.23
CA ARG A 53 18.05 -28.79 9.06
C ARG A 53 18.85 -27.73 8.32
N ARG A 54 18.25 -27.12 7.31
CA ARG A 54 18.90 -26.06 6.55
C ARG A 54 19.25 -24.86 7.43
N TYR A 55 18.24 -24.28 8.09
CA TYR A 55 18.48 -23.07 8.86
C TYR A 55 19.29 -23.32 10.12
N GLN A 56 19.33 -24.56 10.63
CA GLN A 56 20.34 -24.88 11.64
C GLN A 56 21.73 -24.94 11.03
N LYS A 57 21.84 -25.45 9.81
CA LYS A 57 23.13 -25.42 9.14
C LYS A 57 23.57 -23.99 8.83
N SER A 58 22.64 -23.16 8.36
CA SER A 58 22.96 -21.79 7.98
C SER A 58 23.49 -21.00 9.18
N THR A 59 24.01 -19.81 8.87
CA THR A 59 24.52 -18.89 9.87
C THR A 59 24.05 -17.45 9.67
N GLU A 60 23.59 -17.09 8.48
CA GLU A 60 23.31 -15.71 8.13
C GLU A 60 22.08 -15.18 8.88
N LEU A 61 21.95 -13.86 8.88
CA LEU A 61 20.81 -13.21 9.49
C LEU A 61 19.54 -13.49 8.69
N LEU A 62 18.43 -13.68 9.40
CA LEU A 62 17.14 -13.93 8.77
C LEU A 62 16.33 -12.68 8.50
N ILE A 63 16.49 -11.64 9.31
CA ILE A 63 15.67 -10.44 9.16
C ILE A 63 16.25 -9.53 8.10
N ARG A 64 15.36 -8.84 7.38
CA ARG A 64 15.78 -7.85 6.41
C ARG A 64 16.43 -6.65 7.11
N LYS A 65 17.56 -6.20 6.56
CA LYS A 65 18.38 -5.19 7.22
C LYS A 65 17.62 -3.88 7.38
N LEU A 66 17.14 -3.33 6.26
CA LEU A 66 16.47 -2.03 6.30
C LEU A 66 15.25 -2.01 7.19
N PRO A 67 14.32 -2.95 7.10
CA PRO A 67 13.20 -2.98 8.07
C PRO A 67 13.66 -2.93 9.53
N PHE A 68 14.66 -3.74 9.88
CA PHE A 68 15.18 -3.72 11.24
C PHE A 68 15.76 -2.35 11.61
N GLN A 69 16.51 -1.73 10.70
CA GLN A 69 17.05 -0.41 10.98
C GLN A 69 15.95 0.61 11.20
N ARG A 70 14.94 0.62 10.32
CA ARG A 70 13.81 1.51 10.48
C ARG A 70 13.08 1.27 11.80
N LEU A 71 13.00 0.01 12.22
CA LEU A 71 12.40 -0.32 13.50
C LEU A 71 13.20 0.28 14.65
N VAL A 72 14.50 -0.01 14.70
CA VAL A 72 15.27 0.45 15.85
C VAL A 72 15.36 1.97 15.87
N ARG A 73 15.39 2.62 14.71
CA ARG A 73 15.30 4.08 14.69
C ARG A 73 13.96 4.58 15.23
N GLU A 74 12.87 3.89 14.89
CA GLU A 74 11.57 4.26 15.44
C GLU A 74 11.55 4.14 16.96
N ILE A 75 12.07 3.02 17.48
CA ILE A 75 12.12 2.85 18.93
C ILE A 75 13.01 3.92 19.57
N ALA A 76 14.16 4.19 18.96
CA ALA A 76 15.12 5.10 19.57
C ALA A 76 14.58 6.52 19.64
N GLN A 77 13.93 6.99 18.57
CA GLN A 77 13.56 8.40 18.51
C GLN A 77 12.56 8.77 19.61
N ASP A 78 11.92 7.78 20.22
CA ASP A 78 11.17 8.03 21.44
C ASP A 78 12.05 8.64 22.53
N PHE A 79 13.26 8.13 22.69
CA PHE A 79 14.12 8.60 23.78
C PHE A 79 14.84 9.90 23.44
N LYS A 80 15.25 10.09 22.19
CA LYS A 80 15.85 11.36 21.81
C LYS A 80 15.80 11.52 20.30
N THR A 81 15.26 12.66 19.84
CA THR A 81 15.14 12.88 18.41
C THR A 81 16.49 13.07 17.75
N ASP A 82 17.40 13.80 18.41
CA ASP A 82 18.75 14.01 17.90
C ASP A 82 19.54 12.73 18.05
N LEU A 83 19.74 12.00 16.96
CA LEU A 83 20.27 10.65 17.06
C LEU A 83 21.03 10.28 15.79
N ARG A 84 22.02 9.41 15.97
CA ARG A 84 22.73 8.76 14.86
C ARG A 84 23.10 7.35 15.29
N PHE A 85 23.35 6.49 14.31
CA PHE A 85 23.87 5.16 14.58
C PHE A 85 25.09 4.85 13.73
N GLN A 86 26.05 4.17 14.33
CA GLN A 86 26.99 3.36 13.57
C GLN A 86 26.29 2.14 12.99
N SER A 87 26.58 1.82 11.74
CA SER A 87 25.98 0.65 11.12
C SER A 87 26.31 -0.62 11.89
N SER A 88 27.56 -0.74 12.35
CA SER A 88 27.95 -1.89 13.16
C SER A 88 27.09 -2.03 14.41
N ALA A 89 26.63 -0.91 14.97
CA ALA A 89 25.73 -0.99 16.12
C ALA A 89 24.41 -1.63 15.75
N VAL A 90 23.86 -1.27 14.58
CA VAL A 90 22.63 -1.93 14.13
C VAL A 90 22.88 -3.41 13.87
N MET A 91 24.07 -3.75 13.35
CA MET A 91 24.39 -5.16 13.15
C MET A 91 24.41 -5.90 14.48
N ALA A 92 25.10 -5.35 15.48
CA ALA A 92 25.12 -5.95 16.80
C ALA A 92 23.73 -6.10 17.39
N LEU A 93 22.88 -5.09 17.20
CA LEU A 93 21.51 -5.17 17.69
C LEU A 93 20.74 -6.31 17.04
N GLN A 94 20.76 -6.39 15.72
CA GLN A 94 20.05 -7.49 15.07
C GLN A 94 20.62 -8.84 15.47
N GLU A 95 21.94 -8.92 15.63
CA GLU A 95 22.56 -10.18 16.00
C GLU A 95 22.08 -10.63 17.38
N ALA A 96 22.13 -9.73 18.35
CA ALA A 96 21.71 -10.05 19.71
C ALA A 96 20.23 -10.41 19.75
N SER A 97 19.39 -9.62 19.07
CA SER A 97 17.97 -9.87 19.09
C SER A 97 17.63 -11.22 18.45
N GLU A 98 18.24 -11.51 17.30
CA GLU A 98 18.01 -12.82 16.67
C GLU A 98 18.46 -13.95 17.59
N ALA A 99 19.62 -13.82 18.22
CA ALA A 99 20.07 -14.87 19.14
C ALA A 99 19.08 -15.06 20.30
N TYR A 100 18.59 -13.96 20.85
CA TYR A 100 17.63 -14.05 21.96
C TYR A 100 16.32 -14.69 21.52
N LEU A 101 15.82 -14.31 20.34
CA LEU A 101 14.62 -14.93 19.82
C LEU A 101 14.81 -16.42 19.59
N VAL A 102 15.92 -16.80 18.95
CA VAL A 102 16.15 -18.21 18.67
C VAL A 102 16.23 -19.01 19.96
N ALA A 103 16.92 -18.48 20.98
CA ALA A 103 16.95 -19.15 22.27
C ALA A 103 15.56 -19.31 22.87
N LEU A 104 14.75 -18.25 22.81
CA LEU A 104 13.40 -18.34 23.35
C LEU A 104 12.55 -19.36 22.60
N PHE A 105 12.67 -19.40 21.27
CA PHE A 105 12.00 -20.42 20.50
C PHE A 105 12.45 -21.82 20.92
N GLU A 106 13.75 -22.01 21.07
CA GLU A 106 14.28 -23.33 21.40
C GLU A 106 13.75 -23.80 22.75
N ASP A 107 13.66 -22.90 23.72
CA ASP A 107 13.03 -23.23 24.99
C ASP A 107 11.53 -23.53 24.84
N THR A 108 10.80 -22.65 24.16
CA THR A 108 9.36 -22.86 24.08
C THR A 108 9.02 -24.12 23.31
N ASN A 109 9.87 -24.54 22.37
CA ASN A 109 9.67 -25.85 21.74
C ASN A 109 9.69 -26.96 22.78
N LEU A 110 10.61 -26.87 23.74
CA LEU A 110 10.64 -27.85 24.83
C LEU A 110 9.36 -27.79 25.63
N CYS A 111 8.86 -26.57 25.88
CA CYS A 111 7.58 -26.43 26.58
C CYS A 111 6.47 -27.12 25.80
N ALA A 112 6.41 -26.89 24.49
CA ALA A 112 5.37 -27.48 23.65
C ALA A 112 5.42 -29.00 23.67
N ILE A 113 6.62 -29.57 23.48
CA ILE A 113 6.74 -31.01 23.45
C ILE A 113 6.45 -31.62 24.81
N HIS A 114 6.79 -30.91 25.89
CA HIS A 114 6.41 -31.39 27.22
C HIS A 114 4.90 -31.42 27.38
N ALA A 115 4.19 -30.43 26.84
CA ALA A 115 2.74 -30.50 26.79
C ALA A 115 2.23 -31.53 25.79
N LYS A 116 3.13 -32.24 25.11
CA LYS A 116 2.80 -33.27 24.12
C LYS A 116 2.06 -32.71 22.91
N ARG A 117 1.96 -31.39 22.78
CA ARG A 117 1.70 -30.82 21.47
C ARG A 117 2.94 -30.88 20.60
N VAL A 118 2.78 -30.50 19.35
CA VAL A 118 3.90 -30.06 18.53
C VAL A 118 3.71 -28.65 17.99
N THR A 119 2.48 -28.17 17.89
CA THR A 119 2.25 -26.76 17.55
C THR A 119 2.61 -25.87 18.73
N ILE A 120 3.42 -24.85 18.46
CA ILE A 120 3.79 -23.88 19.48
C ILE A 120 2.63 -22.92 19.70
N MET A 121 2.36 -22.60 20.97
CA MET A 121 1.22 -21.78 21.33
C MET A 121 1.66 -20.60 22.20
N PRO A 122 0.96 -19.48 22.10
CA PRO A 122 1.34 -18.30 22.90
C PRO A 122 1.54 -18.59 24.37
N LYS A 123 0.67 -19.41 24.97
CA LYS A 123 0.85 -19.74 26.38
C LYS A 123 2.20 -20.38 26.62
N ASP A 124 2.77 -21.03 25.61
CA ASP A 124 4.13 -21.56 25.76
C ASP A 124 5.12 -20.42 25.94
N ILE A 125 4.99 -19.37 25.14
CA ILE A 125 5.89 -18.24 25.25
C ILE A 125 5.76 -17.59 26.62
N GLN A 126 4.52 -17.34 27.02
CA GLN A 126 4.26 -16.72 28.31
C GLN A 126 4.83 -17.55 29.46
N LEU A 127 4.68 -18.86 29.39
CA LEU A 127 5.29 -19.72 30.40
C LEU A 127 6.80 -19.59 30.37
N ALA A 128 7.42 -19.77 29.21
CA ALA A 128 8.87 -19.83 29.18
C ALA A 128 9.49 -18.53 29.69
N ARG A 129 8.91 -17.39 29.30
CA ARG A 129 9.33 -16.12 29.86
C ARG A 129 9.12 -16.04 31.36
N ARG A 130 8.00 -16.55 31.87
CA ARG A 130 7.76 -16.49 33.29
C ARG A 130 8.70 -17.39 34.07
N ILE A 131 9.12 -18.51 33.49
CA ILE A 131 10.13 -19.35 34.12
C ILE A 131 11.48 -18.66 34.11
N ARG A 132 11.86 -18.06 32.99
CA ARG A 132 13.19 -17.45 32.95
C ARG A 132 13.23 -16.15 33.74
N GLY A 133 12.11 -15.43 33.82
CA GLY A 133 12.00 -14.33 34.75
C GLY A 133 11.49 -13.03 34.16
N GLU A 134 11.85 -12.76 32.91
CA GLU A 134 11.33 -11.58 32.23
C GLU A 134 9.81 -11.66 32.09
N ASP B 25 3.17 -0.46 9.56
CA ASP B 25 3.97 0.12 10.62
C ASP B 25 5.34 -0.55 10.70
N ASN B 26 6.30 0.16 11.30
CA ASN B 26 7.68 -0.31 11.28
C ASN B 26 7.80 -1.70 11.90
N ILE B 27 7.05 -1.96 12.98
CA ILE B 27 7.09 -3.29 13.59
C ILE B 27 6.57 -4.35 12.63
N GLN B 28 5.67 -3.99 11.72
CA GLN B 28 5.21 -4.91 10.71
C GLN B 28 6.29 -5.25 9.69
N GLY B 29 7.40 -4.52 9.68
CA GLY B 29 8.55 -4.91 8.89
C GLY B 29 9.18 -6.23 9.30
N ILE B 30 8.90 -6.70 10.51
CA ILE B 30 9.30 -8.05 10.91
C ILE B 30 8.24 -9.01 10.35
N THR B 31 8.54 -9.60 9.19
CA THR B 31 7.54 -10.34 8.44
C THR B 31 7.29 -11.71 9.04
N LYS B 32 6.08 -12.20 8.85
CA LYS B 32 5.72 -13.56 9.21
C LYS B 32 6.67 -14.62 8.64
N PRO B 33 7.01 -14.60 7.35
CA PRO B 33 8.06 -15.52 6.87
C PRO B 33 9.37 -15.48 7.66
N ALA B 34 9.89 -14.30 7.96
CA ALA B 34 11.14 -14.23 8.71
C ALA B 34 11.00 -14.87 10.09
N ILE B 35 9.89 -14.58 10.76
CA ILE B 35 9.63 -15.19 12.07
C ILE B 35 9.58 -16.71 11.94
N ARG B 36 8.93 -17.21 10.89
CA ARG B 36 8.92 -18.65 10.66
C ARG B 36 10.33 -19.19 10.45
N ARG B 37 11.14 -18.50 9.65
CA ARG B 37 12.52 -18.95 9.46
C ARG B 37 13.26 -19.03 10.79
N LEU B 38 13.09 -18.02 11.64
CA LEU B 38 13.70 -18.06 12.97
C LEU B 38 13.23 -19.27 13.76
N ALA B 39 11.92 -19.51 13.75
CA ALA B 39 11.38 -20.69 14.44
C ALA B 39 11.95 -21.99 13.88
N ARG B 40 12.18 -22.04 12.56
CA ARG B 40 12.84 -23.21 11.99
C ARG B 40 14.25 -23.36 12.51
N ARG B 41 15.00 -22.26 12.64
CA ARG B 41 16.30 -22.37 13.30
C ARG B 41 16.12 -22.83 14.74
N GLY B 42 15.07 -22.36 15.40
CA GLY B 42 14.68 -22.89 16.69
C GLY B 42 14.17 -24.32 16.68
N GLY B 43 14.17 -24.98 15.53
CA GLY B 43 13.70 -26.35 15.47
C GLY B 43 12.20 -26.52 15.58
N VAL B 44 11.44 -25.44 15.44
CA VAL B 44 10.00 -25.50 15.60
C VAL B 44 9.38 -26.17 14.39
N LYS B 45 8.67 -27.28 14.62
CA LYS B 45 8.03 -28.01 13.54
C LYS B 45 6.74 -27.34 13.06
N ARG B 46 5.97 -26.75 13.96
CA ARG B 46 4.65 -26.24 13.62
C ARG B 46 4.31 -25.05 14.49
N ILE B 47 3.73 -24.02 13.88
CA ILE B 47 3.55 -22.71 14.51
C ILE B 47 2.09 -22.27 14.38
N SER B 48 1.47 -21.96 15.51
CA SER B 48 0.14 -21.38 15.49
C SER B 48 0.20 -19.91 15.11
N GLY B 49 -0.82 -19.47 14.38
CA GLY B 49 -0.78 -18.16 13.76
C GLY B 49 -0.70 -16.97 14.71
N LEU B 50 -1.04 -17.18 15.98
CA LEU B 50 -0.97 -16.07 16.93
C LEU B 50 0.45 -15.67 17.30
N ILE B 51 1.41 -16.58 17.12
CA ILE B 51 2.74 -16.37 17.69
C ILE B 51 3.39 -15.13 17.09
N TYR B 52 3.02 -14.79 15.86
CA TYR B 52 3.65 -13.65 15.21
C TYR B 52 3.41 -12.35 15.97
N GLU B 53 2.30 -12.24 16.69
CA GLU B 53 2.13 -11.04 17.49
C GLU B 53 2.90 -11.13 18.80
N GLU B 54 2.90 -12.30 19.42
CA GLU B 54 3.67 -12.49 20.65
C GLU B 54 5.14 -12.22 20.40
N THR B 55 5.68 -12.77 19.33
CA THR B 55 7.08 -12.57 19.03
C THR B 55 7.37 -11.10 18.79
N ARG B 56 6.50 -10.41 18.06
CA ARG B 56 6.68 -8.97 17.93
C ARG B 56 6.64 -8.27 19.28
N GLY B 57 5.68 -8.62 20.12
CA GLY B 57 5.59 -7.95 21.40
C GLY B 57 6.84 -8.08 22.24
N VAL B 58 7.26 -9.31 22.48
CA VAL B 58 8.42 -9.51 23.32
C VAL B 58 9.66 -8.88 22.69
N LEU B 59 9.76 -8.98 21.36
CA LEU B 59 10.89 -8.33 20.70
C LEU B 59 10.87 -6.84 20.94
N LYS B 60 9.71 -6.22 20.82
CA LYS B 60 9.66 -4.78 21.04
C LYS B 60 10.07 -4.46 22.47
N VAL B 61 9.57 -5.23 23.43
CA VAL B 61 9.98 -5.04 24.81
C VAL B 61 11.48 -5.23 24.95
N PHE B 62 12.03 -6.26 24.30
CA PHE B 62 13.45 -6.48 24.41
C PHE B 62 14.21 -5.27 23.89
N LEU B 63 13.81 -4.76 22.72
CA LEU B 63 14.44 -3.54 22.23
C LEU B 63 14.25 -2.40 23.21
N GLU B 64 13.01 -2.22 23.69
CA GLU B 64 12.73 -1.14 24.63
C GLU B 64 13.58 -1.27 25.88
N ASN B 65 14.01 -2.48 26.22
CA ASN B 65 14.93 -2.60 27.35
C ASN B 65 16.34 -2.16 27.00
N VAL B 66 16.92 -2.72 25.95
CA VAL B 66 18.34 -2.45 25.70
C VAL B 66 18.61 -1.05 25.19
N ILE B 67 17.70 -0.48 24.40
CA ILE B 67 18.10 0.73 23.67
C ILE B 67 18.17 1.92 24.60
N ARG B 68 17.26 2.02 25.57
CA ARG B 68 17.30 3.13 26.51
C ARG B 68 18.62 3.09 27.26
N ASP B 69 19.10 1.88 27.56
CA ASP B 69 20.41 1.76 28.20
C ASP B 69 21.52 2.29 27.31
N ALA B 70 21.59 1.81 26.06
CA ALA B 70 22.64 2.27 25.15
C ALA B 70 22.66 3.78 24.99
N VAL B 71 21.51 4.39 24.73
CA VAL B 71 21.50 5.84 24.58
C VAL B 71 21.89 6.52 25.87
N THR B 72 21.57 5.93 27.02
CA THR B 72 22.01 6.53 28.26
C THR B 72 23.53 6.60 28.33
N TYR B 73 24.21 5.53 27.93
CA TYR B 73 25.66 5.60 27.84
C TYR B 73 26.11 6.73 26.92
N THR B 74 25.45 6.88 25.77
CA THR B 74 25.86 7.95 24.87
C THR B 74 25.63 9.29 25.53
N GLU B 75 24.57 9.41 26.31
CA GLU B 75 24.32 10.69 26.95
C GLU B 75 25.40 10.99 27.97
N HIS B 76 25.83 9.96 28.72
CA HIS B 76 26.97 10.17 29.59
C HIS B 76 28.21 10.51 28.79
N ALA B 77 28.45 9.79 27.69
CA ALA B 77 29.53 10.16 26.78
C ALA B 77 29.31 11.52 26.13
N LYS B 78 28.11 12.08 26.22
CA LYS B 78 27.81 13.41 25.69
C LYS B 78 27.99 13.48 24.18
N ARG B 79 28.18 12.33 23.53
CA ARG B 79 28.16 12.24 22.07
C ARG B 79 26.71 12.14 21.59
N LYS B 80 26.56 12.15 20.26
CA LYS B 80 25.22 12.12 19.68
C LYS B 80 24.98 10.90 18.79
N THR B 81 26.01 10.31 18.21
CA THR B 81 25.89 8.96 17.68
C THR B 81 25.97 7.95 18.81
N VAL B 82 25.26 6.83 18.66
CA VAL B 82 25.59 5.62 19.40
C VAL B 82 26.79 4.95 18.76
N THR B 83 27.40 4.01 19.47
CA THR B 83 28.47 3.18 18.91
C THR B 83 28.24 1.74 19.32
N ALA B 84 28.85 0.84 18.55
CA ALA B 84 28.85 -0.58 18.88
C ALA B 84 29.35 -0.83 20.29
N MET B 85 30.31 -0.03 20.75
CA MET B 85 30.85 -0.22 22.10
C MET B 85 29.79 0.01 23.18
N ASP B 86 29.03 1.11 23.10
CA ASP B 86 28.08 1.38 24.16
C ASP B 86 26.92 0.40 24.16
N VAL B 87 26.49 -0.08 23.00
CA VAL B 87 25.49 -1.15 22.98
C VAL B 87 26.07 -2.44 23.55
N VAL B 88 27.35 -2.72 23.30
CA VAL B 88 27.97 -3.87 23.94
C VAL B 88 27.97 -3.72 25.45
N TYR B 89 28.24 -2.52 25.95
CA TYR B 89 28.12 -2.27 27.39
C TYR B 89 26.69 -2.49 27.88
N ALA B 90 25.70 -2.07 27.09
CA ALA B 90 24.31 -2.32 27.47
C ALA B 90 24.03 -3.82 27.57
N LEU B 91 24.50 -4.60 26.60
CA LEU B 91 24.36 -6.05 26.67
C LEU B 91 25.07 -6.63 27.88
N LYS B 92 26.23 -6.06 28.24
CA LYS B 92 26.91 -6.50 29.46
C LYS B 92 26.08 -6.22 30.70
N ARG B 93 25.44 -5.06 30.76
CA ARG B 93 24.52 -4.80 31.86
C ARG B 93 23.34 -5.75 31.82
N GLN B 94 22.87 -6.09 30.63
CA GLN B 94 21.82 -7.09 30.49
C GLN B 94 22.28 -8.49 30.84
N GLY B 95 23.55 -8.69 31.19
CA GLY B 95 24.03 -10.03 31.49
C GLY B 95 24.03 -10.94 30.28
N ARG B 96 24.21 -10.39 29.08
CA ARG B 96 24.03 -11.11 27.84
C ARG B 96 25.20 -10.78 26.91
N THR B 97 26.42 -11.01 27.42
CA THR B 97 27.63 -10.56 26.76
C THR B 97 27.70 -11.04 25.32
N LEU B 98 27.97 -10.11 24.41
CA LEU B 98 28.12 -10.38 22.99
C LEU B 98 29.57 -10.15 22.60
N TYR B 99 30.22 -11.20 22.10
CA TYR B 99 31.57 -11.08 21.58
C TYR B 99 31.58 -10.64 20.11
N GLY B 100 32.69 -10.03 19.71
CA GLY B 100 33.08 -9.89 18.32
C GLY B 100 33.04 -8.46 17.81
N PHE B 101 32.19 -7.62 18.38
CA PHE B 101 32.12 -6.23 17.97
C PHE B 101 33.11 -5.35 18.72
N GLY B 102 33.39 -5.66 19.97
CA GLY B 102 34.35 -4.91 20.76
C GLY B 102 33.99 -3.43 20.86
N THR C 17 29.05 20.49 59.66
CA THR C 17 28.98 19.10 59.24
C THR C 17 28.35 18.98 57.86
N ARG C 18 29.00 18.21 56.98
CA ARG C 18 28.60 18.22 55.59
C ARG C 18 27.16 17.74 55.42
N SER C 19 26.76 16.72 56.18
CA SER C 19 25.38 16.26 56.12
C SER C 19 24.41 17.38 56.48
N SER C 20 24.75 18.18 57.49
CA SER C 20 23.93 19.34 57.85
C SER C 20 23.94 20.38 56.74
N ARG C 21 25.09 20.61 56.11
CA ARG C 21 25.14 21.55 55.01
C ARG C 21 24.26 21.12 53.85
N ALA C 22 24.25 19.82 53.57
CA ALA C 22 23.38 19.27 52.53
C ALA C 22 21.94 19.15 52.98
N GLY C 23 21.69 19.13 54.28
CA GLY C 23 20.35 18.85 54.78
C GLY C 23 19.96 17.39 54.66
N LEU C 24 20.89 16.47 54.89
CA LEU C 24 20.66 15.05 54.73
C LEU C 24 20.95 14.34 56.04
N GLN C 25 20.30 13.19 56.23
CA GLN C 25 20.48 12.38 57.42
C GLN C 25 21.60 11.37 57.29
N PHE C 26 22.01 11.02 56.07
CA PHE C 26 23.04 10.01 55.88
C PHE C 26 24.44 10.57 56.06
N PRO C 27 25.41 9.69 56.37
CA PRO C 27 26.76 10.14 56.71
C PRO C 27 27.63 10.43 55.49
N VAL C 28 27.66 11.69 55.05
CA VAL C 28 28.46 12.06 53.89
C VAL C 28 29.92 11.70 54.13
N GLY C 29 30.42 11.92 55.34
CA GLY C 29 31.79 11.54 55.65
C GLY C 29 32.03 10.06 55.44
N ARG C 30 31.21 9.22 56.09
CA ARG C 30 31.43 7.78 56.02
C ARG C 30 31.39 7.27 54.59
N VAL C 31 30.44 7.74 53.79
CA VAL C 31 30.35 7.30 52.40
C VAL C 31 31.53 7.80 51.59
N HIS C 32 31.97 9.04 51.80
CA HIS C 32 33.15 9.52 51.10
C HIS C 32 34.38 8.70 51.44
N ARG C 33 34.57 8.40 52.72
CA ARG C 33 35.64 7.51 53.16
C ARG C 33 35.53 6.13 52.52
N LEU C 34 34.31 5.60 52.38
CA LEU C 34 34.16 4.31 51.74
C LEU C 34 34.46 4.37 50.24
N LEU C 35 34.09 5.46 49.58
CA LEU C 35 34.45 5.63 48.18
C LEU C 35 35.96 5.68 48.01
N ARG C 36 36.66 6.37 48.92
CA ARG C 36 38.11 6.35 48.89
C ARG C 36 38.64 4.94 49.11
N LYS C 37 38.29 4.33 50.24
CA LYS C 37 38.85 3.04 50.62
C LYS C 37 38.39 1.93 49.67
N GLY C 38 37.21 2.06 49.09
CA GLY C 38 36.75 1.07 48.13
C GLY C 38 37.48 1.12 46.80
N ASN C 39 38.28 2.15 46.57
CA ASN C 39 39.19 2.19 45.43
C ASN C 39 38.43 2.12 44.10
N TYR C 40 37.23 2.69 44.07
CA TYR C 40 36.43 2.66 42.84
C TYR C 40 37.02 3.59 41.79
N ALA C 41 37.71 4.64 42.20
CA ALA C 41 38.42 5.52 41.27
C ALA C 41 39.54 6.22 42.00
N GLU C 42 40.54 6.66 41.23
CA GLU C 42 41.63 7.44 41.80
C GLU C 42 41.21 8.85 42.18
N ARG C 43 40.06 9.32 41.68
CA ARG C 43 39.54 10.63 42.04
C ARG C 43 38.07 10.51 42.39
N VAL C 44 37.65 11.27 43.41
CA VAL C 44 36.25 11.40 43.76
C VAL C 44 35.89 12.88 43.82
N GLY C 45 34.92 13.28 43.01
CA GLY C 45 34.45 14.65 43.04
C GLY C 45 33.53 14.91 44.22
N ALA C 46 33.61 16.14 44.74
CA ALA C 46 32.95 16.46 45.99
C ALA C 46 31.44 16.29 45.91
N GLY C 47 30.86 16.42 44.71
CA GLY C 47 29.42 16.22 44.59
C GLY C 47 28.99 14.77 44.72
N ALA C 48 29.89 13.84 44.41
CA ALA C 48 29.50 12.43 44.37
C ALA C 48 28.95 11.93 45.69
N PRO C 49 29.63 12.11 46.83
CA PRO C 49 29.13 11.50 48.06
C PRO C 49 27.80 12.06 48.53
N VAL C 50 27.57 13.36 48.39
CA VAL C 50 26.29 13.90 48.84
C VAL C 50 25.15 13.39 47.98
N TYR C 51 25.37 13.30 46.66
CA TYR C 51 24.35 12.75 45.78
C TYR C 51 24.06 11.29 46.12
N LEU C 52 25.11 10.53 46.40
CA LEU C 52 24.93 9.13 46.78
C LEU C 52 24.15 9.02 48.08
N ALA C 53 24.50 9.83 49.08
CA ALA C 53 23.75 9.82 50.33
C ALA C 53 22.30 10.17 50.12
N ALA C 54 22.02 11.13 49.23
CA ALA C 54 20.65 11.52 48.96
C ALA C 54 19.86 10.34 48.41
N VAL C 55 20.41 9.67 47.39
CA VAL C 55 19.67 8.58 46.77
C VAL C 55 19.51 7.41 47.74
N LEU C 56 20.52 7.17 48.58
CA LEU C 56 20.41 6.13 49.60
C LEU C 56 19.29 6.43 50.58
N GLU C 57 19.25 7.67 51.10
CA GLU C 57 18.21 8.01 52.06
C GLU C 57 16.84 7.99 51.43
N TYR C 58 16.74 8.35 50.15
CA TYR C 58 15.46 8.24 49.46
C TYR C 58 15.00 6.79 49.36
N LEU C 59 15.86 5.91 48.87
CA LEU C 59 15.48 4.51 48.74
C LEU C 59 15.09 3.91 50.08
N THR C 60 15.89 4.18 51.11
CA THR C 60 15.56 3.66 52.43
C THR C 60 14.25 4.23 52.95
N ALA C 61 14.01 5.53 52.72
CA ALA C 61 12.73 6.11 53.11
C ALA C 61 11.57 5.38 52.45
N GLU C 62 11.69 5.07 51.16
CA GLU C 62 10.62 4.38 50.44
C GLU C 62 10.36 2.98 51.02
N ILE C 63 11.42 2.21 51.22
CA ILE C 63 11.23 0.86 51.74
C ILE C 63 10.73 0.87 53.18
N LEU C 64 11.22 1.78 54.01
CA LEU C 64 10.69 1.90 55.37
C LEU C 64 9.23 2.33 55.36
N GLU C 65 8.86 3.24 54.47
CA GLU C 65 7.46 3.63 54.34
C GLU C 65 6.58 2.42 54.06
N LEU C 66 6.94 1.64 53.04
CA LEU C 66 6.12 0.48 52.70
C LEU C 66 6.09 -0.54 53.83
N ALA C 67 7.24 -0.82 54.46
CA ALA C 67 7.26 -1.74 55.58
C ALA C 67 6.39 -1.26 56.72
N GLY C 68 6.44 0.04 57.02
CA GLY C 68 5.58 0.61 58.04
C GLY C 68 4.11 0.39 57.75
N ASN C 69 3.70 0.69 56.52
CA ASN C 69 2.31 0.44 56.13
C ASN C 69 1.93 -1.03 56.28
N ALA C 70 2.82 -1.93 55.86
CA ALA C 70 2.55 -3.35 56.03
C ALA C 70 2.37 -3.73 57.49
N ALA C 71 3.23 -3.19 58.37
CA ALA C 71 3.12 -3.46 59.79
C ALA C 71 1.82 -2.92 60.37
N ARG C 72 1.43 -1.71 59.95
CA ARG C 72 0.15 -1.15 60.39
C ARG C 72 -1.01 -2.02 59.95
N ASP C 73 -0.98 -2.53 58.72
CA ASP C 73 -2.06 -3.41 58.28
C ASP C 73 -2.13 -4.66 59.13
N ASN C 74 -0.99 -5.23 59.50
CA ASN C 74 -0.94 -6.34 60.43
C ASN C 74 -1.14 -5.90 61.89
N LYS C 75 -1.31 -4.60 62.12
CA LYS C 75 -1.57 -4.07 63.46
C LYS C 75 -0.49 -4.47 64.45
N LYS C 76 0.76 -4.36 64.01
CA LYS C 76 1.93 -4.58 64.85
C LYS C 76 2.85 -3.38 64.73
N THR C 77 3.47 -2.99 65.84
CA THR C 77 4.22 -1.74 65.87
C THR C 77 5.72 -1.91 65.64
N ARG C 78 6.25 -3.12 65.75
CA ARG C 78 7.64 -3.40 65.40
C ARG C 78 7.71 -4.13 64.07
N ILE C 79 8.52 -3.61 63.16
CA ILE C 79 8.65 -4.17 61.82
C ILE C 79 9.55 -5.40 61.87
N ILE C 80 9.17 -6.44 61.14
CA ILE C 80 9.91 -7.69 61.11
C ILE C 80 10.03 -8.18 59.68
N PRO C 81 10.97 -9.09 59.42
CA PRO C 81 11.29 -9.43 58.03
C PRO C 81 10.10 -9.84 57.18
N ARG C 82 9.10 -10.48 57.76
CA ARG C 82 7.87 -10.74 57.03
C ARG C 82 7.32 -9.47 56.39
N HIS C 83 7.28 -8.39 57.18
CA HIS C 83 6.80 -7.12 56.66
C HIS C 83 7.66 -6.61 55.53
N LEU C 84 8.98 -6.83 55.62
CA LEU C 84 9.87 -6.41 54.55
C LEU C 84 9.60 -7.18 53.26
N GLN C 85 9.47 -8.50 53.36
CA GLN C 85 9.20 -9.29 52.16
C GLN C 85 7.87 -8.92 51.54
N LEU C 86 6.85 -8.69 52.38
CA LEU C 86 5.57 -8.22 51.87
C LEU C 86 5.72 -6.90 51.14
N ALA C 87 6.34 -5.91 51.78
CA ALA C 87 6.47 -4.60 51.16
C ALA C 87 7.23 -4.69 49.84
N VAL C 88 8.38 -5.39 49.86
CA VAL C 88 9.25 -5.37 48.70
C VAL C 88 8.66 -6.14 47.53
N ARG C 89 7.86 -7.17 47.79
CA ARG C 89 7.26 -7.90 46.68
C ARG C 89 5.94 -7.31 46.23
N ASN C 90 5.25 -6.59 47.10
CA ASN C 90 3.99 -5.93 46.75
C ASN C 90 4.17 -4.67 45.92
N ASP C 91 5.39 -4.18 45.74
CA ASP C 91 5.68 -3.11 44.80
C ASP C 91 6.54 -3.63 43.65
N GLU C 92 6.05 -3.44 42.43
CA GLU C 92 6.70 -4.01 41.26
C GLU C 92 8.05 -3.37 40.97
N GLU C 93 8.24 -2.09 41.31
CA GLU C 93 9.55 -1.48 41.13
C GLU C 93 10.56 -2.01 42.13
N LEU C 94 10.17 -2.14 43.39
CA LEU C 94 11.05 -2.75 44.38
C LEU C 94 11.38 -4.19 43.99
N ASN C 95 10.36 -4.96 43.60
CA ASN C 95 10.59 -6.34 43.21
C ASN C 95 11.55 -6.42 42.02
N LYS C 96 11.37 -5.54 41.03
CA LYS C 96 12.27 -5.53 39.89
C LYS C 96 13.70 -5.20 40.32
N LEU C 97 13.85 -4.22 41.22
CA LEU C 97 15.19 -3.89 41.71
C LEU C 97 15.80 -5.06 42.46
N LEU C 98 14.97 -5.88 43.12
CA LEU C 98 15.43 -6.86 44.09
C LEU C 98 14.95 -8.26 43.72
N GLY C 99 14.81 -8.53 42.42
CA GLY C 99 14.24 -9.80 41.98
C GLY C 99 15.04 -10.99 42.44
N ARG C 100 16.37 -10.88 42.45
CA ARG C 100 17.24 -11.98 42.83
C ARG C 100 17.81 -11.81 44.23
N VAL C 101 17.33 -10.84 44.99
CA VAL C 101 17.61 -10.77 46.42
C VAL C 101 16.63 -11.67 47.15
N THR C 102 17.10 -12.31 48.21
CA THR C 102 16.24 -12.98 49.18
C THR C 102 16.63 -12.59 50.59
N ILE C 103 15.65 -12.61 51.49
CA ILE C 103 15.80 -12.10 52.84
C ILE C 103 15.37 -13.16 53.84
N ALA C 104 16.15 -13.31 54.90
CA ALA C 104 15.86 -14.30 55.93
C ALA C 104 14.47 -14.10 56.51
N GLN C 105 13.77 -15.21 56.72
CA GLN C 105 12.37 -15.22 57.16
C GLN C 105 11.45 -14.43 56.24
N GLY C 106 11.89 -14.11 55.03
CA GLY C 106 11.00 -13.53 54.04
C GLY C 106 10.17 -14.62 53.38
N GLY C 107 9.24 -15.19 54.14
CA GLY C 107 8.31 -16.14 53.56
C GLY C 107 7.56 -15.55 52.39
N VAL C 108 7.36 -16.36 51.35
CA VAL C 108 6.87 -15.86 50.09
C VAL C 108 5.47 -15.27 50.25
N LEU C 109 5.07 -14.48 49.25
CA LEU C 109 3.71 -13.95 49.22
C LEU C 109 2.71 -15.09 49.18
N PRO C 110 1.67 -15.06 50.01
CA PRO C 110 0.56 -16.01 49.83
C PRO C 110 -0.06 -15.89 48.45
N ASN C 111 -0.17 -17.02 47.76
CA ASN C 111 -0.88 -17.07 46.48
C ASN C 111 -1.32 -18.50 46.23
N ILE C 112 -2.37 -18.64 45.42
CA ILE C 112 -2.80 -19.94 44.90
C ILE C 112 -3.16 -19.78 43.44
N GLN C 113 -2.72 -20.71 42.61
CA GLN C 113 -3.21 -20.80 41.25
C GLN C 113 -4.67 -21.21 41.25
N SER C 114 -5.53 -20.33 40.71
CA SER C 114 -6.97 -20.50 40.87
C SER C 114 -7.45 -21.84 40.32
N VAL C 115 -6.75 -22.38 39.33
CA VAL C 115 -7.05 -23.72 38.83
C VAL C 115 -7.05 -24.74 39.96
N LEU C 116 -6.23 -24.51 40.99
CA LEU C 116 -6.18 -25.45 42.10
C LEU C 116 -7.41 -25.35 42.99
N LEU C 117 -8.13 -24.24 42.94
CA LEU C 117 -9.26 -24.06 43.83
C LEU C 117 -10.44 -24.90 43.35
N PRO C 118 -11.28 -25.39 44.28
CA PRO C 118 -12.41 -26.24 43.90
C PRO C 118 -13.50 -25.45 43.16
N THR D 30 38.98 -2.72 68.87
CA THR D 30 38.02 -3.32 67.97
C THR D 30 36.67 -2.60 68.02
N ARG D 31 36.05 -2.45 66.87
CA ARG D 31 34.87 -1.60 66.74
C ARG D 31 34.04 -2.06 65.56
N LYS D 32 32.75 -1.78 65.61
CA LYS D 32 31.84 -2.07 64.51
C LYS D 32 31.66 -0.82 63.65
N GLU D 33 31.06 -1.02 62.47
CA GLU D 33 30.57 0.09 61.66
C GLU D 33 29.28 -0.33 60.97
N SER D 34 28.31 0.57 60.92
CA SER D 34 27.00 0.25 60.37
C SER D 34 26.25 1.57 60.13
N TYR D 35 25.15 1.46 59.42
CA TYR D 35 24.24 2.57 59.15
C TYR D 35 23.09 2.64 60.14
N ALA D 36 23.11 1.79 61.18
CA ALA D 36 21.90 1.51 61.94
C ALA D 36 21.27 2.78 62.51
N ILE D 37 22.08 3.69 63.04
CA ILE D 37 21.52 4.91 63.60
C ILE D 37 20.84 5.76 62.54
N TYR D 38 21.39 5.77 61.33
CA TYR D 38 20.78 6.57 60.27
C TYR D 38 19.49 5.93 59.79
N VAL D 39 19.46 4.61 59.72
CA VAL D 39 18.22 3.89 59.43
C VAL D 39 17.17 4.23 60.46
N TYR D 40 17.54 4.21 61.74
CA TYR D 40 16.59 4.55 62.80
C TYR D 40 16.10 5.98 62.66
N LYS D 41 17.01 6.93 62.48
CA LYS D 41 16.61 8.33 62.33
C LYS D 41 15.62 8.50 61.17
N VAL D 42 15.96 7.97 60.00
CA VAL D 42 15.06 8.15 58.86
C VAL D 42 13.74 7.45 59.10
N LEU D 43 13.75 6.30 59.78
CA LEU D 43 12.50 5.65 60.14
C LEU D 43 11.65 6.58 60.99
N LYS D 44 12.24 7.18 62.02
CA LYS D 44 11.49 8.09 62.87
C LYS D 44 10.96 9.28 62.08
N GLN D 45 11.68 9.72 61.06
CA GLN D 45 11.17 10.81 60.22
C GLN D 45 9.99 10.36 59.39
N VAL D 46 10.06 9.18 58.77
CA VAL D 46 8.92 8.70 57.99
C VAL D 46 7.79 8.24 58.91
N HIS D 47 8.12 7.64 60.05
CA HIS D 47 7.13 7.14 60.99
C HIS D 47 7.64 7.31 62.42
N PRO D 48 7.11 8.26 63.20
CA PRO D 48 7.68 8.51 64.52
C PRO D 48 7.35 7.45 65.55
N ASP D 49 6.32 6.63 65.33
CA ASP D 49 5.86 5.68 66.33
C ASP D 49 6.56 4.32 66.24
N THR D 50 6.69 3.79 65.03
CA THR D 50 7.12 2.40 64.85
C THR D 50 8.61 2.23 65.16
N GLY D 51 9.00 0.96 65.26
CA GLY D 51 10.39 0.55 65.37
C GLY D 51 10.57 -0.79 64.69
N ILE D 52 11.79 -1.32 64.77
CA ILE D 52 12.15 -2.51 64.01
C ILE D 52 12.97 -3.48 64.86
N SER D 53 12.92 -4.75 64.46
CA SER D 53 13.78 -5.77 65.03
C SER D 53 15.23 -5.56 64.60
N SER D 54 16.14 -6.02 65.46
CA SER D 54 17.56 -6.07 65.09
C SER D 54 17.78 -6.86 63.82
N LYS D 55 16.97 -7.89 63.57
CA LYS D 55 17.03 -8.60 62.30
C LYS D 55 16.70 -7.67 61.14
N ALA D 56 15.62 -6.89 61.28
CA ALA D 56 15.28 -5.92 60.26
C ALA D 56 16.38 -4.88 60.08
N MET D 57 16.98 -4.41 61.17
CA MET D 57 18.10 -3.48 61.05
C MET D 57 19.27 -4.09 60.28
N SER D 58 19.61 -5.34 60.57
CA SER D 58 20.65 -6.02 59.81
C SER D 58 20.30 -6.14 58.33
N ILE D 59 19.05 -6.47 58.03
CA ILE D 59 18.62 -6.57 56.63
C ILE D 59 18.72 -5.22 55.94
N MET D 60 18.32 -4.15 56.62
CA MET D 60 18.49 -2.81 56.06
C MET D 60 19.97 -2.49 55.79
N ASN D 61 20.83 -2.77 56.76
CA ASN D 61 22.25 -2.53 56.55
C ASN D 61 22.78 -3.32 55.35
N SER D 62 22.29 -4.54 55.17
CA SER D 62 22.67 -5.34 54.01
C SER D 62 22.21 -4.69 52.73
N PHE D 63 20.95 -4.27 52.69
CA PHE D 63 20.40 -3.62 51.50
C PHE D 63 21.18 -2.37 51.13
N VAL D 64 21.48 -1.54 52.13
CA VAL D 64 22.24 -0.32 51.89
C VAL D 64 23.63 -0.64 51.36
N ASN D 65 24.31 -1.63 51.94
CA ASN D 65 25.62 -2.00 51.43
C ASN D 65 25.54 -2.53 50.01
N ASP D 66 24.52 -3.32 49.70
CA ASP D 66 24.39 -3.85 48.35
C ASP D 66 24.19 -2.72 47.35
N VAL D 67 23.23 -1.83 47.62
CA VAL D 67 22.92 -0.79 46.65
C VAL D 67 24.10 0.15 46.48
N PHE D 68 24.81 0.44 47.58
CA PHE D 68 26.04 1.22 47.48
C PHE D 68 27.06 0.54 46.58
N GLU D 69 27.27 -0.76 46.76
CA GLU D 69 28.27 -1.43 45.94
C GLU D 69 27.87 -1.46 44.49
N ARG D 70 26.58 -1.67 44.22
CA ARG D 70 26.10 -1.70 42.84
C ARG D 70 26.35 -0.36 42.15
N ILE D 71 25.95 0.73 42.81
CA ILE D 71 26.07 2.04 42.17
C ILE D 71 27.54 2.42 42.02
N ALA D 72 28.37 2.12 43.02
CA ALA D 72 29.79 2.43 42.88
C ALA D 72 30.43 1.65 41.75
N GLY D 73 30.12 0.36 41.65
CA GLY D 73 30.65 -0.44 40.56
C GLY D 73 30.27 0.12 39.20
N GLU D 74 28.98 0.40 39.00
CA GLU D 74 28.56 0.94 37.73
C GLU D 74 29.23 2.28 37.45
N ALA D 75 29.32 3.16 38.45
CA ALA D 75 29.99 4.43 38.24
C ALA D 75 31.43 4.24 37.81
N SER D 76 32.13 3.27 38.41
CA SER D 76 33.49 3.00 37.98
C SER D 76 33.56 2.48 36.56
N ARG D 77 32.57 1.68 36.15
CA ARG D 77 32.52 1.26 34.76
C ARG D 77 32.39 2.46 33.84
N LEU D 78 31.46 3.36 34.15
CA LEU D 78 31.33 4.58 33.36
C LEU D 78 32.65 5.33 33.29
N ALA D 79 33.31 5.48 34.44
CA ALA D 79 34.56 6.23 34.50
C ALA D 79 35.60 5.64 33.55
N HIS D 80 35.80 4.33 33.62
CA HIS D 80 36.76 3.69 32.74
C HIS D 80 36.35 3.80 31.27
N TYR D 81 35.06 3.60 30.98
CA TYR D 81 34.57 3.67 29.61
C TYR D 81 34.86 5.01 28.95
N ASN D 82 34.89 6.10 29.71
CA ASN D 82 35.20 7.41 29.17
C ASN D 82 36.63 7.86 29.49
N LYS D 83 37.49 6.93 29.89
CA LYS D 83 38.88 7.23 30.21
C LYS D 83 39.01 8.32 31.28
N ARG D 84 37.99 8.50 32.10
CA ARG D 84 38.02 9.51 33.13
C ARG D 84 38.81 9.02 34.33
N SER D 85 39.43 9.97 35.03
CA SER D 85 40.07 9.66 36.30
C SER D 85 39.11 9.75 37.48
N THR D 86 37.96 10.41 37.31
CA THR D 86 37.21 10.95 38.43
C THR D 86 35.77 10.47 38.39
N ILE D 87 35.18 10.38 39.57
CA ILE D 87 33.75 10.13 39.75
C ILE D 87 33.12 11.42 40.27
N THR D 88 32.07 11.89 39.58
CA THR D 88 31.42 13.13 39.96
C THR D 88 29.91 12.93 39.96
N SER D 89 29.19 14.03 40.21
CA SER D 89 27.74 14.02 40.14
C SER D 89 27.21 13.40 38.85
N ARG D 90 27.81 13.74 37.71
CA ARG D 90 27.27 13.26 36.44
C ARG D 90 27.42 11.75 36.31
N GLU D 91 28.53 11.20 36.80
CA GLU D 91 28.72 9.75 36.79
C GLU D 91 27.68 9.05 37.61
N ILE D 92 27.53 9.43 38.89
CA ILE D 92 26.58 8.75 39.75
C ILE D 92 25.16 8.95 39.21
N GLN D 93 24.86 10.15 38.74
CA GLN D 93 23.54 10.43 38.19
C GLN D 93 23.19 9.51 37.04
N THR D 94 24.18 9.17 36.22
CA THR D 94 23.88 8.25 35.12
C THR D 94 23.89 6.81 35.56
N ALA D 95 24.80 6.42 36.45
CA ALA D 95 24.77 5.04 36.94
C ALA D 95 23.44 4.75 37.63
N VAL D 96 22.92 5.71 38.39
CA VAL D 96 21.64 5.51 39.04
C VAL D 96 20.51 5.52 38.02
N ARG D 97 20.61 6.38 37.00
CA ARG D 97 19.59 6.35 35.95
C ARG D 97 19.54 4.99 35.26
N LEU D 98 20.68 4.31 35.17
CA LEU D 98 20.70 2.96 34.61
C LEU D 98 20.17 1.92 35.59
N LEU D 99 20.58 1.98 36.85
CA LEU D 99 20.22 0.94 37.80
C LEU D 99 18.76 1.01 38.22
N LEU D 100 18.25 2.16 38.42
CA LEU D 100 16.90 2.26 38.94
C LEU D 100 15.87 2.20 37.80
N PRO D 101 14.70 1.64 38.09
CA PRO D 101 13.57 1.78 37.16
C PRO D 101 13.01 3.19 37.16
N GLY D 102 12.21 3.47 36.12
CA GLY D 102 12.04 4.85 35.67
C GLY D 102 11.55 5.78 36.74
N GLU D 103 10.48 5.42 37.44
CA GLU D 103 9.91 6.35 38.41
C GLU D 103 10.84 6.53 39.61
N LEU D 104 11.43 5.43 40.09
CA LEU D 104 12.44 5.54 41.12
C LEU D 104 13.60 6.38 40.65
N ALA D 105 14.07 6.16 39.42
CA ALA D 105 15.19 6.96 38.92
C ALA D 105 14.85 8.44 38.85
N LYS D 106 13.65 8.78 38.38
CA LYS D 106 13.20 10.17 38.32
C LYS D 106 13.18 10.81 39.71
N HIS D 107 12.65 10.12 40.70
CA HIS D 107 12.64 10.69 42.03
C HIS D 107 14.05 10.79 42.60
N ALA D 108 14.85 9.74 42.43
CA ALA D 108 16.21 9.75 42.94
C ALA D 108 17.01 10.91 42.36
N VAL D 109 16.92 11.11 41.04
CA VAL D 109 17.63 12.22 40.41
C VAL D 109 17.11 13.56 40.91
N SER D 110 15.81 13.68 41.18
CA SER D 110 15.32 14.92 41.78
C SER D 110 15.94 15.14 43.15
N GLU D 111 15.94 14.10 43.98
CA GLU D 111 16.51 14.19 45.32
C GLU D 111 17.98 14.59 45.26
N GLY D 112 18.76 13.91 44.42
CA GLY D 112 20.16 14.24 44.29
C GLY D 112 20.41 15.63 43.76
N THR D 113 19.60 16.08 42.81
CA THR D 113 19.78 17.42 42.27
C THR D 113 19.54 18.48 43.32
N LYS D 114 18.41 18.37 44.03
CA LYS D 114 18.13 19.37 45.07
C LYS D 114 19.15 19.29 46.20
N ALA D 115 19.61 18.08 46.53
CA ALA D 115 20.64 17.92 47.55
C ALA D 115 21.93 18.62 47.14
N VAL D 116 22.39 18.38 45.92
CA VAL D 116 23.63 18.98 45.45
C VAL D 116 23.51 20.50 45.41
N THR D 117 22.38 21.00 44.88
CA THR D 117 22.21 22.45 44.79
C THR D 117 22.16 23.10 46.17
N LYS D 118 21.51 22.45 47.14
CA LYS D 118 21.59 22.93 48.52
C LYS D 118 23.02 22.92 49.04
N TYR D 119 23.71 21.79 48.87
CA TYR D 119 25.07 21.66 49.40
C TYR D 119 25.99 22.74 48.85
N THR D 120 25.94 22.98 47.54
CA THR D 120 26.78 24.02 46.97
C THR D 120 26.31 25.41 47.36
N SER D 121 25.01 25.60 47.53
CA SER D 121 24.48 26.91 47.89
C SER D 121 25.03 27.34 49.26
N LYS E 38 -19.37 -41.86 62.40
CA LYS E 38 -18.59 -41.65 61.20
C LYS E 38 -17.30 -40.90 61.53
N PRO E 39 -16.24 -41.12 60.73
CA PRO E 39 -14.94 -40.52 61.05
C PRO E 39 -14.84 -39.04 60.70
N HIS E 40 -15.84 -38.46 60.04
CA HIS E 40 -15.79 -37.07 59.62
C HIS E 40 -14.57 -36.79 58.75
N ARG E 41 -14.06 -37.82 58.08
CA ARG E 41 -12.92 -37.66 57.19
C ARG E 41 -13.21 -36.57 56.16
N TYR E 42 -12.26 -35.63 56.03
CA TYR E 42 -12.32 -34.69 54.93
C TYR E 42 -12.01 -35.39 53.62
N ARG E 43 -12.70 -34.98 52.56
CA ARG E 43 -12.35 -35.47 51.24
C ARG E 43 -11.02 -34.89 50.76
N PRO E 44 -10.30 -35.62 49.91
CA PRO E 44 -8.96 -35.21 49.50
C PRO E 44 -8.88 -33.76 49.02
N GLY E 45 -7.75 -33.13 49.33
CA GLY E 45 -7.39 -31.80 48.87
C GLY E 45 -7.79 -30.66 49.80
N THR E 46 -8.88 -30.79 50.55
CA THR E 46 -9.25 -29.74 51.49
C THR E 46 -8.13 -29.53 52.50
N VAL E 47 -7.61 -30.63 53.05
CA VAL E 47 -6.51 -30.54 54.00
C VAL E 47 -5.28 -29.96 53.34
N ALA E 48 -4.98 -30.41 52.12
CA ALA E 48 -3.83 -29.84 51.41
C ALA E 48 -3.95 -28.33 51.25
N LEU E 49 -5.15 -27.83 50.92
CA LEU E 49 -5.33 -26.39 50.80
C LEU E 49 -5.21 -25.67 52.14
N ARG E 50 -5.63 -26.32 53.23
CA ARG E 50 -5.36 -25.75 54.55
C ARG E 50 -3.87 -25.70 54.83
N GLU E 51 -3.14 -26.77 54.48
CA GLU E 51 -1.70 -26.76 54.67
C GLU E 51 -1.04 -25.63 53.88
N ILE E 52 -1.46 -25.47 52.63
CA ILE E 52 -0.91 -24.42 51.78
C ILE E 52 -1.11 -23.06 52.44
N ARG E 53 -2.33 -22.78 52.87
CA ARG E 53 -2.61 -21.51 53.55
C ARG E 53 -1.78 -21.35 54.82
N ARG E 54 -1.70 -22.41 55.63
CA ARG E 54 -0.92 -22.35 56.86
C ARG E 54 0.55 -22.02 56.58
N TYR E 55 1.18 -22.77 55.68
CA TYR E 55 2.60 -22.59 55.44
C TYR E 55 2.94 -21.38 54.60
N GLN E 56 2.00 -20.84 53.82
CA GLN E 56 2.24 -19.53 53.25
C GLN E 56 2.06 -18.42 54.28
N LYS E 57 1.24 -18.65 55.30
CA LYS E 57 1.21 -17.71 56.42
C LYS E 57 2.49 -17.78 57.23
N SER E 58 3.03 -18.97 57.44
CA SER E 58 4.26 -19.12 58.22
C SER E 58 5.45 -18.50 57.50
N THR E 59 6.46 -18.15 58.30
CA THR E 59 7.80 -17.83 57.81
C THR E 59 8.88 -18.76 58.34
N GLU E 60 8.62 -19.49 59.42
CA GLU E 60 9.64 -20.31 60.05
C GLU E 60 10.24 -21.32 59.08
N LEU E 61 11.44 -21.79 59.42
CA LEU E 61 12.09 -22.85 58.67
C LEU E 61 11.29 -24.14 58.76
N LEU E 62 11.10 -24.79 57.62
CA LEU E 62 10.20 -25.94 57.50
C LEU E 62 10.93 -27.27 57.66
N ILE E 63 12.22 -27.26 57.97
CA ILE E 63 13.06 -28.45 57.91
C ILE E 63 13.82 -28.58 59.22
N ARG E 64 14.04 -29.83 59.64
CA ARG E 64 14.69 -30.08 60.91
C ARG E 64 16.14 -29.60 60.90
N LYS E 65 16.56 -29.01 62.02
CA LYS E 65 17.88 -28.39 62.11
C LYS E 65 18.98 -29.43 62.10
N LEU E 66 18.96 -30.34 63.07
CA LEU E 66 20.03 -31.31 63.22
C LEU E 66 20.27 -32.13 61.97
N PRO E 67 19.26 -32.68 61.31
CA PRO E 67 19.53 -33.42 60.07
C PRO E 67 20.25 -32.59 59.03
N PHE E 68 19.87 -31.32 58.88
CA PHE E 68 20.49 -30.46 57.89
C PHE E 68 21.95 -30.16 58.25
N GLN E 69 22.21 -29.74 59.47
CA GLN E 69 23.57 -29.41 59.86
C GLN E 69 24.45 -30.64 59.99
N ARG E 70 23.85 -31.82 60.18
CA ARG E 70 24.56 -33.08 60.02
C ARG E 70 24.97 -33.30 58.57
N LEU E 71 24.02 -33.16 57.65
CA LEU E 71 24.30 -33.44 56.24
C LEU E 71 25.37 -32.50 55.71
N VAL E 72 25.21 -31.20 55.95
CA VAL E 72 26.06 -30.23 55.27
C VAL E 72 27.54 -30.48 55.55
N ARG E 73 27.88 -30.83 56.80
CA ARG E 73 29.27 -31.12 57.10
C ARG E 73 29.76 -32.43 56.48
N GLU E 74 28.86 -33.41 56.30
CA GLU E 74 29.26 -34.59 55.53
C GLU E 74 29.43 -34.30 54.05
N ILE E 75 28.79 -33.25 53.54
CA ILE E 75 29.13 -32.76 52.21
C ILE E 75 30.50 -32.10 52.23
N ALA E 76 30.73 -31.22 53.19
CA ALA E 76 32.00 -30.50 53.26
C ALA E 76 33.17 -31.47 53.36
N GLN E 77 32.98 -32.58 54.08
CA GLN E 77 34.02 -33.58 54.21
C GLN E 77 34.58 -34.03 52.88
N ASP E 78 33.78 -34.02 51.82
CA ASP E 78 34.29 -34.41 50.51
C ASP E 78 35.24 -33.37 49.93
N PHE E 79 35.12 -32.11 50.32
CA PHE E 79 36.12 -31.12 49.91
C PHE E 79 37.33 -31.14 50.85
N LYS E 80 37.08 -31.05 52.15
CA LYS E 80 38.15 -30.86 53.11
C LYS E 80 37.68 -31.41 54.46
N THR E 81 38.59 -32.06 55.16
CA THR E 81 38.27 -32.62 56.47
C THR E 81 38.33 -31.56 57.57
N ASP E 82 37.61 -31.85 58.65
CA ASP E 82 37.76 -31.22 59.96
C ASP E 82 37.31 -29.77 60.00
N LEU E 83 36.60 -29.28 59.00
CA LEU E 83 36.11 -27.91 59.06
C LEU E 83 35.23 -27.71 60.28
N ARG E 84 35.44 -26.60 60.97
CA ARG E 84 34.47 -26.11 61.94
C ARG E 84 33.52 -25.13 61.25
N PHE E 85 32.34 -24.97 61.84
CA PHE E 85 31.30 -24.13 61.26
C PHE E 85 30.80 -23.15 62.30
N GLN E 86 30.69 -21.88 61.92
CA GLN E 86 29.77 -20.98 62.59
C GLN E 86 28.34 -21.47 62.40
N SER E 87 27.59 -21.53 63.50
CA SER E 87 26.18 -21.88 63.41
C SER E 87 25.42 -20.94 62.49
N SER E 88 25.77 -19.64 62.53
CA SER E 88 25.13 -18.69 61.62
C SER E 88 25.36 -19.05 60.16
N ALA E 89 26.53 -19.61 59.83
CA ALA E 89 26.74 -20.07 58.47
C ALA E 89 25.79 -21.19 58.10
N VAL E 90 25.59 -22.14 59.01
CA VAL E 90 24.63 -23.22 58.76
C VAL E 90 23.23 -22.66 58.58
N MET E 91 22.85 -21.67 59.39
CA MET E 91 21.54 -21.06 59.23
C MET E 91 21.42 -20.34 57.89
N ALA E 92 22.49 -19.68 57.45
CA ALA E 92 22.49 -19.05 56.13
C ALA E 92 22.27 -20.07 55.03
N LEU E 93 22.97 -21.20 55.09
CA LEU E 93 22.76 -22.25 54.10
C LEU E 93 21.35 -22.80 54.16
N GLN E 94 20.84 -23.02 55.37
CA GLN E 94 19.48 -23.52 55.55
C GLN E 94 18.47 -22.60 54.90
N GLU E 95 18.58 -21.30 55.17
CA GLU E 95 17.67 -20.33 54.57
C GLU E 95 17.80 -20.29 53.05
N ALA E 96 19.03 -20.22 52.54
CA ALA E 96 19.23 -20.13 51.10
C ALA E 96 18.66 -21.35 50.39
N SER E 97 18.92 -22.53 50.92
CA SER E 97 18.44 -23.76 50.31
C SER E 97 16.92 -23.87 50.38
N GLU E 98 16.33 -23.54 51.53
CA GLU E 98 14.87 -23.52 51.62
C GLU E 98 14.25 -22.58 50.60
N ALA E 99 14.76 -21.34 50.51
CA ALA E 99 14.24 -20.40 49.53
C ALA E 99 14.40 -20.91 48.10
N TYR E 100 15.54 -21.50 47.79
CA TYR E 100 15.77 -22.03 46.45
C TYR E 100 14.81 -23.15 46.12
N LEU E 101 14.61 -24.08 47.06
CA LEU E 101 13.68 -25.17 46.84
C LEU E 101 12.26 -24.66 46.62
N VAL E 102 11.80 -23.75 47.49
CA VAL E 102 10.42 -23.30 47.34
C VAL E 102 10.25 -22.51 46.05
N ALA E 103 11.27 -21.79 45.61
CA ALA E 103 11.21 -21.11 44.32
C ALA E 103 11.10 -22.11 43.17
N LEU E 104 11.91 -23.18 43.21
CA LEU E 104 11.81 -24.22 42.18
C LEU E 104 10.45 -24.91 42.18
N PHE E 105 9.88 -25.16 43.36
CA PHE E 105 8.53 -25.70 43.41
C PHE E 105 7.51 -24.73 42.84
N GLU E 106 7.61 -23.45 43.20
CA GLU E 106 6.65 -22.49 42.66
C GLU E 106 6.72 -22.40 41.15
N ASP E 107 7.93 -22.45 40.59
CA ASP E 107 8.07 -22.55 39.14
C ASP E 107 7.46 -23.83 38.57
N THR E 108 7.79 -24.99 39.15
CA THR E 108 7.30 -26.25 38.58
C THR E 108 5.79 -26.37 38.69
N ASN E 109 5.17 -25.68 39.64
CA ASN E 109 3.72 -25.67 39.71
C ASN E 109 3.13 -25.12 38.42
N LEU E 110 3.72 -24.05 37.90
CA LEU E 110 3.27 -23.52 36.61
C LEU E 110 3.42 -24.56 35.51
N CYS E 111 4.51 -25.32 35.52
CA CYS E 111 4.71 -26.35 34.51
C CYS E 111 3.63 -27.41 34.57
N ALA E 112 3.31 -27.87 35.78
CA ALA E 112 2.22 -28.83 35.95
C ALA E 112 0.88 -28.26 35.49
N ILE E 113 0.61 -27.00 35.84
CA ILE E 113 -0.57 -26.32 35.33
C ILE E 113 -0.59 -26.35 33.80
N HIS E 114 0.56 -26.12 33.18
CA HIS E 114 0.62 -26.12 31.72
C HIS E 114 0.32 -27.49 31.15
N ALA E 115 0.79 -28.54 31.81
CA ALA E 115 0.35 -29.88 31.42
C ALA E 115 -1.10 -30.15 31.82
N LYS E 116 -1.79 -29.13 32.33
CA LYS E 116 -3.20 -29.20 32.72
C LYS E 116 -3.47 -30.41 33.61
N ARG E 117 -2.52 -30.69 34.50
CA ARG E 117 -2.69 -31.71 35.52
C ARG E 117 -2.17 -31.15 36.83
N VAL E 118 -2.77 -31.59 37.93
CA VAL E 118 -2.40 -31.05 39.23
C VAL E 118 -1.22 -31.80 39.87
N THR E 119 -1.01 -33.07 39.53
CA THR E 119 0.13 -33.80 40.06
C THR E 119 1.40 -33.40 39.32
N ILE E 120 2.39 -32.93 40.06
CA ILE E 120 3.71 -32.65 39.49
C ILE E 120 4.48 -33.96 39.33
N MET E 121 5.39 -33.99 38.38
CA MET E 121 6.16 -35.18 38.07
C MET E 121 7.61 -34.79 37.84
N PRO E 122 8.54 -35.73 38.04
CA PRO E 122 9.96 -35.38 37.95
C PRO E 122 10.33 -34.71 36.64
N LYS E 123 9.75 -35.18 35.53
CA LYS E 123 9.97 -34.55 34.24
C LYS E 123 9.62 -33.06 34.26
N ASP E 124 8.67 -32.67 35.10
CA ASP E 124 8.31 -31.26 35.21
C ASP E 124 9.45 -30.43 35.79
N ILE E 125 10.01 -30.87 36.91
CA ILE E 125 11.13 -30.12 37.50
C ILE E 125 12.38 -30.23 36.65
N GLN E 126 12.56 -31.36 35.94
CA GLN E 126 13.63 -31.45 34.97
C GLN E 126 13.49 -30.41 33.86
N LEU E 127 12.27 -30.24 33.34
CA LEU E 127 12.03 -29.19 32.36
C LEU E 127 12.29 -27.81 32.96
N ALA E 128 11.75 -27.55 34.14
CA ALA E 128 11.92 -26.25 34.77
C ALA E 128 13.41 -25.91 34.93
N ARG E 129 14.20 -26.85 35.41
CA ARG E 129 15.65 -26.67 35.50
C ARG E 129 16.27 -26.41 34.13
N ARG E 130 15.91 -27.22 33.13
CA ARG E 130 16.47 -27.01 31.79
C ARG E 130 16.14 -25.63 31.24
N ILE E 131 14.92 -25.15 31.50
CA ILE E 131 14.54 -23.82 31.03
C ILE E 131 15.28 -22.74 31.80
N ARG E 132 15.45 -22.93 33.11
CA ARG E 132 16.24 -21.99 33.88
C ARG E 132 17.69 -21.98 33.45
N GLY E 133 18.19 -23.11 32.93
CA GLY E 133 19.48 -23.17 32.28
C GLY E 133 20.43 -24.18 32.88
N GLU E 134 20.16 -24.64 34.10
CA GLU E 134 21.02 -25.62 34.75
C GLU E 134 20.96 -26.97 34.03
N ASN F 26 21.65 -40.20 55.53
CA ASN F 26 22.13 -38.85 55.80
C ASN F 26 21.31 -37.81 55.01
N ILE F 27 21.31 -37.93 53.68
CA ILE F 27 20.27 -37.30 52.88
C ILE F 27 18.90 -37.90 53.13
N GLN F 28 18.85 -39.06 53.78
CA GLN F 28 17.59 -39.61 54.27
C GLN F 28 17.08 -38.88 55.49
N GLY F 29 17.93 -38.08 56.14
CA GLY F 29 17.47 -37.31 57.29
C GLY F 29 16.50 -36.21 56.90
N ILE F 30 16.77 -35.53 55.79
CA ILE F 30 15.71 -34.77 55.14
C ILE F 30 14.73 -35.76 54.53
N THR F 31 13.46 -35.62 54.90
CA THR F 31 12.50 -36.70 54.73
C THR F 31 11.13 -36.15 54.37
N LYS F 32 10.30 -37.05 53.83
CA LYS F 32 9.14 -36.67 53.03
C LYS F 32 8.33 -35.52 53.59
N PRO F 33 7.94 -35.51 54.87
CA PRO F 33 7.14 -34.38 55.37
C PRO F 33 7.77 -33.03 55.15
N ALA F 34 9.09 -32.91 55.27
CA ALA F 34 9.72 -31.62 55.02
C ALA F 34 9.56 -31.20 53.56
N ILE F 35 9.78 -32.13 52.63
CA ILE F 35 9.57 -31.85 51.22
C ILE F 35 8.12 -31.45 50.97
N ARG F 36 7.18 -32.18 51.57
CA ARG F 36 5.77 -31.85 51.42
C ARG F 36 5.48 -30.44 51.89
N ARG F 37 5.96 -30.10 53.09
CA ARG F 37 5.74 -28.76 53.63
C ARG F 37 6.29 -27.69 52.69
N LEU F 38 7.52 -27.90 52.20
CA LEU F 38 8.08 -26.98 51.22
C LEU F 38 7.17 -26.83 50.01
N ALA F 39 6.77 -27.95 49.41
CA ALA F 39 5.93 -27.91 48.23
C ALA F 39 4.58 -27.25 48.52
N ARG F 40 4.06 -27.43 49.72
CA ARG F 40 2.83 -26.77 50.11
C ARG F 40 3.01 -25.26 50.17
N ARG F 41 4.14 -24.80 50.72
CA ARG F 41 4.41 -23.37 50.64
C ARG F 41 4.51 -22.94 49.19
N GLY F 42 5.07 -23.78 48.33
CA GLY F 42 5.04 -23.55 46.90
C GLY F 42 3.72 -23.77 46.22
N GLY F 43 2.67 -24.09 46.98
CA GLY F 43 1.34 -24.24 46.41
C GLY F 43 1.11 -25.55 45.67
N VAL F 44 1.98 -26.54 45.83
CA VAL F 44 1.79 -27.83 45.18
C VAL F 44 0.63 -28.54 45.86
N LYS F 45 -0.51 -28.63 45.15
CA LYS F 45 -1.68 -29.28 45.72
C LYS F 45 -1.50 -30.79 45.80
N ARG F 46 -0.82 -31.38 44.83
CA ARG F 46 -0.68 -32.83 44.76
C ARG F 46 0.72 -33.17 44.25
N ILE F 47 1.30 -34.24 44.80
CA ILE F 47 2.74 -34.44 44.78
C ILE F 47 3.03 -35.93 44.60
N SER F 48 3.60 -36.29 43.46
CA SER F 48 3.83 -37.69 43.14
C SER F 48 5.00 -38.26 43.95
N GLY F 49 4.91 -39.55 44.24
CA GLY F 49 5.90 -40.23 45.07
C GLY F 49 7.30 -40.26 44.49
N LEU F 50 7.44 -40.08 43.18
CA LEU F 50 8.75 -40.10 42.54
C LEU F 50 9.57 -38.83 42.79
N ILE F 51 8.98 -37.80 43.40
CA ILE F 51 9.64 -36.51 43.45
C ILE F 51 10.73 -36.46 44.51
N TYR F 52 10.60 -37.25 45.57
CA TYR F 52 11.48 -37.11 46.72
C TYR F 52 12.95 -37.40 46.37
N GLU F 53 13.20 -38.42 45.56
CA GLU F 53 14.57 -38.70 45.14
C GLU F 53 15.13 -37.59 44.25
N GLU F 54 14.32 -37.04 43.34
CA GLU F 54 14.82 -35.98 42.47
C GLU F 54 15.10 -34.71 43.25
N THR F 55 14.23 -34.39 44.21
CA THR F 55 14.48 -33.24 45.08
C THR F 55 15.72 -33.43 45.94
N ARG F 56 15.93 -34.64 46.49
CA ARG F 56 17.20 -34.92 47.14
C ARG F 56 18.38 -34.71 46.21
N GLY F 57 18.26 -35.15 44.97
CA GLY F 57 19.30 -34.95 43.97
C GLY F 57 19.67 -33.51 43.78
N VAL F 58 18.68 -32.70 43.39
CA VAL F 58 18.94 -31.30 43.13
C VAL F 58 19.42 -30.57 44.38
N LEU F 59 18.91 -30.95 45.55
CA LEU F 59 19.41 -30.35 46.79
C LEU F 59 20.89 -30.64 46.98
N LYS F 60 21.28 -31.90 46.78
CA LYS F 60 22.69 -32.27 46.87
C LYS F 60 23.53 -31.45 45.91
N VAL F 61 23.07 -31.30 44.67
CA VAL F 61 23.80 -30.51 43.69
C VAL F 61 23.97 -29.07 44.16
N PHE F 62 22.88 -28.45 44.61
CA PHE F 62 22.94 -27.07 45.06
C PHE F 62 23.89 -26.90 46.24
N LEU F 63 23.81 -27.80 47.22
CA LEU F 63 24.71 -27.75 48.36
C LEU F 63 26.15 -27.89 47.91
N GLU F 64 26.44 -28.87 47.05
CA GLU F 64 27.82 -29.03 46.59
C GLU F 64 28.30 -27.75 45.92
N ASN F 65 27.48 -27.19 45.03
CA ASN F 65 27.87 -26.03 44.25
C ASN F 65 28.14 -24.82 45.13
N VAL F 66 27.51 -24.74 46.30
CA VAL F 66 27.80 -23.61 47.18
C VAL F 66 28.95 -23.92 48.13
N ILE F 67 28.96 -25.12 48.71
CA ILE F 67 29.99 -25.49 49.67
C ILE F 67 31.36 -25.43 49.03
N ARG F 68 31.48 -25.89 47.78
CA ARG F 68 32.73 -25.76 47.04
C ARG F 68 33.34 -24.36 47.21
N ASP F 69 32.53 -23.33 46.95
CA ASP F 69 33.06 -21.97 46.97
C ASP F 69 33.27 -21.48 48.39
N ALA F 70 32.34 -21.78 49.30
CA ALA F 70 32.51 -21.36 50.69
C ALA F 70 33.81 -21.92 51.26
N VAL F 71 34.02 -23.23 51.10
CA VAL F 71 35.26 -23.87 51.51
C VAL F 71 36.47 -23.23 50.83
N THR F 72 36.35 -22.89 49.55
CA THR F 72 37.48 -22.27 48.87
C THR F 72 37.85 -20.93 49.49
N TYR F 73 36.85 -20.10 49.78
CA TYR F 73 37.10 -18.86 50.51
C TYR F 73 37.76 -19.13 51.87
N THR F 74 37.21 -20.09 52.62
CA THR F 74 37.79 -20.37 53.94
C THR F 74 39.24 -20.80 53.82
N GLU F 75 39.55 -21.63 52.83
CA GLU F 75 40.92 -22.05 52.60
C GLU F 75 41.81 -20.85 52.29
N HIS F 76 41.37 -19.98 51.38
CA HIS F 76 42.21 -18.85 51.02
C HIS F 76 42.43 -17.91 52.20
N ALA F 77 41.44 -17.80 53.09
CA ALA F 77 41.63 -17.10 54.36
C ALA F 77 42.54 -17.85 55.31
N LYS F 78 43.02 -19.04 54.94
CA LYS F 78 43.90 -19.84 55.78
C LYS F 78 43.21 -20.31 57.06
N ARG F 79 41.93 -20.00 57.20
CA ARG F 79 41.19 -20.41 58.39
C ARG F 79 40.87 -21.89 58.33
N LYS F 80 40.49 -22.45 59.48
CA LYS F 80 39.83 -23.74 59.53
C LYS F 80 38.35 -23.63 59.85
N THR F 81 37.85 -22.42 60.12
CA THR F 81 36.45 -22.19 60.42
C THR F 81 35.81 -21.46 59.25
N VAL F 82 34.74 -22.02 58.71
CA VAL F 82 33.93 -21.32 57.72
C VAL F 82 33.01 -20.34 58.43
N THR F 83 32.70 -19.24 57.75
CA THR F 83 31.92 -18.16 58.32
C THR F 83 30.74 -17.84 57.42
N ALA F 84 29.73 -17.21 58.02
CA ALA F 84 28.59 -16.71 57.27
C ALA F 84 29.02 -15.75 56.16
N MET F 85 30.08 -14.98 56.38
CA MET F 85 30.59 -14.14 55.30
C MET F 85 31.04 -14.97 54.10
N ASP F 86 31.74 -16.08 54.35
CA ASP F 86 32.13 -16.95 53.25
C ASP F 86 30.91 -17.47 52.50
N VAL F 87 29.85 -17.82 53.23
CA VAL F 87 28.64 -18.32 52.59
C VAL F 87 28.00 -17.25 51.72
N VAL F 88 27.82 -16.05 52.27
CA VAL F 88 27.14 -15.02 51.50
C VAL F 88 27.98 -14.57 50.32
N TYR F 89 29.30 -14.57 50.45
CA TYR F 89 30.17 -14.34 49.31
C TYR F 89 29.97 -15.41 48.24
N ALA F 90 29.93 -16.67 48.64
CA ALA F 90 29.70 -17.74 47.67
C ALA F 90 28.36 -17.57 46.96
N LEU F 91 27.31 -17.28 47.72
CA LEU F 91 25.99 -17.09 47.11
C LEU F 91 25.99 -15.89 46.16
N LYS F 92 26.61 -14.78 46.56
CA LYS F 92 26.69 -13.62 45.69
C LYS F 92 27.45 -13.95 44.40
N ARG F 93 28.50 -14.75 44.49
CA ARG F 93 29.20 -15.19 43.29
C ARG F 93 28.31 -16.06 42.42
N GLN F 94 27.56 -16.99 43.03
CA GLN F 94 26.55 -17.72 42.28
C GLN F 94 25.50 -16.78 41.68
N GLY F 95 25.26 -15.65 42.32
CA GLY F 95 24.34 -14.67 41.79
C GLY F 95 22.95 -14.68 42.39
N ARG F 96 22.81 -15.14 43.63
CA ARG F 96 21.64 -14.85 44.44
C ARG F 96 22.11 -14.37 45.80
N THR F 97 21.55 -13.26 46.26
CA THR F 97 22.10 -12.52 47.39
C THR F 97 21.16 -12.64 48.58
N LEU F 98 21.73 -13.06 49.71
CA LEU F 98 20.97 -13.26 50.95
C LEU F 98 21.27 -12.10 51.89
N TYR F 99 20.23 -11.35 52.24
CA TYR F 99 20.35 -10.32 53.27
C TYR F 99 20.13 -10.88 54.67
N GLY F 100 20.64 -10.15 55.65
CA GLY F 100 20.33 -10.32 57.05
C GLY F 100 21.40 -11.01 57.87
N PHE F 101 22.43 -11.56 57.24
CA PHE F 101 23.57 -12.13 57.95
C PHE F 101 24.73 -11.16 58.07
N GLY F 102 24.49 -9.87 57.86
CA GLY F 102 25.52 -8.87 58.01
C GLY F 102 26.44 -8.81 56.79
N LYS G 16 64.74 -11.72 27.29
CA LYS G 16 64.84 -10.35 27.80
C LYS G 16 63.54 -9.92 28.45
N THR G 17 62.47 -9.86 27.66
CA THR G 17 61.16 -9.56 28.23
C THR G 17 60.73 -10.65 29.19
N ARG G 18 59.99 -10.24 30.23
CA ARG G 18 59.66 -11.15 31.31
C ARG G 18 58.92 -12.38 30.81
N SER G 19 58.17 -12.24 29.71
CA SER G 19 57.51 -13.40 29.11
C SER G 19 58.52 -14.49 28.75
N SER G 20 59.62 -14.09 28.11
CA SER G 20 60.68 -15.05 27.79
C SER G 20 61.28 -15.64 29.06
N ARG G 21 61.40 -14.84 30.12
CA ARG G 21 61.91 -15.36 31.37
C ARG G 21 60.97 -16.39 31.97
N ALA G 22 59.66 -16.21 31.78
CA ALA G 22 58.67 -17.20 32.20
C ALA G 22 58.50 -18.32 31.19
N GLY G 23 58.94 -18.12 29.94
CA GLY G 23 58.66 -19.09 28.90
C GLY G 23 57.28 -18.96 28.30
N LEU G 24 56.72 -17.75 28.25
CA LEU G 24 55.36 -17.52 27.81
C LEU G 24 55.38 -16.64 26.57
N GLN G 25 54.31 -16.75 25.78
CA GLN G 25 54.12 -15.87 24.64
C GLN G 25 53.35 -14.59 24.98
N PHE G 26 52.40 -14.68 25.90
CA PHE G 26 51.52 -13.56 26.18
C PHE G 26 52.28 -12.39 26.79
N PRO G 27 51.79 -11.16 26.59
CA PRO G 27 52.57 -9.96 26.93
C PRO G 27 52.51 -9.63 28.42
N VAL G 28 53.45 -10.19 29.19
CA VAL G 28 53.48 -9.95 30.64
C VAL G 28 53.47 -8.45 30.93
N GLY G 29 54.22 -7.68 30.15
CA GLY G 29 54.23 -6.24 30.33
C GLY G 29 52.86 -5.60 30.22
N ARG G 30 52.18 -5.85 29.10
CA ARG G 30 50.86 -5.27 28.88
C ARG G 30 49.90 -5.64 29.99
N VAL G 31 49.84 -6.92 30.35
CA VAL G 31 48.90 -7.34 31.39
C VAL G 31 49.24 -6.72 32.73
N HIS G 32 50.52 -6.66 33.08
CA HIS G 32 50.91 -6.00 34.32
C HIS G 32 50.50 -4.54 34.31
N ARG G 33 50.68 -3.86 33.18
CA ARG G 33 50.24 -2.48 33.05
C ARG G 33 48.73 -2.35 33.23
N LEU G 34 47.97 -3.24 32.60
CA LEU G 34 46.52 -3.19 32.74
C LEU G 34 46.08 -3.42 34.18
N LEU G 35 46.70 -4.39 34.86
CA LEU G 35 46.40 -4.62 36.27
C LEU G 35 46.68 -3.38 37.12
N ARG G 36 47.82 -2.73 36.89
CA ARG G 36 48.11 -1.51 37.62
C ARG G 36 47.14 -0.39 37.26
N LYS G 37 46.71 -0.34 36.00
CA LYS G 37 45.82 0.73 35.54
C LYS G 37 44.40 0.54 36.04
N GLY G 38 43.93 -0.70 36.13
CA GLY G 38 42.50 -0.92 36.27
C GLY G 38 41.93 -0.66 37.63
N ASN G 39 42.74 -0.20 38.58
CA ASN G 39 42.30 0.03 39.96
C ASN G 39 41.72 -1.23 40.60
N TYR G 40 42.19 -2.40 40.17
CA TYR G 40 41.80 -3.63 40.86
C TYR G 40 42.39 -3.68 42.26
N ALA G 41 43.57 -3.11 42.45
CA ALA G 41 44.15 -2.95 43.78
C ALA G 41 45.21 -1.87 43.70
N GLU G 42 45.61 -1.37 44.87
CA GLU G 42 46.71 -0.41 44.93
C GLU G 42 48.07 -1.05 44.68
N ARG G 43 48.18 -2.37 44.82
CA ARG G 43 49.46 -3.05 44.66
C ARG G 43 49.23 -4.36 43.93
N VAL G 44 50.23 -4.79 43.17
CA VAL G 44 50.22 -6.11 42.53
C VAL G 44 51.59 -6.74 42.65
N GLY G 45 51.62 -8.03 42.98
CA GLY G 45 52.88 -8.75 43.04
C GLY G 45 53.32 -9.23 41.67
N ALA G 46 54.64 -9.39 41.52
CA ALA G 46 55.21 -9.76 40.24
C ALA G 46 54.72 -11.12 39.74
N GLY G 47 54.29 -12.00 40.64
CA GLY G 47 53.77 -13.28 40.21
C GLY G 47 52.40 -13.21 39.54
N ALA G 48 51.56 -12.28 39.99
CA ALA G 48 50.20 -12.20 39.47
C ALA G 48 50.16 -12.07 37.95
N PRO G 49 50.86 -11.11 37.33
CA PRO G 49 50.69 -10.95 35.88
C PRO G 49 51.19 -12.14 35.09
N VAL G 50 52.30 -12.75 35.49
CA VAL G 50 52.79 -13.92 34.77
C VAL G 50 51.83 -15.10 34.94
N TYR G 51 51.26 -15.26 36.13
CA TYR G 51 50.31 -16.35 36.34
C TYR G 51 49.05 -16.15 35.51
N LEU G 52 48.57 -14.91 35.45
CA LEU G 52 47.39 -14.62 34.64
C LEU G 52 47.68 -14.85 33.16
N ALA G 53 48.83 -14.37 32.68
CA ALA G 53 49.21 -14.66 31.30
C ALA G 53 49.25 -16.15 31.04
N ALA G 54 49.79 -16.93 31.98
CA ALA G 54 49.85 -18.37 31.81
C ALA G 54 48.46 -18.97 31.61
N VAL G 55 47.52 -18.61 32.49
CA VAL G 55 46.20 -19.22 32.41
C VAL G 55 45.45 -18.73 31.16
N LEU G 56 45.64 -17.47 30.78
CA LEU G 56 45.01 -16.97 29.56
C LEU G 56 45.55 -17.69 28.33
N GLU G 57 46.86 -17.87 28.26
CA GLU G 57 47.46 -18.59 27.14
C GLU G 57 46.97 -20.03 27.10
N TYR G 58 46.84 -20.67 28.26
CA TYR G 58 46.31 -22.03 28.29
C TYR G 58 44.88 -22.10 27.74
N LEU G 59 44.01 -21.23 28.23
CA LEU G 59 42.61 -21.26 27.77
C LEU G 59 42.51 -20.95 26.29
N THR G 60 43.26 -19.96 25.81
CA THR G 60 43.26 -19.65 24.39
C THR G 60 43.77 -20.81 23.56
N ALA G 61 44.83 -21.47 24.02
CA ALA G 61 45.33 -22.65 23.31
C ALA G 61 44.25 -23.72 23.21
N GLU G 62 43.55 -23.97 24.32
CA GLU G 62 42.46 -24.95 24.31
C GLU G 62 41.41 -24.62 23.26
N ILE G 63 40.86 -23.40 23.31
CA ILE G 63 39.79 -23.06 22.38
C ILE G 63 40.30 -23.05 20.94
N LEU G 64 41.53 -22.58 20.73
CA LEU G 64 42.08 -22.59 19.38
C LEU G 64 42.25 -24.00 18.86
N GLU G 65 42.64 -24.93 19.74
CA GLU G 65 42.70 -26.34 19.37
C GLU G 65 41.33 -26.84 18.91
N LEU G 66 40.32 -26.64 19.74
CA LEU G 66 38.99 -27.15 19.40
C LEU G 66 38.49 -26.54 18.10
N ALA G 67 38.64 -25.22 17.94
CA ALA G 67 38.26 -24.58 16.68
C ALA G 67 39.06 -25.15 15.52
N GLY G 68 40.33 -25.47 15.75
CA GLY G 68 41.12 -26.14 14.73
C GLY G 68 40.45 -27.40 14.23
N ASN G 69 40.04 -28.26 15.15
CA ASN G 69 39.32 -29.46 14.73
C ASN G 69 37.99 -29.13 14.04
N ALA G 70 37.27 -28.13 14.54
CA ALA G 70 36.00 -27.76 13.94
C ALA G 70 36.16 -27.27 12.50
N ALA G 71 37.30 -26.67 12.17
CA ALA G 71 37.64 -26.38 10.79
C ALA G 71 38.12 -27.62 10.04
N ARG G 72 38.93 -28.44 10.67
CA ARG G 72 39.62 -29.53 9.99
C ARG G 72 38.65 -30.50 9.34
N ASP G 73 37.66 -30.99 10.09
CA ASP G 73 36.74 -31.96 9.52
C ASP G 73 35.71 -31.34 8.58
N ASN G 74 35.48 -30.03 8.68
CA ASN G 74 34.78 -29.30 7.62
C ASN G 74 35.66 -29.04 6.41
N LYS G 75 36.87 -29.59 6.38
CA LYS G 75 37.79 -29.46 5.26
C LYS G 75 38.19 -28.02 4.99
N LYS G 76 38.04 -27.14 5.98
CA LYS G 76 38.29 -25.72 5.79
C LYS G 76 39.68 -25.38 6.31
N THR G 77 40.46 -24.70 5.47
CA THR G 77 41.84 -24.38 5.78
C THR G 77 41.99 -23.21 6.75
N ARG G 78 40.90 -22.57 7.17
CA ARG G 78 40.99 -21.27 7.81
C ARG G 78 39.82 -21.10 8.76
N ILE G 79 40.14 -20.78 10.02
CA ILE G 79 39.14 -20.73 11.08
C ILE G 79 38.18 -19.57 10.86
N ILE G 80 36.90 -19.82 11.08
CA ILE G 80 35.87 -18.77 11.02
C ILE G 80 34.96 -18.92 12.22
N PRO G 81 34.21 -17.86 12.55
CA PRO G 81 33.38 -17.87 13.77
C PRO G 81 32.51 -19.10 13.93
N ARG G 82 31.93 -19.59 12.83
CA ARG G 82 31.15 -20.82 12.89
C ARG G 82 31.93 -21.95 13.52
N HIS G 83 33.22 -22.08 13.17
CA HIS G 83 34.06 -23.09 13.81
C HIS G 83 34.21 -22.83 15.30
N LEU G 84 34.34 -21.56 15.69
CA LEU G 84 34.46 -21.25 17.12
C LEU G 84 33.22 -21.68 17.88
N GLN G 85 32.05 -21.37 17.35
CA GLN G 85 30.80 -21.79 17.99
C GLN G 85 30.69 -23.31 18.04
N LEU G 86 30.99 -23.98 16.92
CA LEU G 86 30.99 -25.44 16.89
C LEU G 86 31.89 -26.03 17.97
N ALA G 87 33.06 -25.44 18.17
CA ALA G 87 33.96 -25.91 19.22
C ALA G 87 33.37 -25.65 20.60
N VAL G 88 33.09 -24.39 20.91
CA VAL G 88 32.81 -24.00 22.28
C VAL G 88 31.50 -24.57 22.77
N ARG G 89 30.55 -24.83 21.88
CA ARG G 89 29.28 -25.42 22.31
C ARG G 89 29.35 -26.93 22.44
N ASN G 90 30.33 -27.58 21.82
CA ASN G 90 30.50 -29.02 22.01
C ASN G 90 31.14 -29.35 23.35
N ASP G 91 32.14 -28.59 23.79
CA ASP G 91 32.76 -28.78 25.09
C ASP G 91 31.84 -28.24 26.18
N GLU G 92 31.24 -29.15 26.94
CA GLU G 92 30.26 -28.73 27.95
C GLU G 92 30.89 -27.87 29.03
N GLU G 93 32.19 -28.01 29.26
CA GLU G 93 32.86 -27.21 30.28
C GLU G 93 33.10 -25.80 29.77
N LEU G 94 33.62 -25.68 28.56
CA LEU G 94 33.78 -24.35 27.97
C LEU G 94 32.43 -23.71 27.69
N ASN G 95 31.43 -24.51 27.30
CA ASN G 95 30.08 -23.99 27.17
C ASN G 95 29.56 -23.43 28.49
N LYS G 96 29.81 -24.15 29.59
CA LYS G 96 29.43 -23.63 30.90
C LYS G 96 30.17 -22.33 31.20
N LEU G 97 31.47 -22.29 30.90
CA LEU G 97 32.24 -21.07 31.13
C LEU G 97 31.71 -19.91 30.30
N LEU G 98 31.25 -20.20 29.08
CA LEU G 98 30.67 -19.20 28.20
C LEU G 98 29.14 -19.27 28.17
N GLY G 99 28.53 -19.75 29.25
CA GLY G 99 27.12 -20.10 29.20
C GLY G 99 26.24 -18.93 28.76
N ARG G 100 26.60 -17.72 29.19
CA ARG G 100 25.85 -16.53 28.83
C ARG G 100 26.34 -15.86 27.54
N VAL G 101 27.45 -16.31 26.98
CA VAL G 101 28.08 -15.60 25.88
C VAL G 101 27.30 -15.85 24.60
N THR G 102 27.14 -14.80 23.79
CA THR G 102 26.66 -14.92 22.43
C THR G 102 27.80 -14.68 21.45
N ILE G 103 27.94 -15.57 20.48
CA ILE G 103 28.97 -15.45 19.45
C ILE G 103 28.32 -14.87 18.21
N ALA G 104 28.81 -13.71 17.78
CA ALA G 104 28.28 -13.08 16.56
C ALA G 104 28.44 -14.01 15.37
N GLN G 105 27.36 -14.21 14.63
CA GLN G 105 27.32 -15.11 13.48
C GLN G 105 27.56 -16.57 13.87
N GLY G 106 27.49 -16.90 15.15
CA GLY G 106 27.50 -18.29 15.57
C GLY G 106 26.12 -18.91 15.49
N GLY G 107 25.90 -19.74 14.47
CA GLY G 107 24.67 -20.48 14.38
C GLY G 107 24.50 -21.48 15.50
N VAL G 108 23.30 -22.05 15.57
CA VAL G 108 23.02 -23.11 16.53
C VAL G 108 23.80 -24.37 16.15
N LEU G 109 23.95 -25.25 17.12
CA LEU G 109 24.39 -26.61 16.82
C LEU G 109 23.25 -27.39 16.16
N PRO G 110 23.54 -28.20 15.15
CA PRO G 110 22.52 -29.10 14.61
C PRO G 110 21.96 -30.01 15.69
N ASN G 111 20.65 -30.23 15.66
CA ASN G 111 20.02 -31.20 16.53
C ASN G 111 18.66 -31.64 15.97
N LYS H 32 47.68 0.92 19.35
CA LYS H 32 46.32 0.76 19.84
C LYS H 32 46.09 -0.73 20.13
N GLU H 33 46.68 -1.17 21.23
CA GLU H 33 47.06 -2.56 21.42
C GLU H 33 45.90 -3.51 21.17
N SER H 34 46.24 -4.71 20.70
CA SER H 34 45.31 -5.82 20.63
C SER H 34 46.14 -7.10 20.58
N TYR H 35 45.47 -8.22 20.80
CA TYR H 35 46.16 -9.47 21.09
C TYR H 35 46.55 -10.25 19.84
N ALA H 36 46.34 -9.67 18.66
CA ALA H 36 46.30 -10.47 17.44
C ALA H 36 47.57 -11.30 17.26
N ILE H 37 48.73 -10.66 17.41
CA ILE H 37 49.99 -11.36 17.16
C ILE H 37 50.16 -12.53 18.13
N TYR H 38 49.79 -12.33 19.39
CA TYR H 38 49.90 -13.41 20.37
C TYR H 38 48.99 -14.56 20.02
N VAL H 39 47.78 -14.23 19.57
CA VAL H 39 46.86 -15.25 19.06
C VAL H 39 47.50 -16.02 17.92
N TYR H 40 48.16 -15.32 16.99
CA TYR H 40 48.86 -16.02 15.91
C TYR H 40 49.97 -16.91 16.44
N LYS H 41 50.67 -16.49 17.49
CA LYS H 41 51.73 -17.33 18.04
C LYS H 41 51.15 -18.63 18.60
N VAL H 42 50.11 -18.53 19.43
CA VAL H 42 49.51 -19.73 19.99
C VAL H 42 48.89 -20.57 18.89
N LEU H 43 48.24 -19.93 17.91
CA LEU H 43 47.69 -20.65 16.77
C LEU H 43 48.76 -21.44 16.04
N LYS H 44 49.89 -20.81 15.74
CA LYS H 44 50.97 -21.51 15.07
C LYS H 44 51.56 -22.64 15.91
N GLN H 45 51.55 -22.50 17.23
CA GLN H 45 51.94 -23.62 18.08
C GLN H 45 50.97 -24.79 18.01
N VAL H 46 49.66 -24.53 18.18
CA VAL H 46 48.69 -25.63 18.21
C VAL H 46 48.45 -26.21 16.81
N HIS H 47 48.27 -25.35 15.81
CA HIS H 47 47.89 -25.77 14.47
C HIS H 47 48.47 -24.78 13.47
N PRO H 48 49.75 -24.90 13.12
CA PRO H 48 50.34 -23.98 12.15
C PRO H 48 49.74 -24.11 10.76
N ASP H 49 48.99 -25.19 10.50
CA ASP H 49 48.50 -25.49 9.16
C ASP H 49 47.45 -24.49 8.66
N THR H 50 46.87 -23.69 9.55
CA THR H 50 45.60 -23.04 9.26
C THR H 50 45.58 -21.59 9.68
N GLY H 51 44.92 -20.78 8.85
CA GLY H 51 44.68 -19.37 9.13
C GLY H 51 43.43 -19.15 9.95
N ILE H 52 43.11 -17.88 10.18
CA ILE H 52 41.94 -17.50 10.95
C ILE H 52 41.38 -16.19 10.42
N SER H 53 40.05 -16.11 10.37
CA SER H 53 39.34 -14.92 9.94
C SER H 53 39.50 -13.77 10.93
N SER H 54 39.59 -12.55 10.39
CA SER H 54 39.64 -11.36 11.22
C SER H 54 38.43 -11.26 12.14
N LYS H 55 37.27 -11.74 11.70
CA LYS H 55 36.12 -11.84 12.59
C LYS H 55 36.43 -12.73 13.78
N ALA H 56 36.97 -13.92 13.51
CA ALA H 56 37.33 -14.83 14.59
C ALA H 56 38.39 -14.22 15.50
N MET H 57 39.35 -13.49 14.92
CA MET H 57 40.29 -12.74 15.75
C MET H 57 39.60 -11.74 16.66
N SER H 58 38.63 -10.99 16.13
CA SER H 58 37.89 -10.05 16.97
C SER H 58 37.10 -10.76 18.06
N ILE H 59 36.59 -11.94 17.76
CA ILE H 59 35.97 -12.77 18.79
C ILE H 59 36.98 -13.10 19.88
N MET H 60 38.16 -13.59 19.48
CA MET H 60 39.18 -13.93 20.47
C MET H 60 39.58 -12.72 21.31
N ASN H 61 39.76 -11.57 20.67
CA ASN H 61 40.10 -10.35 21.38
C ASN H 61 39.00 -9.91 22.35
N SER H 62 37.75 -10.19 22.02
CA SER H 62 36.67 -9.95 22.99
C SER H 62 36.75 -10.94 24.14
N PHE H 63 36.85 -12.22 23.82
CA PHE H 63 36.85 -13.27 24.83
C PHE H 63 37.95 -13.08 25.86
N VAL H 64 39.19 -12.88 25.39
CA VAL H 64 40.32 -12.74 26.31
C VAL H 64 40.13 -11.54 27.23
N ASN H 65 39.64 -10.43 26.69
CA ASN H 65 39.38 -9.26 27.53
C ASN H 65 38.28 -9.54 28.54
N ASP H 66 37.23 -10.24 28.12
CA ASP H 66 36.14 -10.56 29.05
C ASP H 66 36.65 -11.40 30.21
N VAL H 67 37.32 -12.50 29.91
CA VAL H 67 37.77 -13.39 30.97
C VAL H 67 38.83 -12.72 31.84
N PHE H 68 39.67 -11.86 31.26
CA PHE H 68 40.59 -11.07 32.06
C PHE H 68 39.84 -10.18 33.04
N GLU H 69 38.85 -9.43 32.55
CA GLU H 69 38.08 -8.56 33.43
C GLU H 69 37.40 -9.36 34.53
N ARG H 70 36.85 -10.52 34.19
CA ARG H 70 36.18 -11.35 35.18
C ARG H 70 37.14 -11.81 36.27
N ILE H 71 38.27 -12.41 35.88
CA ILE H 71 39.18 -12.94 36.88
C ILE H 71 39.80 -11.81 37.71
N ALA H 72 40.12 -10.68 37.09
CA ALA H 72 40.63 -9.56 37.86
C ALA H 72 39.60 -9.04 38.84
N GLY H 73 38.34 -8.97 38.42
CA GLY H 73 37.27 -8.58 39.33
C GLY H 73 37.17 -9.49 40.54
N GLU H 74 37.23 -10.80 40.29
CA GLU H 74 37.19 -11.74 41.41
C GLU H 74 38.42 -11.59 42.31
N ALA H 75 39.61 -11.45 41.74
CA ALA H 75 40.79 -11.25 42.56
C ALA H 75 40.68 -10.00 43.43
N SER H 76 40.15 -8.92 42.85
CA SER H 76 39.89 -7.72 43.62
C SER H 76 38.92 -7.96 44.76
N ARG H 77 37.81 -8.64 44.47
CA ARG H 77 36.87 -8.98 45.53
C ARG H 77 37.53 -9.77 46.64
N LEU H 78 38.40 -10.72 46.29
CA LEU H 78 39.13 -11.48 47.29
C LEU H 78 40.00 -10.58 48.14
N ALA H 79 40.83 -9.75 47.50
CA ALA H 79 41.75 -8.91 48.25
C ALA H 79 41.01 -7.94 49.17
N HIS H 80 39.93 -7.35 48.66
CA HIS H 80 39.09 -6.50 49.51
C HIS H 80 38.52 -7.27 50.69
N TYR H 81 38.02 -8.48 50.45
CA TYR H 81 37.46 -9.29 51.53
C TYR H 81 38.49 -9.56 52.62
N ASN H 82 39.72 -9.89 52.24
CA ASN H 82 40.77 -10.12 53.23
C ASN H 82 41.36 -8.84 53.79
N LYS H 83 40.85 -7.68 53.38
CA LYS H 83 41.41 -6.39 53.80
C LYS H 83 42.89 -6.27 53.44
N ARG H 84 43.34 -7.02 52.43
CA ARG H 84 44.73 -6.95 52.01
C ARG H 84 44.92 -5.80 51.03
N SER H 85 46.16 -5.33 50.95
CA SER H 85 46.49 -4.19 50.11
C SER H 85 46.82 -4.57 48.67
N THR H 86 47.00 -5.86 48.38
CA THR H 86 47.78 -6.25 47.21
C THR H 86 47.23 -7.53 46.60
N ILE H 87 47.47 -7.69 45.31
CA ILE H 87 47.18 -8.93 44.59
C ILE H 87 48.49 -9.68 44.41
N THR H 88 48.50 -10.95 44.80
CA THR H 88 49.60 -11.83 44.43
C THR H 88 49.08 -13.16 43.89
N SER H 89 50.03 -13.99 43.48
CA SER H 89 49.73 -15.27 42.84
C SER H 89 48.65 -16.06 43.56
N ARG H 90 48.68 -16.07 44.89
CA ARG H 90 47.69 -16.84 45.64
C ARG H 90 46.26 -16.37 45.37
N GLU H 91 46.07 -15.08 45.10
CA GLU H 91 44.73 -14.57 44.82
C GLU H 91 44.23 -15.06 43.47
N ILE H 92 45.04 -14.93 42.42
CA ILE H 92 44.63 -15.46 41.12
C ILE H 92 44.46 -16.97 41.20
N GLN H 93 45.34 -17.66 41.92
CA GLN H 93 45.22 -19.10 42.08
C GLN H 93 43.88 -19.50 42.67
N THR H 94 43.42 -18.80 43.71
CA THR H 94 42.08 -19.11 44.23
C THR H 94 40.99 -18.69 43.25
N ALA H 95 41.12 -17.52 42.63
CA ALA H 95 40.05 -17.07 41.75
C ALA H 95 39.86 -18.00 40.58
N VAL H 96 40.95 -18.58 40.08
CA VAL H 96 40.85 -19.58 39.02
C VAL H 96 40.00 -20.76 39.48
N ARG H 97 40.27 -21.25 40.69
CA ARG H 97 39.49 -22.35 41.23
C ARG H 97 38.04 -21.98 41.44
N LEU H 98 37.74 -20.69 41.58
CA LEU H 98 36.34 -20.28 41.65
C LEU H 98 35.69 -20.20 40.27
N LEU H 99 36.34 -19.53 39.32
CA LEU H 99 35.71 -19.22 38.04
C LEU H 99 35.68 -20.40 37.09
N LEU H 100 36.75 -21.20 37.06
CA LEU H 100 36.84 -22.24 36.06
C LEU H 100 36.10 -23.51 36.47
N PRO H 101 35.59 -24.27 35.50
CA PRO H 101 35.24 -25.67 35.76
C PRO H 101 36.41 -26.44 36.35
N GLY H 102 36.08 -27.48 37.13
CA GLY H 102 37.08 -28.15 37.95
C GLY H 102 38.28 -28.63 37.16
N GLU H 103 38.04 -29.31 36.04
CA GLU H 103 39.17 -29.82 35.27
C GLU H 103 39.97 -28.70 34.61
N LEU H 104 39.28 -27.68 34.11
CA LEU H 104 39.97 -26.52 33.58
C LEU H 104 40.80 -25.85 34.65
N ALA H 105 40.24 -25.67 35.85
CA ALA H 105 41.01 -25.14 36.97
C ALA H 105 42.22 -25.99 37.27
N LYS H 106 42.03 -27.31 37.34
CA LYS H 106 43.11 -28.23 37.64
C LYS H 106 44.28 -28.09 36.67
N HIS H 107 43.98 -27.90 35.38
CA HIS H 107 45.07 -27.68 34.43
C HIS H 107 45.62 -26.26 34.46
N ALA H 108 44.75 -25.25 34.54
CA ALA H 108 45.20 -23.87 34.51
C ALA H 108 46.10 -23.55 35.69
N VAL H 109 45.71 -23.99 36.90
CA VAL H 109 46.51 -23.74 38.09
C VAL H 109 47.86 -24.41 37.98
N SER H 110 47.92 -25.59 37.35
CA SER H 110 49.19 -26.24 37.11
C SER H 110 50.06 -25.42 36.16
N GLU H 111 49.49 -24.98 35.05
CA GLU H 111 50.25 -24.17 34.10
C GLU H 111 50.77 -22.90 34.76
N GLY H 112 49.91 -22.22 35.52
CA GLY H 112 50.35 -21.04 36.26
C GLY H 112 51.48 -21.32 37.23
N THR H 113 51.38 -22.43 37.97
CA THR H 113 52.45 -22.81 38.87
C THR H 113 53.75 -23.04 38.12
N LYS H 114 53.69 -23.75 36.99
CA LYS H 114 54.87 -23.98 36.19
C LYS H 114 55.48 -22.66 35.73
N ALA H 115 54.63 -21.77 35.20
CA ALA H 115 55.09 -20.49 34.69
C ALA H 115 55.79 -19.67 35.76
N VAL H 116 55.15 -19.51 36.92
CA VAL H 116 55.75 -18.72 37.99
C VAL H 116 56.99 -19.42 38.56
N THR H 117 57.01 -20.75 38.57
CA THR H 117 58.22 -21.45 39.00
C THR H 117 59.38 -21.13 38.08
N LYS H 118 59.18 -21.26 36.77
CA LYS H 118 60.23 -20.91 35.82
C LYS H 118 60.67 -19.45 35.99
N TYR H 119 59.69 -18.54 36.06
CA TYR H 119 60.03 -17.12 36.17
C TYR H 119 60.87 -16.83 37.40
N THR H 120 60.47 -17.37 38.56
CA THR H 120 61.20 -17.10 39.78
C THR H 120 62.55 -17.81 39.83
N SER H 121 62.63 -19.02 39.27
CA SER H 121 63.92 -19.68 39.14
C SER H 121 64.86 -18.91 38.23
N ALA H 122 64.34 -18.42 37.12
CA ALA H 122 65.15 -17.64 36.19
C ALA H 122 65.51 -16.29 36.79
N LEU K 62 -19.56 -3.69 -14.23
CA LEU K 62 -20.41 -4.11 -15.33
C LEU K 62 -21.43 -3.04 -15.67
N ILE K 63 -21.57 -2.06 -14.79
CA ILE K 63 -22.46 -0.93 -14.98
C ILE K 63 -21.63 0.34 -14.98
N ARG K 64 -21.95 1.27 -15.89
CA ARG K 64 -21.11 2.43 -16.09
C ARG K 64 -21.12 3.32 -14.85
N LYS K 65 -19.94 3.83 -14.49
CA LYS K 65 -19.78 4.49 -13.21
C LYS K 65 -20.54 5.80 -13.14
N LEU K 66 -20.30 6.69 -14.11
CA LEU K 66 -20.93 8.01 -14.07
C LEU K 66 -22.45 7.95 -14.04
N PRO K 67 -23.11 7.18 -14.90
CA PRO K 67 -24.58 7.09 -14.82
C PRO K 67 -25.07 6.67 -13.45
N PHE K 68 -24.47 5.62 -12.90
CA PHE K 68 -24.84 5.16 -11.57
C PHE K 68 -24.63 6.22 -10.51
N GLN K 69 -23.52 6.94 -10.57
CA GLN K 69 -23.30 8.03 -9.62
C GLN K 69 -24.34 9.13 -9.76
N ARG K 70 -24.72 9.45 -10.99
CA ARG K 70 -25.82 10.40 -11.18
C ARG K 70 -27.09 9.89 -10.54
N LEU K 71 -27.41 8.62 -10.75
CA LEU K 71 -28.65 8.08 -10.23
C LEU K 71 -28.66 8.13 -8.70
N VAL K 72 -27.58 7.65 -8.08
CA VAL K 72 -27.53 7.62 -6.62
C VAL K 72 -27.63 9.02 -6.05
N ARG K 73 -26.98 10.01 -6.68
CA ARG K 73 -27.15 11.38 -6.23
C ARG K 73 -28.59 11.84 -6.36
N GLU K 74 -29.22 11.53 -7.50
CA GLU K 74 -30.61 11.94 -7.70
C GLU K 74 -31.51 11.35 -6.62
N ILE K 75 -31.35 10.06 -6.32
CA ILE K 75 -32.15 9.44 -5.27
C ILE K 75 -31.85 10.09 -3.92
N ALA K 76 -30.57 10.32 -3.62
CA ALA K 76 -30.23 10.90 -2.33
C ALA K 76 -30.84 12.28 -2.17
N GLN K 77 -31.02 13.00 -3.28
CA GLN K 77 -31.55 14.35 -3.22
C GLN K 77 -32.87 14.42 -2.45
N ASP K 78 -33.68 13.38 -2.52
CA ASP K 78 -35.02 13.44 -1.94
C ASP K 78 -35.04 13.30 -0.43
N PHE K 79 -34.00 12.70 0.18
CA PHE K 79 -33.93 12.70 1.63
C PHE K 79 -33.47 14.05 2.16
N LYS K 80 -32.39 14.58 1.60
CA LYS K 80 -31.89 15.91 1.96
C LYS K 80 -31.07 16.42 0.79
N THR K 81 -31.21 17.70 0.49
CA THR K 81 -30.46 18.27 -0.61
C THR K 81 -28.98 18.42 -0.28
N ASP K 82 -28.18 18.53 -1.34
CA ASP K 82 -26.78 18.97 -1.28
C ASP K 82 -25.95 18.14 -0.32
N LEU K 83 -26.10 16.82 -0.39
CA LEU K 83 -25.09 15.92 0.13
C LEU K 83 -23.89 15.85 -0.81
N ARG K 84 -22.69 15.78 -0.25
CA ARG K 84 -21.51 15.36 -0.99
C ARG K 84 -21.24 13.88 -0.70
N PHE K 85 -20.44 13.26 -1.57
CA PHE K 85 -20.16 11.84 -1.45
C PHE K 85 -18.67 11.56 -1.62
N GLN K 86 -18.14 10.68 -0.78
CA GLN K 86 -16.87 10.04 -1.08
C GLN K 86 -17.02 9.08 -2.25
N SER K 87 -16.03 9.09 -3.15
CA SER K 87 -16.05 8.18 -4.29
C SER K 87 -16.04 6.72 -3.85
N SER K 88 -15.30 6.42 -2.78
CA SER K 88 -15.32 5.06 -2.24
C SER K 88 -16.71 4.63 -1.82
N ALA K 89 -17.53 5.57 -1.36
CA ALA K 89 -18.91 5.23 -1.03
C ALA K 89 -19.68 4.81 -2.29
N VAL K 90 -19.48 5.54 -3.38
CA VAL K 90 -20.11 5.15 -4.64
C VAL K 90 -19.64 3.78 -5.10
N MET K 91 -18.34 3.50 -4.96
CA MET K 91 -17.86 2.16 -5.30
C MET K 91 -18.49 1.08 -4.43
N ALA K 92 -18.63 1.35 -3.14
CA ALA K 92 -19.32 0.40 -2.27
C ALA K 92 -20.76 0.17 -2.72
N LEU K 93 -21.46 1.23 -3.09
CA LEU K 93 -22.81 1.09 -3.60
C LEU K 93 -22.84 0.25 -4.88
N GLN K 94 -21.87 0.49 -5.77
CA GLN K 94 -21.79 -0.32 -6.99
C GLN K 94 -21.65 -1.79 -6.64
N GLU K 95 -20.67 -2.13 -5.81
CA GLU K 95 -20.42 -3.53 -5.50
C GLU K 95 -21.63 -4.18 -4.84
N ALA K 96 -22.25 -3.47 -3.90
CA ALA K 96 -23.44 -4.01 -3.23
C ALA K 96 -24.57 -4.25 -4.22
N SER K 97 -24.86 -3.28 -5.07
CA SER K 97 -25.98 -3.39 -5.99
C SER K 97 -25.73 -4.49 -7.01
N GLU K 98 -24.52 -4.56 -7.57
CA GLU K 98 -24.20 -5.66 -8.47
C GLU K 98 -24.38 -7.01 -7.79
N ALA K 99 -23.87 -7.16 -6.57
CA ALA K 99 -24.02 -8.43 -5.87
C ALA K 99 -25.49 -8.79 -5.67
N TYR K 100 -26.30 -7.81 -5.27
CA TYR K 100 -27.72 -8.05 -5.07
C TYR K 100 -28.42 -8.46 -6.36
N LEU K 101 -28.15 -7.75 -7.45
CA LEU K 101 -28.79 -8.08 -8.71
C LEU K 101 -28.38 -9.47 -9.19
N VAL K 102 -27.08 -9.76 -9.14
CA VAL K 102 -26.62 -11.07 -9.58
C VAL K 102 -27.28 -12.18 -8.78
N ALA K 103 -27.33 -12.00 -7.46
CA ALA K 103 -28.03 -12.98 -6.62
C ALA K 103 -29.49 -13.13 -7.02
N LEU K 104 -30.18 -12.01 -7.25
CA LEU K 104 -31.59 -12.09 -7.61
C LEU K 104 -31.80 -12.80 -8.95
N PHE K 105 -30.89 -12.60 -9.90
CA PHE K 105 -30.97 -13.34 -11.15
C PHE K 105 -30.71 -14.82 -10.95
N GLU K 106 -29.66 -15.16 -10.21
CA GLU K 106 -29.36 -16.57 -9.95
C GLU K 106 -30.53 -17.26 -9.27
N ASP K 107 -31.23 -16.54 -8.39
CA ASP K 107 -32.45 -17.05 -7.78
C ASP K 107 -33.55 -17.25 -8.81
N THR K 108 -33.94 -16.18 -9.51
CA THR K 108 -35.13 -16.25 -10.35
C THR K 108 -34.93 -17.20 -11.52
N ASN K 109 -33.69 -17.42 -11.96
CA ASN K 109 -33.44 -18.44 -12.96
C ASN K 109 -33.96 -19.80 -12.51
N LEU K 110 -33.82 -20.11 -11.21
CA LEU K 110 -34.37 -21.36 -10.70
C LEU K 110 -35.87 -21.43 -10.92
N CYS K 111 -36.58 -20.32 -10.70
CA CYS K 111 -38.02 -20.31 -10.92
C CYS K 111 -38.34 -20.47 -12.40
N ALA K 112 -37.55 -19.83 -13.26
CA ALA K 112 -37.76 -19.93 -14.70
C ALA K 112 -37.61 -21.37 -15.18
N ILE K 113 -36.50 -22.01 -14.81
CA ILE K 113 -36.29 -23.40 -15.20
C ILE K 113 -37.32 -24.31 -14.54
N HIS K 114 -37.77 -23.96 -13.33
CA HIS K 114 -38.85 -24.72 -12.72
C HIS K 114 -40.12 -24.68 -13.57
N ALA K 115 -40.46 -23.51 -14.09
CA ALA K 115 -41.56 -23.46 -15.05
C ALA K 115 -41.20 -24.01 -16.41
N LYS K 116 -40.04 -24.64 -16.58
CA LYS K 116 -39.64 -25.22 -17.85
C LYS K 116 -39.51 -24.18 -18.95
N ARG K 117 -39.24 -22.94 -18.56
CA ARG K 117 -38.93 -21.90 -19.53
C ARG K 117 -37.44 -21.93 -19.87
N VAL K 118 -37.08 -21.21 -20.92
CA VAL K 118 -35.71 -20.70 -21.06
C VAL K 118 -35.62 -19.23 -20.69
N THR K 119 -36.62 -18.43 -21.07
CA THR K 119 -36.59 -17.01 -20.79
C THR K 119 -36.90 -16.74 -19.32
N ILE K 120 -36.33 -15.67 -18.80
CA ILE K 120 -36.83 -15.04 -17.59
C ILE K 120 -38.05 -14.19 -17.92
N MET K 121 -39.04 -14.22 -17.05
CA MET K 121 -40.22 -13.38 -17.18
C MET K 121 -40.51 -12.68 -15.86
N PRO K 122 -41.17 -11.52 -15.91
CA PRO K 122 -41.28 -10.70 -14.68
C PRO K 122 -42.09 -11.38 -13.61
N LYS K 123 -43.02 -12.25 -13.99
CA LYS K 123 -43.67 -13.13 -13.02
C LYS K 123 -42.65 -13.80 -12.12
N ASP K 124 -41.50 -14.17 -12.68
CA ASP K 124 -40.50 -14.91 -11.92
C ASP K 124 -39.77 -13.98 -10.94
N ILE K 125 -39.53 -12.74 -11.34
CA ILE K 125 -38.96 -11.77 -10.41
C ILE K 125 -39.92 -11.52 -9.26
N GLN K 126 -41.19 -11.29 -9.58
CA GLN K 126 -42.19 -11.05 -8.55
C GLN K 126 -42.26 -12.23 -7.59
N LEU K 127 -42.26 -13.45 -8.12
CA LEU K 127 -42.24 -14.63 -7.28
C LEU K 127 -41.01 -14.64 -6.36
N ALA K 128 -39.83 -14.45 -6.94
CA ALA K 128 -38.62 -14.48 -6.14
C ALA K 128 -38.67 -13.46 -5.01
N ARG K 129 -39.04 -12.22 -5.33
CA ARG K 129 -39.12 -11.18 -4.31
C ARG K 129 -40.13 -11.54 -3.23
N ARG K 130 -41.22 -12.19 -3.61
CA ARG K 130 -42.15 -12.70 -2.60
C ARG K 130 -41.48 -13.73 -1.71
N ILE K 131 -40.80 -14.71 -2.30
CA ILE K 131 -40.34 -15.86 -1.53
C ILE K 131 -39.19 -15.48 -0.60
N ARG K 132 -38.24 -14.66 -1.08
CA ARG K 132 -37.22 -14.16 -0.15
C ARG K 132 -37.78 -13.11 0.79
N GLY K 133 -38.93 -12.49 0.45
CA GLY K 133 -39.79 -11.85 1.44
C GLY K 133 -40.08 -10.39 1.15
N GLU K 134 -39.19 -9.70 0.46
CA GLU K 134 -39.45 -8.32 0.08
C GLU K 134 -40.60 -8.25 -0.92
N ARG L 18 -28.76 21.94 -32.62
CA ARG L 18 -28.83 23.18 -31.86
C ARG L 18 -28.86 22.89 -30.35
N HIS L 19 -28.75 23.95 -29.56
CA HIS L 19 -28.80 23.82 -28.10
C HIS L 19 -30.00 22.99 -27.63
N ARG L 20 -31.10 23.02 -28.37
CA ARG L 20 -32.30 22.31 -27.92
C ARG L 20 -32.12 20.80 -27.83
N LYS L 21 -31.01 20.27 -28.34
CA LYS L 21 -30.77 18.83 -28.29
C LYS L 21 -30.49 18.31 -26.88
N VAL L 22 -30.38 19.19 -25.89
CA VAL L 22 -30.28 18.74 -24.50
C VAL L 22 -31.52 17.97 -24.10
N LEU L 23 -31.31 16.91 -23.30
CA LEU L 23 -32.38 16.08 -22.78
C LEU L 23 -31.91 15.45 -21.48
N ARG L 24 -32.87 14.93 -20.71
CA ARG L 24 -32.58 14.32 -19.42
C ARG L 24 -33.48 13.11 -19.18
N ASP L 25 -32.86 11.99 -18.79
CA ASP L 25 -33.53 10.98 -17.97
C ASP L 25 -32.47 10.11 -17.32
N ASN L 26 -32.52 10.02 -15.98
CA ASN L 26 -31.41 9.42 -15.24
C ASN L 26 -31.52 7.90 -15.17
N ILE L 27 -32.72 7.38 -14.89
CA ILE L 27 -32.85 5.97 -14.59
C ILE L 27 -32.43 5.10 -15.76
N GLN L 28 -32.62 5.59 -16.98
CA GLN L 28 -32.19 4.86 -18.18
C GLN L 28 -30.68 4.67 -18.24
N GLY L 29 -29.91 5.34 -17.38
CA GLY L 29 -28.49 5.09 -17.34
C GLY L 29 -28.14 3.63 -17.08
N ILE L 30 -28.99 2.92 -16.35
CA ILE L 30 -28.99 1.46 -16.41
C ILE L 30 -29.73 1.04 -17.67
N THR L 31 -29.02 0.39 -18.58
CA THR L 31 -29.54 0.11 -19.92
C THR L 31 -29.35 -1.35 -20.29
N LYS L 32 -30.10 -1.74 -21.32
CA LYS L 32 -30.23 -3.15 -21.70
C LYS L 32 -28.90 -3.89 -21.78
N PRO L 33 -27.86 -3.35 -22.41
CA PRO L 33 -26.56 -4.06 -22.38
C PRO L 33 -26.04 -4.38 -20.98
N ALA L 34 -26.18 -3.45 -20.04
CA ALA L 34 -25.71 -3.74 -18.68
C ALA L 34 -26.57 -4.80 -18.00
N ILE L 35 -27.89 -4.69 -18.13
CA ILE L 35 -28.78 -5.68 -17.55
C ILE L 35 -28.49 -7.06 -18.16
N ARG L 36 -28.28 -7.10 -19.47
CA ARG L 36 -27.86 -8.31 -20.15
C ARG L 36 -26.57 -8.88 -19.55
N ARG L 37 -25.56 -8.05 -19.38
CA ARG L 37 -24.32 -8.51 -18.76
C ARG L 37 -24.56 -9.10 -17.38
N LEU L 38 -25.34 -8.42 -16.55
CA LEU L 38 -25.65 -8.93 -15.23
C LEU L 38 -26.36 -10.28 -15.30
N ALA L 39 -27.40 -10.38 -16.13
CA ALA L 39 -28.11 -11.64 -16.28
C ALA L 39 -27.19 -12.76 -16.75
N ARG L 40 -26.30 -12.45 -17.69
CA ARG L 40 -25.37 -13.46 -18.18
C ARG L 40 -24.43 -13.90 -17.07
N ARG L 41 -23.95 -12.95 -16.27
CA ARG L 41 -23.22 -13.32 -15.06
C ARG L 41 -24.08 -14.20 -14.16
N GLY L 42 -25.36 -13.87 -14.05
CA GLY L 42 -26.29 -14.71 -13.33
C GLY L 42 -26.70 -15.96 -14.07
N GLY L 43 -25.96 -16.33 -15.11
CA GLY L 43 -26.21 -17.59 -15.78
C GLY L 43 -27.49 -17.65 -16.59
N VAL L 44 -28.18 -16.52 -16.75
CA VAL L 44 -29.42 -16.52 -17.50
C VAL L 44 -29.15 -16.76 -18.97
N LYS L 45 -30.07 -17.47 -19.63
CA LYS L 45 -29.96 -17.72 -21.07
C LYS L 45 -30.65 -16.63 -21.89
N ARG L 46 -31.94 -16.42 -21.64
CA ARG L 46 -32.73 -15.49 -22.43
C ARG L 46 -33.64 -14.71 -21.50
N ILE L 47 -34.05 -13.51 -21.94
CA ILE L 47 -34.87 -12.63 -21.12
C ILE L 47 -35.87 -11.91 -21.99
N SER L 48 -37.08 -11.73 -21.47
CA SER L 48 -38.06 -10.87 -22.11
C SER L 48 -37.71 -9.41 -21.87
N GLY L 49 -38.07 -8.56 -22.83
CA GLY L 49 -37.79 -7.14 -22.68
C GLY L 49 -38.43 -6.51 -21.46
N LEU L 50 -39.56 -7.05 -21.02
CA LEU L 50 -40.25 -6.49 -19.85
C LEU L 50 -39.34 -6.45 -18.64
N ILE L 51 -38.40 -7.39 -18.55
CA ILE L 51 -37.52 -7.47 -17.39
C ILE L 51 -36.74 -6.17 -17.19
N TYR L 52 -36.42 -5.46 -18.27
CA TYR L 52 -35.55 -4.30 -18.12
C TYR L 52 -36.15 -3.22 -17.24
N GLU L 53 -37.39 -2.83 -17.51
CA GLU L 53 -38.02 -1.87 -16.61
C GLU L 53 -38.29 -2.48 -15.25
N GLU L 54 -38.66 -3.75 -15.21
CA GLU L 54 -38.99 -4.38 -13.93
C GLU L 54 -37.79 -4.38 -12.99
N THR L 55 -36.64 -4.80 -13.49
CA THR L 55 -35.45 -4.80 -12.65
C THR L 55 -35.07 -3.39 -12.23
N ARG L 56 -35.25 -2.41 -13.12
CA ARG L 56 -34.99 -1.04 -12.71
C ARG L 56 -35.83 -0.66 -11.51
N GLY L 57 -37.10 -1.05 -11.48
CA GLY L 57 -37.89 -0.78 -10.30
C GLY L 57 -37.28 -1.38 -9.07
N VAL L 58 -36.93 -2.66 -9.14
CA VAL L 58 -36.34 -3.33 -8.00
C VAL L 58 -35.08 -2.60 -7.57
N LEU L 59 -34.23 -2.27 -8.54
CA LEU L 59 -32.99 -1.60 -8.20
C LEU L 59 -33.24 -0.30 -7.47
N LYS L 60 -34.19 0.50 -7.95
CA LYS L 60 -34.49 1.74 -7.25
C LYS L 60 -34.85 1.48 -5.80
N VAL L 61 -35.71 0.50 -5.55
CA VAL L 61 -36.12 0.23 -4.18
C VAL L 61 -34.92 -0.14 -3.33
N PHE L 62 -34.01 -0.95 -3.87
CA PHE L 62 -32.85 -1.31 -3.09
C PHE L 62 -32.04 -0.07 -2.76
N LEU L 63 -31.75 0.74 -3.78
CA LEU L 63 -31.03 1.98 -3.53
C LEU L 63 -31.78 2.81 -2.51
N GLU L 64 -33.08 2.93 -2.71
CA GLU L 64 -33.88 3.76 -1.82
C GLU L 64 -33.66 3.36 -0.37
N ASN L 65 -33.75 2.07 -0.08
CA ASN L 65 -33.57 1.66 1.30
C ASN L 65 -32.18 1.97 1.83
N VAL L 66 -31.14 1.58 1.09
CA VAL L 66 -29.80 1.74 1.63
C VAL L 66 -29.42 3.20 1.79
N ILE L 67 -29.83 4.04 0.85
CA ILE L 67 -29.52 5.46 0.98
C ILE L 67 -30.17 6.00 2.22
N ARG L 68 -31.42 5.61 2.47
CA ARG L 68 -32.11 6.11 3.64
C ARG L 68 -31.30 5.85 4.91
N ASP L 69 -30.74 4.65 5.04
CA ASP L 69 -29.87 4.39 6.18
C ASP L 69 -28.60 5.24 6.14
N ALA L 70 -27.91 5.24 5.00
CA ALA L 70 -26.63 5.94 4.94
C ALA L 70 -26.77 7.41 5.31
N VAL L 71 -27.74 8.09 4.72
CA VAL L 71 -27.93 9.50 5.02
C VAL L 71 -28.26 9.67 6.49
N THR L 72 -29.10 8.81 7.03
CA THR L 72 -29.47 8.97 8.43
C THR L 72 -28.26 8.82 9.35
N TYR L 73 -27.29 7.97 9.01
CA TYR L 73 -26.04 8.01 9.74
C TYR L 73 -25.36 9.36 9.64
N THR L 74 -25.20 9.86 8.42
CA THR L 74 -24.38 11.04 8.21
C THR L 74 -24.98 12.27 8.87
N GLU L 75 -26.30 12.39 8.82
CA GLU L 75 -26.95 13.50 9.49
C GLU L 75 -26.88 13.39 11.01
N HIS L 76 -26.90 12.17 11.56
CA HIS L 76 -26.70 12.05 13.00
C HIS L 76 -25.30 12.54 13.40
N ALA L 77 -24.29 12.20 12.63
CA ALA L 77 -22.96 12.74 12.83
C ALA L 77 -22.83 14.19 12.37
N LYS L 78 -23.92 14.84 11.99
CA LYS L 78 -23.88 16.24 11.57
C LYS L 78 -22.88 16.47 10.45
N ARG L 79 -22.66 15.46 9.63
CA ARG L 79 -21.75 15.57 8.50
C ARG L 79 -22.44 16.35 7.39
N LYS L 80 -21.64 16.81 6.42
CA LYS L 80 -22.16 17.11 5.10
C LYS L 80 -21.79 16.06 4.06
N THR L 81 -20.87 15.16 4.38
CA THR L 81 -20.31 14.20 3.43
C THR L 81 -20.70 12.79 3.85
N VAL L 82 -21.25 12.02 2.92
CA VAL L 82 -21.45 10.60 3.14
C VAL L 82 -20.10 9.90 2.99
N THR L 83 -19.74 9.08 3.97
CA THR L 83 -18.53 8.29 3.90
C THR L 83 -18.84 6.84 3.56
N ALA L 84 -17.80 6.14 3.08
CA ALA L 84 -17.87 4.70 2.90
C ALA L 84 -18.14 3.95 4.19
N MET L 85 -17.66 4.48 5.31
CA MET L 85 -17.97 3.87 6.61
C MET L 85 -19.47 3.87 6.89
N ASP L 86 -20.13 5.01 6.67
CA ASP L 86 -21.56 5.06 6.88
C ASP L 86 -22.28 4.08 5.96
N VAL L 87 -21.87 4.04 4.70
CA VAL L 87 -22.46 3.10 3.75
C VAL L 87 -22.30 1.67 4.24
N VAL L 88 -21.09 1.28 4.62
CA VAL L 88 -20.89 -0.12 4.99
C VAL L 88 -21.62 -0.47 6.28
N TYR L 89 -21.79 0.47 7.21
CA TYR L 89 -22.66 0.20 8.35
C TYR L 89 -24.13 0.04 7.92
N ALA L 90 -24.55 0.81 6.92
CA ALA L 90 -25.88 0.58 6.36
C ALA L 90 -25.99 -0.83 5.78
N LEU L 91 -25.00 -1.25 5.00
CA LEU L 91 -25.02 -2.60 4.46
C LEU L 91 -24.98 -3.66 5.56
N LYS L 92 -24.20 -3.42 6.61
CA LYS L 92 -24.14 -4.38 7.71
C LYS L 92 -25.48 -4.49 8.44
N ARG L 93 -26.29 -3.44 8.42
CA ARG L 93 -27.67 -3.60 8.86
C ARG L 93 -28.54 -4.30 7.82
N GLN L 94 -28.41 -3.92 6.55
CA GLN L 94 -29.29 -4.45 5.51
C GLN L 94 -29.12 -5.95 5.33
N GLY L 95 -27.88 -6.40 5.17
CA GLY L 95 -27.63 -7.80 4.89
C GLY L 95 -28.03 -8.71 6.03
N ARG L 96 -27.87 -8.26 7.27
CA ARG L 96 -28.32 -9.05 8.41
C ARG L 96 -29.83 -9.01 8.52
N THR L 97 -30.45 -7.88 8.19
CA THR L 97 -31.91 -7.81 8.15
C THR L 97 -32.46 -8.50 6.91
N LEU L 98 -31.68 -8.55 5.84
CA LEU L 98 -31.99 -9.41 4.70
C LEU L 98 -31.94 -10.87 5.11
N LYS M 16 -42.71 14.16 42.86
CA LYS M 16 -43.57 13.33 42.02
C LYS M 16 -42.77 12.63 40.92
N THR M 17 -43.18 11.42 40.60
CA THR M 17 -42.40 10.56 39.71
C THR M 17 -42.14 11.21 38.36
N ARG M 18 -40.94 10.97 37.83
CA ARG M 18 -40.54 11.51 36.53
C ARG M 18 -41.59 11.25 35.47
N SER M 19 -42.16 10.05 35.44
CA SER M 19 -43.22 9.74 34.49
C SER M 19 -44.35 10.76 34.57
N SER M 20 -44.78 11.06 35.79
CA SER M 20 -45.86 12.03 35.98
C SER M 20 -45.42 13.44 35.57
N ARG M 21 -44.15 13.78 35.75
CA ARG M 21 -43.69 15.10 35.36
C ARG M 21 -43.65 15.24 33.84
N ALA M 22 -43.20 14.18 33.16
CA ALA M 22 -43.27 14.14 31.70
C ALA M 22 -44.68 13.90 31.21
N GLY M 23 -45.54 13.29 32.02
CA GLY M 23 -46.90 13.02 31.62
C GLY M 23 -47.10 11.71 30.91
N LEU M 24 -46.35 10.67 31.28
CA LEU M 24 -46.35 9.40 30.58
C LEU M 24 -46.78 8.30 31.53
N GLN M 25 -47.37 7.24 30.98
CA GLN M 25 -47.68 6.06 31.78
C GLN M 25 -46.46 5.21 32.06
N PHE M 26 -45.64 4.96 31.04
CA PHE M 26 -44.54 4.00 31.21
C PHE M 26 -43.53 4.49 32.24
N PRO M 27 -42.91 3.55 32.97
CA PRO M 27 -42.06 3.91 34.12
C PRO M 27 -40.67 4.39 33.71
N VAL M 28 -40.47 5.70 33.69
CA VAL M 28 -39.17 6.23 33.28
C VAL M 28 -38.06 5.70 34.17
N GLY M 29 -38.33 5.59 35.47
CA GLY M 29 -37.33 5.04 36.38
C GLY M 29 -36.93 3.62 35.99
N ARG M 30 -37.93 2.77 35.77
CA ARG M 30 -37.66 1.41 35.32
C ARG M 30 -36.81 1.40 34.06
N VAL M 31 -37.21 2.19 33.07
CA VAL M 31 -36.46 2.26 31.81
C VAL M 31 -35.01 2.62 32.07
N HIS M 32 -34.77 3.69 32.84
CA HIS M 32 -33.40 4.12 33.10
C HIS M 32 -32.61 3.04 33.83
N ARG M 33 -33.22 2.41 34.83
CA ARG M 33 -32.58 1.31 35.53
C ARG M 33 -32.19 0.19 34.57
N LEU M 34 -33.10 -0.20 33.69
CA LEU M 34 -32.80 -1.26 32.74
C LEU M 34 -31.68 -0.85 31.79
N LEU M 35 -31.74 0.39 31.31
CA LEU M 35 -30.69 0.89 30.42
C LEU M 35 -29.33 0.80 31.08
N ARG M 36 -29.21 1.27 32.32
CA ARG M 36 -27.91 1.19 32.99
C ARG M 36 -27.50 -0.26 33.23
N LYS M 37 -28.44 -1.09 33.67
CA LYS M 37 -28.12 -2.50 33.90
C LYS M 37 -27.76 -3.22 32.61
N GLY M 38 -28.31 -2.77 31.49
CA GLY M 38 -27.91 -3.33 30.22
C GLY M 38 -26.59 -2.83 29.68
N ASN M 39 -25.98 -1.86 30.37
CA ASN M 39 -24.66 -1.34 30.02
C ASN M 39 -24.56 -1.02 28.53
N TYR M 40 -25.68 -0.61 27.93
CA TYR M 40 -25.67 -0.29 26.51
C TYR M 40 -24.71 0.85 26.19
N ALA M 41 -24.30 1.61 27.20
CA ALA M 41 -23.21 2.56 27.09
C ALA M 41 -22.61 2.78 28.47
N GLU M 42 -21.47 3.46 28.49
CA GLU M 42 -20.91 3.89 29.77
C GLU M 42 -21.87 4.80 30.51
N ARG M 43 -22.62 5.63 29.79
CA ARG M 43 -23.35 6.74 30.37
C ARG M 43 -24.65 6.89 29.61
N VAL M 44 -25.67 7.45 30.27
CA VAL M 44 -26.96 7.67 29.64
C VAL M 44 -27.48 9.06 29.99
N GLY M 45 -27.82 9.84 28.97
CA GLY M 45 -28.39 11.17 29.20
C GLY M 45 -29.83 11.08 29.65
N ALA M 46 -30.19 11.96 30.59
CA ALA M 46 -31.50 11.88 31.23
C ALA M 46 -32.66 12.02 30.25
N GLY M 47 -32.44 12.63 29.08
CA GLY M 47 -33.48 12.70 28.08
C GLY M 47 -33.76 11.36 27.41
N ALA M 48 -32.77 10.48 27.37
CA ALA M 48 -32.96 9.21 26.65
C ALA M 48 -34.10 8.41 27.23
N PRO M 49 -34.18 8.15 28.54
CA PRO M 49 -35.24 7.27 29.02
C PRO M 49 -36.62 7.85 28.87
N VAL M 50 -36.79 9.17 29.01
CA VAL M 50 -38.10 9.76 28.79
C VAL M 50 -38.48 9.67 27.32
N TYR M 51 -37.53 9.87 26.41
CA TYR M 51 -37.84 9.77 24.99
C TYR M 51 -38.24 8.34 24.62
N LEU M 52 -37.51 7.37 25.18
CA LEU M 52 -37.85 5.97 24.96
C LEU M 52 -39.23 5.63 25.50
N ALA M 53 -39.53 6.10 26.71
CA ALA M 53 -40.87 5.91 27.25
C ALA M 53 -41.92 6.50 26.31
N ALA M 54 -41.69 7.71 25.82
CA ALA M 54 -42.70 8.34 24.98
C ALA M 54 -42.97 7.51 23.73
N VAL M 55 -41.91 7.03 23.08
CA VAL M 55 -42.12 6.23 21.87
C VAL M 55 -42.78 4.90 22.20
N LEU M 56 -42.48 4.31 23.36
CA LEU M 56 -43.19 3.10 23.75
C LEU M 56 -44.66 3.38 24.01
N GLU M 57 -44.97 4.52 24.61
CA GLU M 57 -46.35 4.94 24.75
C GLU M 57 -47.04 4.95 23.40
N TYR M 58 -46.48 5.70 22.46
CA TYR M 58 -47.13 5.84 21.16
C TYR M 58 -47.33 4.49 20.47
N LEU M 59 -46.27 3.68 20.42
CA LEU M 59 -46.35 2.39 19.74
C LEU M 59 -47.38 1.49 20.41
N THR M 60 -47.39 1.43 21.74
CA THR M 60 -48.36 0.58 22.42
C THR M 60 -49.78 1.08 22.17
N ALA M 61 -49.98 2.39 22.20
CA ALA M 61 -51.31 2.93 21.93
C ALA M 61 -51.77 2.52 20.53
N GLU M 62 -50.89 2.66 19.55
CA GLU M 62 -51.25 2.33 18.18
C GLU M 62 -51.67 0.88 18.04
N ILE M 63 -50.87 -0.03 18.60
CA ILE M 63 -51.22 -1.45 18.51
C ILE M 63 -52.51 -1.75 19.26
N LEU M 64 -52.67 -1.21 20.47
CA LEU M 64 -53.88 -1.49 21.24
C LEU M 64 -55.13 -1.00 20.50
N GLU M 65 -55.07 0.24 19.99
CA GLU M 65 -56.20 0.79 19.26
C GLU M 65 -56.54 -0.09 18.07
N LEU M 66 -55.52 -0.50 17.31
CA LEU M 66 -55.80 -1.30 16.13
C LEU M 66 -56.43 -2.64 16.52
N ALA M 67 -55.88 -3.30 17.54
CA ALA M 67 -56.40 -4.59 17.95
C ALA M 67 -57.83 -4.50 18.47
N GLY M 68 -58.20 -3.39 19.12
CA GLY M 68 -59.53 -3.30 19.70
C GLY M 68 -60.64 -3.52 18.68
N ASN M 69 -60.41 -3.06 17.44
CA ASN M 69 -61.42 -3.23 16.41
C ASN M 69 -61.72 -4.70 16.17
N ALA M 70 -60.70 -5.55 16.17
CA ALA M 70 -60.93 -6.98 15.94
C ALA M 70 -61.76 -7.59 17.06
N ALA M 71 -61.55 -7.14 18.29
CA ALA M 71 -62.39 -7.59 19.40
C ALA M 71 -63.83 -7.17 19.22
N ARG M 72 -64.05 -5.93 18.76
CA ARG M 72 -65.40 -5.49 18.44
C ARG M 72 -66.01 -6.34 17.33
N ASP M 73 -65.23 -6.65 16.29
CA ASP M 73 -65.71 -7.46 15.18
C ASP M 73 -66.16 -8.84 15.63
N ASN M 74 -65.39 -9.48 16.52
CA ASN M 74 -65.82 -10.74 17.11
C ASN M 74 -66.83 -10.56 18.22
N LYS M 75 -67.23 -9.33 18.54
CA LYS M 75 -68.20 -9.07 19.60
C LYS M 75 -67.73 -9.68 20.92
N LYS M 76 -66.48 -9.38 21.28
CA LYS M 76 -65.92 -9.76 22.56
C LYS M 76 -65.42 -8.50 23.25
N THR M 77 -65.51 -8.50 24.58
CA THR M 77 -64.93 -7.39 25.33
C THR M 77 -63.44 -7.58 25.58
N ARG M 78 -62.94 -8.81 25.48
CA ARG M 78 -61.60 -9.16 25.91
C ARG M 78 -60.70 -9.33 24.69
N ILE M 79 -59.56 -8.64 24.68
CA ILE M 79 -58.60 -8.79 23.60
C ILE M 79 -57.90 -10.14 23.72
N ILE M 80 -57.82 -10.85 22.60
CA ILE M 80 -57.32 -12.22 22.57
C ILE M 80 -56.29 -12.31 21.44
N PRO M 81 -55.23 -13.11 21.59
CA PRO M 81 -54.11 -13.05 20.62
C PRO M 81 -54.53 -13.07 19.16
N ARG M 82 -55.56 -13.82 18.81
CA ARG M 82 -56.10 -13.76 17.45
C ARG M 82 -56.29 -12.33 16.99
N HIS M 83 -56.84 -11.48 17.85
CA HIS M 83 -57.02 -10.08 17.51
C HIS M 83 -55.69 -9.41 17.22
N LEU M 84 -54.68 -9.69 18.04
CA LEU M 84 -53.38 -9.08 17.83
C LEU M 84 -52.77 -9.50 16.49
N GLN M 85 -52.89 -10.78 16.16
CA GLN M 85 -52.40 -11.26 14.88
C GLN M 85 -53.10 -10.54 13.74
N LEU M 86 -54.44 -10.51 13.78
CA LEU M 86 -55.19 -9.85 12.71
C LEU M 86 -54.79 -8.39 12.57
N ALA M 87 -54.66 -7.68 13.69
CA ALA M 87 -54.25 -6.28 13.65
C ALA M 87 -52.86 -6.12 13.02
N VAL M 88 -51.89 -6.90 13.50
CA VAL M 88 -50.52 -6.76 13.01
C VAL M 88 -50.43 -7.06 11.53
N ARG M 89 -51.13 -8.09 11.06
CA ARG M 89 -51.11 -8.41 9.65
C ARG M 89 -51.90 -7.41 8.81
N ASN M 90 -52.93 -6.81 9.39
CA ASN M 90 -53.69 -5.78 8.68
C ASN M 90 -52.81 -4.57 8.35
N ASP M 91 -52.09 -4.04 9.34
CA ASP M 91 -51.31 -2.83 9.08
C ASP M 91 -49.99 -3.15 8.42
N GLU M 92 -49.74 -2.52 7.27
CA GLU M 92 -48.55 -2.80 6.49
C GLU M 92 -47.27 -2.37 7.20
N GLU M 93 -47.32 -1.29 7.98
CA GLU M 93 -46.14 -0.85 8.71
C GLU M 93 -45.88 -1.71 9.95
N LEU M 94 -46.94 -2.15 10.64
CA LEU M 94 -46.75 -3.13 11.69
C LEU M 94 -46.20 -4.44 11.13
N ASN M 95 -46.74 -4.88 9.99
CA ASN M 95 -46.22 -6.10 9.38
C ASN M 95 -44.77 -5.91 8.91
N LYS M 96 -44.43 -4.71 8.47
CA LYS M 96 -43.03 -4.41 8.17
C LYS M 96 -42.16 -4.51 9.42
N LEU M 97 -42.67 -4.00 10.54
CA LEU M 97 -41.94 -4.10 11.81
C LEU M 97 -41.82 -5.54 12.27
N LEU M 98 -42.83 -6.37 12.02
CA LEU M 98 -42.94 -7.67 12.66
C LEU M 98 -42.90 -8.81 11.65
N GLY M 99 -42.24 -8.58 10.51
CA GLY M 99 -42.23 -9.59 9.46
C GLY M 99 -41.53 -10.86 9.89
N ARG M 100 -40.44 -10.73 10.67
CA ARG M 100 -39.68 -11.87 11.14
C ARG M 100 -40.24 -12.49 12.40
N VAL M 101 -41.45 -12.07 12.81
CA VAL M 101 -41.95 -12.29 14.16
C VAL M 101 -43.21 -13.14 14.08
N THR M 102 -43.35 -14.07 15.01
CA THR M 102 -44.54 -14.87 15.13
C THR M 102 -45.18 -14.69 16.49
N ILE M 103 -46.51 -14.82 16.52
CA ILE M 103 -47.30 -14.67 17.74
C ILE M 103 -47.89 -16.03 18.09
N ALA M 104 -47.55 -16.53 19.27
CA ALA M 104 -48.05 -17.82 19.72
C ALA M 104 -49.58 -17.83 19.72
N GLN M 105 -50.15 -18.92 19.20
CA GLN M 105 -51.59 -19.13 19.17
C GLN M 105 -52.33 -18.01 18.43
N GLY M 106 -51.62 -17.26 17.58
CA GLY M 106 -52.25 -16.21 16.81
C GLY M 106 -53.01 -16.68 15.58
N GLY M 107 -52.73 -17.90 15.13
CA GLY M 107 -53.23 -18.38 13.86
C GLY M 107 -52.61 -17.65 12.68
N VAL M 108 -53.28 -17.74 11.54
CA VAL M 108 -52.87 -17.09 10.31
C VAL M 108 -54.00 -16.28 9.72
N LEU M 109 -53.64 -15.22 9.01
CA LEU M 109 -54.62 -14.37 8.35
C LEU M 109 -55.34 -15.17 7.26
N PRO M 110 -56.68 -15.27 7.30
CA PRO M 110 -57.38 -16.04 6.27
C PRO M 110 -57.25 -15.41 4.89
N ASN M 111 -56.65 -16.17 3.96
CA ASN M 111 -56.62 -15.76 2.57
C ASN M 111 -56.38 -16.99 1.70
N ILE M 112 -56.97 -16.96 0.49
CA ILE M 112 -56.89 -18.06 -0.46
C ILE M 112 -56.57 -17.51 -1.83
N GLN M 113 -55.65 -18.16 -2.53
CA GLN M 113 -55.29 -17.75 -3.88
C GLN M 113 -56.46 -17.99 -4.84
N SER M 114 -56.80 -16.95 -5.61
CA SER M 114 -58.03 -16.96 -6.40
C SER M 114 -58.05 -18.11 -7.39
N VAL M 115 -56.88 -18.54 -7.88
CA VAL M 115 -56.82 -19.65 -8.82
C VAL M 115 -57.47 -20.91 -8.23
N LEU M 116 -57.43 -21.05 -6.91
CA LEU M 116 -57.99 -22.26 -6.30
C LEU M 116 -59.52 -22.23 -6.30
N LEU M 117 -60.12 -21.06 -6.40
CA LEU M 117 -61.56 -20.94 -6.26
C LEU M 117 -62.26 -21.37 -7.56
N PRO M 118 -63.47 -21.92 -7.47
CA PRO M 118 -64.16 -22.42 -8.66
C PRO M 118 -64.53 -21.30 -9.64
N GLU N 33 -41.43 -9.53 36.67
CA GLU N 33 -41.48 -8.11 36.33
C GLU N 33 -42.25 -7.91 35.02
N SER N 34 -43.16 -6.94 35.02
CA SER N 34 -44.11 -6.83 33.93
C SER N 34 -44.46 -5.37 33.69
N TYR N 35 -44.94 -5.11 32.48
CA TYR N 35 -45.48 -3.82 32.09
C TYR N 35 -47.00 -3.78 32.18
N ALA N 36 -47.62 -4.90 32.56
CA ALA N 36 -49.05 -5.10 32.37
C ALA N 36 -49.88 -3.96 32.93
N ILE N 37 -49.52 -3.45 34.10
CA ILE N 37 -50.29 -2.35 34.69
C ILE N 37 -50.30 -1.15 33.74
N TYR N 38 -49.20 -0.91 33.06
CA TYR N 38 -49.17 0.19 32.09
C TYR N 38 -49.96 -0.14 30.84
N VAL N 39 -49.97 -1.41 30.45
CA VAL N 39 -50.85 -1.83 29.37
C VAL N 39 -52.31 -1.56 29.73
N TYR N 40 -52.70 -1.87 30.97
CA TYR N 40 -54.04 -1.50 31.43
C TYR N 40 -54.25 0.00 31.34
N LYS N 41 -53.28 0.77 31.83
CA LYS N 41 -53.43 2.23 31.79
C LYS N 41 -53.76 2.72 30.39
N VAL N 42 -52.97 2.29 29.40
CA VAL N 42 -53.22 2.77 28.04
C VAL N 42 -54.47 2.16 27.44
N LEU N 43 -54.71 0.87 27.67
CA LEU N 43 -55.90 0.23 27.12
C LEU N 43 -57.16 0.94 27.60
N LYS N 44 -57.27 1.14 28.91
CA LYS N 44 -58.44 1.83 29.46
C LYS N 44 -58.44 3.30 29.07
N GLN N 45 -57.29 3.89 28.74
CA GLN N 45 -57.32 5.22 28.19
C GLN N 45 -57.97 5.24 26.81
N VAL N 46 -57.66 4.24 25.98
CA VAL N 46 -58.10 4.24 24.59
C VAL N 46 -59.37 3.42 24.38
N HIS N 47 -59.51 2.30 25.09
CA HIS N 47 -60.71 1.45 24.99
C HIS N 47 -61.23 1.10 26.38
N PRO N 48 -61.76 2.10 27.10
CA PRO N 48 -62.11 1.86 28.51
C PRO N 48 -63.13 0.76 28.72
N ASP N 49 -63.90 0.42 27.68
CA ASP N 49 -64.84 -0.69 27.77
C ASP N 49 -64.14 -2.05 27.78
N THR N 50 -63.07 -2.20 27.01
CA THR N 50 -62.53 -3.53 26.74
C THR N 50 -61.70 -4.05 27.92
N GLY N 51 -61.47 -5.36 27.89
CA GLY N 51 -60.44 -5.98 28.68
C GLY N 51 -59.45 -6.76 27.82
N ILE N 52 -58.50 -7.41 28.49
CA ILE N 52 -57.46 -8.18 27.82
C ILE N 52 -57.19 -9.47 28.58
N SER N 53 -56.82 -10.51 27.84
CA SER N 53 -56.39 -11.75 28.45
C SER N 53 -54.94 -11.66 28.91
N SER N 54 -54.63 -12.36 30.01
CA SER N 54 -53.25 -12.48 30.45
C SER N 54 -52.34 -13.05 29.38
N LYS N 55 -52.85 -13.93 28.52
CA LYS N 55 -52.07 -14.41 27.39
C LYS N 55 -51.64 -13.25 26.48
N ALA N 56 -52.57 -12.34 26.21
CA ALA N 56 -52.23 -11.17 25.42
C ALA N 56 -51.30 -10.24 26.16
N MET N 57 -51.45 -10.10 27.48
CA MET N 57 -50.45 -9.34 28.22
C MET N 57 -49.07 -9.96 28.07
N SER N 58 -48.98 -11.29 28.08
CA SER N 58 -47.71 -11.95 27.85
C SER N 58 -47.14 -11.59 26.49
N ILE N 59 -48.00 -11.54 25.49
CA ILE N 59 -47.58 -11.06 24.16
C ILE N 59 -47.03 -9.65 24.25
N MET N 60 -47.82 -8.74 24.80
CA MET N 60 -47.41 -7.34 24.90
C MET N 60 -46.06 -7.22 25.60
N ASN N 61 -45.89 -7.93 26.71
CA ASN N 61 -44.64 -7.85 27.46
C ASN N 61 -43.46 -8.33 26.64
N SER N 62 -43.62 -9.44 25.90
CA SER N 62 -42.52 -9.89 25.06
C SER N 62 -42.26 -8.90 23.92
N PHE N 63 -43.32 -8.32 23.37
CA PHE N 63 -43.16 -7.36 22.29
C PHE N 63 -42.38 -6.14 22.75
N VAL N 64 -42.79 -5.56 23.87
CA VAL N 64 -42.15 -4.35 24.36
C VAL N 64 -40.70 -4.63 24.73
N ASN N 65 -40.43 -5.81 25.32
CA ASN N 65 -39.05 -6.16 25.62
C ASN N 65 -38.24 -6.29 24.34
N ASP N 66 -38.83 -6.87 23.30
CA ASP N 66 -38.15 -6.99 22.02
C ASP N 66 -37.75 -5.62 21.49
N VAL N 67 -38.73 -4.74 21.31
CA VAL N 67 -38.46 -3.46 20.68
C VAL N 67 -37.50 -2.63 21.53
N PHE N 68 -37.61 -2.73 22.85
CA PHE N 68 -36.64 -2.07 23.72
C PHE N 68 -35.24 -2.58 23.47
N GLU N 69 -35.06 -3.90 23.42
CA GLU N 69 -33.72 -4.44 23.21
C GLU N 69 -33.17 -4.02 21.86
N ARG N 70 -34.03 -4.03 20.83
CA ARG N 70 -33.60 -3.63 19.49
C ARG N 70 -33.12 -2.18 19.49
N ILE N 71 -33.93 -1.27 20.01
CA ILE N 71 -33.58 0.14 19.94
C ILE N 71 -32.36 0.42 20.81
N ALA N 72 -32.24 -0.25 21.95
CA ALA N 72 -31.06 -0.06 22.78
C ALA N 72 -29.80 -0.53 22.06
N GLY N 73 -29.84 -1.72 21.47
CA GLY N 73 -28.69 -2.20 20.73
C GLY N 73 -28.29 -1.27 19.59
N GLU N 74 -29.29 -0.69 18.92
CA GLU N 74 -28.97 0.28 17.87
C GLU N 74 -28.31 1.51 18.45
N ALA N 75 -28.84 2.03 19.55
CA ALA N 75 -28.21 3.20 20.16
C ALA N 75 -26.77 2.90 20.58
N SER N 76 -26.53 1.68 21.07
CA SER N 76 -25.16 1.24 21.35
C SER N 76 -24.29 1.33 20.10
N ARG N 77 -24.79 0.82 18.98
CA ARG N 77 -23.99 0.85 17.76
C ARG N 77 -23.68 2.27 17.34
N LEU N 78 -24.69 3.15 17.42
CA LEU N 78 -24.47 4.57 17.10
C LEU N 78 -23.41 5.18 17.99
N ALA N 79 -23.51 4.98 19.31
CA ALA N 79 -22.52 5.55 20.21
C ALA N 79 -21.13 5.02 19.92
N HIS N 80 -21.01 3.72 19.69
CA HIS N 80 -19.71 3.14 19.36
C HIS N 80 -19.14 3.75 18.08
N TYR N 81 -19.96 3.88 17.05
CA TYR N 81 -19.50 4.50 15.81
C TYR N 81 -19.07 5.95 16.01
N ASN N 82 -19.79 6.70 16.84
CA ASN N 82 -19.44 8.10 17.07
C ASN N 82 -18.39 8.28 18.17
N LYS N 83 -17.83 7.18 18.68
CA LYS N 83 -16.82 7.26 19.73
C LYS N 83 -17.31 8.02 20.95
N ARG N 84 -18.61 7.94 21.22
CA ARG N 84 -19.19 8.62 22.36
C ARG N 84 -19.14 7.73 23.60
N SER N 85 -19.00 8.35 24.76
CA SER N 85 -19.12 7.60 26.01
C SER N 85 -20.57 7.44 26.43
N THR N 86 -21.45 8.34 26.03
CA THR N 86 -22.80 8.42 26.57
C THR N 86 -23.83 8.31 25.46
N ILE N 87 -24.95 7.69 25.79
CA ILE N 87 -26.17 7.83 25.00
C ILE N 87 -26.87 9.13 25.36
N THR N 88 -27.58 9.70 24.38
CA THR N 88 -28.44 10.84 24.65
C THR N 88 -29.75 10.68 23.88
N SER N 89 -30.66 11.61 24.16
CA SER N 89 -31.87 11.77 23.34
C SER N 89 -31.57 11.76 21.85
N ARG N 90 -30.45 12.36 21.45
CA ARG N 90 -30.10 12.40 20.03
C ARG N 90 -29.91 11.00 19.46
N GLU N 91 -29.29 10.11 20.23
CA GLU N 91 -29.04 8.76 19.75
C GLU N 91 -30.33 7.98 19.60
N ILE N 92 -31.20 8.02 20.60
CA ILE N 92 -32.46 7.30 20.48
C ILE N 92 -33.32 7.90 19.39
N GLN N 93 -33.36 9.23 19.31
CA GLN N 93 -34.12 9.90 18.28
C GLN N 93 -33.72 9.44 16.89
N THR N 94 -32.42 9.29 16.64
CA THR N 94 -32.01 8.78 15.33
C THR N 94 -32.28 7.29 15.19
N ALA N 95 -31.97 6.50 16.22
CA ALA N 95 -32.17 5.06 16.11
C ALA N 95 -33.62 4.71 15.82
N VAL N 96 -34.55 5.46 16.40
CA VAL N 96 -35.97 5.23 16.10
C VAL N 96 -36.25 5.47 14.62
N ARG N 97 -35.69 6.55 14.06
CA ARG N 97 -35.87 6.81 12.64
C ARG N 97 -35.26 5.72 11.78
N LEU N 98 -34.21 5.07 12.27
CA LEU N 98 -33.70 3.90 11.56
C LEU N 98 -34.66 2.71 11.67
N LEU N 99 -35.09 2.40 12.89
CA LEU N 99 -35.87 1.18 13.11
C LEU N 99 -37.27 1.27 12.52
N LEU N 100 -37.93 2.38 12.70
CA LEU N 100 -39.33 2.44 12.34
C LEU N 100 -39.52 2.84 10.88
N PRO N 101 -40.61 2.37 10.27
CA PRO N 101 -41.04 2.93 8.97
C PRO N 101 -41.62 4.32 9.12
N GLY N 102 -41.88 4.93 7.96
CA GLY N 102 -42.05 6.36 7.83
C GLY N 102 -43.03 7.01 8.79
N GLU N 103 -44.32 6.71 8.66
CA GLU N 103 -45.32 7.39 9.48
C GLU N 103 -45.12 7.10 10.95
N LEU N 104 -44.96 5.82 11.30
CA LEU N 104 -44.72 5.47 12.69
C LEU N 104 -43.52 6.22 13.24
N ALA N 105 -42.42 6.24 12.48
CA ALA N 105 -41.23 6.96 12.93
C ALA N 105 -41.53 8.44 13.15
N LYS N 106 -42.19 9.07 12.18
CA LYS N 106 -42.50 10.49 12.27
C LYS N 106 -43.29 10.81 13.53
N HIS N 107 -44.37 10.06 13.75
CA HIS N 107 -45.19 10.31 14.94
C HIS N 107 -44.43 10.00 16.23
N ALA N 108 -43.75 8.86 16.28
CA ALA N 108 -42.97 8.53 17.46
C ALA N 108 -42.00 9.65 17.81
N VAL N 109 -41.27 10.14 16.81
CA VAL N 109 -40.31 11.22 17.03
C VAL N 109 -41.01 12.47 17.54
N SER N 110 -42.18 12.80 16.99
CA SER N 110 -42.92 13.95 17.48
C SER N 110 -43.33 13.75 18.93
N GLU N 111 -43.76 12.55 19.29
CA GLU N 111 -44.17 12.28 20.67
C GLU N 111 -42.98 12.36 21.61
N GLY N 112 -41.85 11.78 21.24
CA GLY N 112 -40.65 11.91 22.04
C GLY N 112 -40.23 13.35 22.24
N THR N 113 -40.33 14.17 21.20
CA THR N 113 -40.01 15.58 21.34
C THR N 113 -40.97 16.27 22.31
N LYS N 114 -42.27 16.02 22.16
CA LYS N 114 -43.26 16.65 23.03
C LYS N 114 -43.06 16.22 24.48
N ALA N 115 -42.69 14.96 24.69
CA ALA N 115 -42.40 14.47 26.04
C ALA N 115 -41.16 15.16 26.59
N VAL N 116 -40.04 15.09 25.89
CA VAL N 116 -38.79 15.59 26.47
C VAL N 116 -38.91 17.09 26.71
N THR N 117 -39.62 17.79 25.84
CA THR N 117 -39.86 19.22 26.04
C THR N 117 -40.66 19.50 27.29
N LYS N 118 -41.81 18.81 27.46
CA LYS N 118 -42.59 18.98 28.68
C LYS N 118 -41.78 18.64 29.92
N TYR N 119 -41.02 17.55 29.88
CA TYR N 119 -40.17 17.20 31.01
C TYR N 119 -39.14 18.28 31.31
N THR N 120 -38.55 18.86 30.26
CA THR N 120 -37.50 19.86 30.47
C THR N 120 -38.09 21.14 31.05
N SER N 121 -39.24 21.57 30.54
CA SER N 121 -39.88 22.76 31.11
C SER N 121 -40.47 22.48 32.47
N ALA N 122 -40.87 21.25 32.74
CA ALA N 122 -41.32 20.86 34.07
C ALA N 122 -41.04 19.37 34.31
N HIS O 40 -74.18 -40.43 -2.19
CA HIS O 40 -73.74 -39.38 -3.09
C HIS O 40 -72.26 -39.07 -2.88
N ARG O 41 -71.72 -38.17 -3.69
CA ARG O 41 -70.38 -37.64 -3.50
C ARG O 41 -70.41 -36.12 -3.61
N TYR O 42 -69.67 -35.45 -2.75
CA TYR O 42 -69.21 -34.10 -3.04
C TYR O 42 -68.20 -34.12 -4.18
N ARG O 43 -68.19 -33.05 -4.97
CA ARG O 43 -67.15 -32.90 -5.97
C ARG O 43 -65.81 -32.67 -5.30
N PRO O 44 -64.74 -33.31 -5.76
CA PRO O 44 -63.45 -33.17 -5.10
C PRO O 44 -62.96 -31.74 -5.09
N GLY O 45 -62.23 -31.38 -4.03
CA GLY O 45 -61.77 -30.04 -3.79
C GLY O 45 -62.73 -29.14 -3.03
N THR O 46 -64.04 -29.39 -3.10
CA THR O 46 -64.95 -28.62 -2.27
C THR O 46 -64.72 -28.91 -0.80
N VAL O 47 -64.54 -30.19 -0.47
CA VAL O 47 -64.18 -30.56 0.90
C VAL O 47 -62.89 -29.86 1.30
N ALA O 48 -61.89 -29.92 0.43
CA ALA O 48 -60.63 -29.24 0.68
C ALA O 48 -60.83 -27.76 0.94
N LEU O 49 -61.56 -27.08 0.05
CA LEU O 49 -61.76 -25.65 0.22
C LEU O 49 -62.42 -25.31 1.54
N ARG O 50 -63.51 -26.01 1.86
CA ARG O 50 -64.22 -25.70 3.10
C ARG O 50 -63.38 -26.02 4.33
N GLU O 51 -62.62 -27.11 4.32
CA GLU O 51 -61.78 -27.40 5.47
C GLU O 51 -60.61 -26.43 5.56
N ILE O 52 -60.11 -25.95 4.43
CA ILE O 52 -59.12 -24.87 4.45
C ILE O 52 -59.68 -23.64 5.14
N ARG O 53 -60.92 -23.28 4.80
CA ARG O 53 -61.55 -22.15 5.47
C ARG O 53 -61.68 -22.39 6.96
N ARG O 54 -62.11 -23.59 7.36
CA ARG O 54 -62.14 -23.95 8.77
C ARG O 54 -60.79 -23.78 9.45
N TYR O 55 -59.74 -24.35 8.86
CA TYR O 55 -58.41 -24.33 9.45
C TYR O 55 -57.74 -22.97 9.39
N GLN O 56 -58.20 -22.06 8.52
CA GLN O 56 -57.73 -20.69 8.62
C GLN O 56 -58.50 -19.90 9.68
N LYS O 57 -59.81 -20.11 9.79
CA LYS O 57 -60.53 -19.34 10.79
C LYS O 57 -60.17 -19.77 12.20
N SER O 58 -59.83 -21.04 12.37
CA SER O 58 -59.32 -21.54 13.64
C SER O 58 -57.88 -21.07 13.86
N THR O 59 -57.44 -21.17 15.12
CA THR O 59 -56.10 -20.80 15.51
C THR O 59 -55.34 -21.93 16.21
N GLU O 60 -56.02 -22.98 16.62
CA GLU O 60 -55.49 -23.90 17.62
C GLU O 60 -54.56 -24.92 16.97
N LEU O 61 -53.77 -25.59 17.83
CA LEU O 61 -52.74 -26.50 17.35
C LEU O 61 -53.34 -27.66 16.58
N LEU O 62 -52.71 -27.98 15.44
CA LEU O 62 -53.18 -29.04 14.56
C LEU O 62 -52.46 -30.36 14.79
N ILE O 63 -51.24 -30.30 15.33
CA ILE O 63 -50.45 -31.48 15.62
C ILE O 63 -50.90 -32.08 16.96
N ARG O 64 -50.82 -33.41 17.05
CA ARG O 64 -51.09 -34.06 18.32
C ARG O 64 -49.95 -33.83 19.30
N LYS O 65 -50.30 -33.53 20.54
CA LYS O 65 -49.32 -33.13 21.54
C LYS O 65 -48.33 -34.25 21.82
N LEU O 66 -48.82 -35.42 22.21
CA LEU O 66 -47.94 -36.49 22.68
C LEU O 66 -46.96 -36.95 21.61
N PRO O 67 -47.38 -37.28 20.39
CA PRO O 67 -46.41 -37.70 19.38
C PRO O 67 -45.26 -36.71 19.21
N PHE O 68 -45.58 -35.42 19.18
CA PHE O 68 -44.56 -34.39 19.07
C PHE O 68 -43.66 -34.34 20.29
N GLN O 69 -44.24 -34.41 21.49
CA GLN O 69 -43.44 -34.39 22.71
C GLN O 69 -42.48 -35.57 22.75
N ARG O 70 -42.95 -36.76 22.38
CA ARG O 70 -42.06 -37.91 22.31
C ARG O 70 -40.99 -37.72 21.24
N LEU O 71 -41.35 -37.15 20.10
CA LEU O 71 -40.37 -36.95 19.04
C LEU O 71 -39.23 -36.05 19.53
N VAL O 72 -39.60 -34.89 20.09
CA VAL O 72 -38.58 -33.97 20.60
C VAL O 72 -37.73 -34.65 21.67
N ARG O 73 -38.36 -35.41 22.56
CA ARG O 73 -37.59 -36.10 23.59
C ARG O 73 -36.61 -37.11 22.99
N GLU O 74 -37.04 -37.83 21.95
CA GLU O 74 -36.18 -38.81 21.31
C GLU O 74 -35.01 -38.15 20.58
N ILE O 75 -35.25 -37.04 19.89
CA ILE O 75 -34.12 -36.34 19.30
C ILE O 75 -33.22 -35.73 20.37
N ALA O 76 -33.80 -35.27 21.48
CA ALA O 76 -32.97 -34.79 22.58
C ALA O 76 -32.08 -35.90 23.12
N GLN O 77 -32.54 -37.15 23.01
CA GLN O 77 -31.73 -38.28 23.41
C GLN O 77 -30.43 -38.40 22.64
N ASP O 78 -30.30 -37.68 21.52
CA ASP O 78 -29.01 -37.60 20.84
C ASP O 78 -28.01 -36.77 21.63
N PHE O 79 -28.45 -35.69 22.26
CA PHE O 79 -27.55 -34.70 22.82
C PHE O 79 -27.09 -35.03 24.23
N LYS O 80 -27.92 -35.68 25.03
CA LYS O 80 -27.56 -36.03 26.40
C LYS O 80 -28.24 -37.33 26.77
N THR O 81 -27.69 -37.99 27.79
CA THR O 81 -28.33 -39.18 28.32
C THR O 81 -29.75 -38.87 28.79
N ASP O 82 -29.95 -37.71 29.40
CA ASP O 82 -31.29 -37.19 29.61
C ASP O 82 -31.22 -35.69 29.78
N LEU O 83 -32.34 -35.03 29.53
CA LEU O 83 -32.57 -33.66 29.97
C LEU O 83 -34.01 -33.53 30.43
N ARG O 84 -34.22 -32.69 31.44
CA ARG O 84 -35.54 -32.49 32.01
C ARG O 84 -36.16 -31.19 31.51
N PHE O 85 -36.23 -31.04 30.19
CA PHE O 85 -36.71 -29.81 29.59
C PHE O 85 -38.16 -29.57 29.95
N GLN O 86 -38.51 -28.30 30.10
CA GLN O 86 -39.82 -27.92 30.62
C GLN O 86 -40.91 -28.04 29.57
N SER O 87 -42.08 -28.50 30.02
CA SER O 87 -43.25 -28.61 29.15
C SER O 87 -43.50 -27.33 28.36
N SER O 88 -43.42 -26.18 29.02
CA SER O 88 -43.60 -24.90 28.33
C SER O 88 -42.63 -24.76 27.17
N ALA O 89 -41.39 -25.22 27.33
CA ALA O 89 -40.46 -25.19 26.22
C ALA O 89 -40.93 -26.09 25.08
N VAL O 90 -41.49 -27.25 25.40
CA VAL O 90 -42.08 -28.10 24.37
C VAL O 90 -43.20 -27.37 23.64
N MET O 91 -44.05 -26.66 24.39
CA MET O 91 -45.12 -25.89 23.75
C MET O 91 -44.56 -24.84 22.82
N ALA O 92 -43.53 -24.12 23.26
CA ALA O 92 -42.91 -23.11 22.41
C ALA O 92 -42.34 -23.73 21.15
N LEU O 93 -41.65 -24.86 21.28
CA LEU O 93 -41.12 -25.55 20.11
C LEU O 93 -42.25 -25.96 19.16
N GLN O 94 -43.35 -26.45 19.71
CA GLN O 94 -44.47 -26.85 18.86
C GLN O 94 -45.03 -25.66 18.09
N GLU O 95 -45.27 -24.55 18.79
CA GLU O 95 -45.77 -23.35 18.13
C GLU O 95 -44.83 -22.89 17.03
N ALA O 96 -43.55 -22.77 17.36
CA ALA O 96 -42.58 -22.27 16.38
C ALA O 96 -42.51 -23.17 15.16
N SER O 97 -42.38 -24.47 15.38
CA SER O 97 -42.25 -25.40 14.26
C SER O 97 -43.51 -25.40 13.41
N GLU O 98 -44.68 -25.39 14.04
CA GLU O 98 -45.92 -25.36 13.29
C GLU O 98 -46.01 -24.11 12.41
N ALA O 99 -45.71 -22.94 12.98
CA ALA O 99 -45.74 -21.72 12.16
C ALA O 99 -44.71 -21.78 11.03
N TYR O 100 -43.53 -22.31 11.31
CA TYR O 100 -42.51 -22.44 10.29
C TYR O 100 -42.98 -23.32 9.13
N LEU O 101 -43.58 -24.45 9.46
CA LEU O 101 -44.09 -25.32 8.41
C LEU O 101 -45.21 -24.66 7.63
N VAL O 102 -46.14 -24.01 8.33
CA VAL O 102 -47.24 -23.35 7.61
C VAL O 102 -46.70 -22.32 6.62
N ALA O 103 -45.71 -21.53 7.05
CA ALA O 103 -45.11 -20.55 6.15
C ALA O 103 -44.45 -21.21 4.95
N LEU O 104 -43.67 -22.27 5.18
CA LEU O 104 -43.06 -22.97 4.05
C LEU O 104 -44.11 -23.57 3.14
N PHE O 105 -45.22 -24.03 3.71
CA PHE O 105 -46.32 -24.55 2.91
C PHE O 105 -46.87 -23.49 1.98
N GLU O 106 -47.22 -22.32 2.52
CA GLU O 106 -47.78 -21.28 1.66
C GLU O 106 -46.76 -20.79 0.63
N ASP O 107 -45.48 -20.79 0.98
CA ASP O 107 -44.43 -20.49 0.02
C ASP O 107 -44.44 -21.48 -1.15
N THR O 108 -44.50 -22.78 -0.85
CA THR O 108 -44.56 -23.74 -1.95
C THR O 108 -45.90 -23.70 -2.66
N ASN O 109 -46.95 -23.24 -1.99
CA ASN O 109 -48.24 -23.08 -2.67
C ASN O 109 -48.11 -22.05 -3.77
N LEU O 110 -47.52 -20.90 -3.44
CA LEU O 110 -47.22 -19.91 -4.46
C LEU O 110 -46.34 -20.50 -5.55
N CYS O 111 -45.33 -21.26 -5.17
CA CYS O 111 -44.45 -21.88 -6.16
C CYS O 111 -45.25 -22.73 -7.15
N ALA O 112 -46.08 -23.64 -6.64
CA ALA O 112 -46.87 -24.51 -7.49
C ALA O 112 -47.83 -23.73 -8.37
N ILE O 113 -48.48 -22.69 -7.81
CA ILE O 113 -49.38 -21.87 -8.59
C ILE O 113 -48.65 -21.22 -9.75
N HIS O 114 -47.47 -20.67 -9.48
CA HIS O 114 -46.66 -20.11 -10.55
C HIS O 114 -46.35 -21.13 -11.63
N ALA O 115 -46.10 -22.38 -11.25
CA ALA O 115 -45.89 -23.44 -12.23
C ALA O 115 -47.17 -23.91 -12.91
N LYS O 116 -48.28 -23.20 -12.72
CA LYS O 116 -49.54 -23.51 -13.42
C LYS O 116 -50.04 -24.92 -13.10
N ARG O 117 -49.90 -25.34 -11.85
CA ARG O 117 -50.56 -26.55 -11.38
C ARG O 117 -50.95 -26.34 -9.93
N VAL O 118 -51.82 -27.22 -9.43
CA VAL O 118 -52.28 -27.15 -8.05
C VAL O 118 -51.76 -28.29 -7.19
N THR O 119 -51.31 -29.39 -7.77
CA THR O 119 -50.69 -30.44 -6.98
C THR O 119 -49.33 -29.99 -6.48
N ILE O 120 -49.14 -30.02 -5.17
CA ILE O 120 -47.83 -29.75 -4.58
C ILE O 120 -46.91 -30.94 -4.81
N MET O 121 -45.67 -30.64 -5.22
CA MET O 121 -44.66 -31.67 -5.45
C MET O 121 -43.41 -31.38 -4.63
N PRO O 122 -42.73 -32.42 -4.15
CA PRO O 122 -41.54 -32.19 -3.30
C PRO O 122 -40.52 -31.25 -3.92
N LYS O 123 -40.32 -31.35 -5.23
CA LYS O 123 -39.41 -30.42 -5.89
C LYS O 123 -39.81 -28.98 -5.61
N ASP O 124 -41.10 -28.72 -5.43
CA ASP O 124 -41.53 -27.37 -5.09
C ASP O 124 -40.98 -26.97 -3.74
N ILE O 125 -40.96 -27.91 -2.79
CA ILE O 125 -40.39 -27.64 -1.47
C ILE O 125 -38.91 -27.35 -1.62
N GLN O 126 -38.21 -28.18 -2.39
CA GLN O 126 -36.77 -28.01 -2.53
C GLN O 126 -36.44 -26.66 -3.15
N LEU O 127 -37.18 -26.26 -4.19
CA LEU O 127 -37.01 -24.93 -4.76
C LEU O 127 -37.28 -23.85 -3.73
N ALA O 128 -38.37 -23.97 -2.99
CA ALA O 128 -38.67 -22.96 -1.98
C ALA O 128 -37.53 -22.80 -0.98
N ARG O 129 -37.02 -23.91 -0.48
CA ARG O 129 -35.88 -23.87 0.45
C ARG O 129 -34.66 -23.24 -0.21
N ARG O 130 -34.40 -23.58 -1.47
CA ARG O 130 -33.28 -22.96 -2.19
C ARG O 130 -33.43 -21.44 -2.26
N ILE O 131 -34.59 -20.96 -2.69
CA ILE O 131 -34.80 -19.53 -2.81
C ILE O 131 -34.72 -18.86 -1.44
N ARG O 132 -35.26 -19.50 -0.42
CA ARG O 132 -35.14 -18.98 0.93
C ARG O 132 -33.70 -19.02 1.44
N GLY O 133 -32.81 -19.71 0.74
CA GLY O 133 -31.43 -19.83 1.17
C GLY O 133 -31.21 -20.87 2.24
N GLU O 134 -32.23 -21.67 2.56
CA GLU O 134 -32.14 -22.67 3.60
C GLU O 134 -31.38 -23.91 3.16
N ARG O 135 -31.07 -24.02 1.87
CA ARG O 135 -30.26 -25.12 1.37
C ARG O 135 -29.01 -24.59 0.68
N VAL P 22 -35.71 -45.78 23.95
CA VAL P 22 -35.36 -45.31 22.61
C VAL P 22 -36.27 -45.97 21.59
N LEU P 23 -36.81 -45.15 20.68
CA LEU P 23 -37.66 -45.67 19.61
C LEU P 23 -37.61 -44.67 18.47
N ARG P 24 -36.76 -44.95 17.47
CA ARG P 24 -36.37 -43.94 16.50
C ARG P 24 -37.47 -43.63 15.49
N ASP P 25 -38.46 -44.49 15.36
CA ASP P 25 -39.58 -44.24 14.44
C ASP P 25 -40.54 -43.16 14.94
N ASN P 26 -40.18 -42.45 16.02
CA ASN P 26 -41.06 -41.44 16.57
C ASN P 26 -41.41 -40.36 15.53
N ILE P 27 -40.53 -40.15 14.56
CA ILE P 27 -40.82 -39.19 13.49
C ILE P 27 -42.05 -39.60 12.68
N GLN P 28 -42.28 -40.90 12.50
CA GLN P 28 -43.50 -41.38 11.89
C GLN P 28 -44.74 -41.10 12.72
N GLY P 29 -44.58 -40.72 13.99
CA GLY P 29 -45.69 -40.20 14.76
C GLY P 29 -46.25 -38.90 14.25
N ILE P 30 -45.50 -38.19 13.41
CA ILE P 30 -46.07 -37.06 12.66
C ILE P 30 -46.94 -37.63 11.56
N THR P 31 -48.25 -37.69 11.82
CA THR P 31 -49.15 -38.49 11.01
C THR P 31 -49.50 -37.82 9.69
N LYS P 32 -49.79 -38.65 8.70
CA LYS P 32 -50.30 -38.19 7.41
C LYS P 32 -51.44 -37.19 7.52
N PRO P 33 -52.53 -37.47 8.25
CA PRO P 33 -53.60 -36.48 8.35
C PRO P 33 -53.24 -35.22 9.11
N ALA P 34 -52.35 -35.29 10.09
CA ALA P 34 -51.91 -34.05 10.73
C ALA P 34 -51.18 -33.16 9.74
N ILE P 35 -50.27 -33.74 8.95
CA ILE P 35 -49.61 -32.99 7.89
C ILE P 35 -50.62 -32.41 6.92
N ARG P 36 -51.63 -33.21 6.55
CA ARG P 36 -52.70 -32.71 5.71
C ARG P 36 -53.38 -31.49 6.32
N ARG P 37 -53.80 -31.60 7.58
CA ARG P 37 -54.45 -30.47 8.25
C ARG P 37 -53.58 -29.23 8.19
N LEU P 38 -52.30 -29.38 8.53
CA LEU P 38 -51.38 -28.25 8.52
C LEU P 38 -51.31 -27.64 7.13
N ALA P 39 -51.17 -28.47 6.11
CA ALA P 39 -51.17 -27.99 4.74
C ALA P 39 -52.47 -27.28 4.38
N ARG P 40 -53.60 -27.72 4.95
CA ARG P 40 -54.84 -27.00 4.71
C ARG P 40 -54.79 -25.62 5.33
N ARG P 41 -54.22 -25.49 6.53
CA ARG P 41 -53.99 -24.15 7.04
C ARG P 41 -53.02 -23.40 6.14
N GLY P 42 -52.07 -24.09 5.54
CA GLY P 42 -51.26 -23.53 4.48
C GLY P 42 -51.97 -23.42 3.13
N GLY P 43 -53.30 -23.53 3.12
CA GLY P 43 -54.08 -23.17 1.96
C GLY P 43 -53.99 -24.10 0.76
N VAL P 44 -53.11 -25.08 0.75
CA VAL P 44 -52.87 -25.84 -0.47
C VAL P 44 -54.05 -26.76 -0.73
N LYS P 45 -54.49 -26.79 -1.99
CA LYS P 45 -55.69 -27.53 -2.35
C LYS P 45 -55.39 -29.02 -2.58
N ARG P 46 -54.27 -29.33 -3.22
CA ARG P 46 -53.98 -30.69 -3.67
C ARG P 46 -52.51 -30.99 -3.46
N ILE P 47 -52.21 -32.18 -2.94
CA ILE P 47 -50.88 -32.49 -2.41
C ILE P 47 -50.49 -33.90 -2.85
N SER P 48 -49.31 -34.01 -3.45
CA SER P 48 -48.79 -35.32 -3.85
C SER P 48 -48.31 -36.11 -2.64
N GLY P 49 -48.50 -37.43 -2.71
CA GLY P 49 -48.22 -38.29 -1.57
C GLY P 49 -46.76 -38.36 -1.16
N LEU P 50 -45.85 -37.89 -2.01
CA LEU P 50 -44.44 -37.87 -1.65
C LEU P 50 -44.15 -36.85 -0.54
N ILE P 51 -44.97 -35.82 -0.43
CA ILE P 51 -44.68 -34.69 0.44
C ILE P 51 -44.56 -35.12 1.89
N TYR P 52 -45.30 -36.17 2.27
CA TYR P 52 -45.31 -36.63 3.66
C TYR P 52 -43.95 -37.08 4.16
N GLU P 53 -42.97 -37.34 3.30
CA GLU P 53 -41.62 -37.62 3.77
C GLU P 53 -40.71 -36.40 3.72
N GLU P 54 -40.81 -35.59 2.68
CA GLU P 54 -40.00 -34.39 2.59
C GLU P 54 -40.29 -33.45 3.76
N THR P 55 -41.57 -33.31 4.10
CA THR P 55 -41.96 -32.53 5.27
C THR P 55 -41.31 -33.06 6.54
N ARG P 56 -41.35 -34.37 6.77
CA ARG P 56 -40.69 -34.92 7.94
C ARG P 56 -39.20 -34.63 7.93
N GLY P 57 -38.57 -34.71 6.77
CA GLY P 57 -37.18 -34.35 6.63
C GLY P 57 -36.84 -32.94 7.10
N VAL P 58 -37.50 -31.96 6.47
CA VAL P 58 -37.24 -30.57 6.81
C VAL P 58 -37.61 -30.31 8.27
N LEU P 59 -38.70 -30.90 8.74
CA LEU P 59 -39.07 -30.73 10.14
C LEU P 59 -37.95 -31.21 11.04
N LYS P 60 -37.42 -32.40 10.77
CA LYS P 60 -36.41 -32.99 11.64
C LYS P 60 -35.17 -32.10 11.68
N VAL P 61 -34.69 -31.66 10.52
CA VAL P 61 -33.47 -30.84 10.52
C VAL P 61 -33.69 -29.50 11.21
N PHE P 62 -34.86 -28.89 11.02
CA PHE P 62 -35.16 -27.65 11.73
C PHE P 62 -35.17 -27.87 13.24
N LEU P 63 -35.90 -28.90 13.68
CA LEU P 63 -35.98 -29.18 15.10
C LEU P 63 -34.60 -29.48 15.67
N GLU P 64 -33.79 -30.23 14.93
CA GLU P 64 -32.44 -30.51 15.37
C GLU P 64 -31.66 -29.22 15.61
N ASN P 65 -31.73 -28.29 14.66
CA ASN P 65 -30.93 -27.08 14.78
C ASN P 65 -31.37 -26.26 16.00
N VAL P 66 -32.68 -26.14 16.20
CA VAL P 66 -33.16 -25.34 17.31
C VAL P 66 -32.85 -26.03 18.63
N ILE P 67 -32.95 -27.36 18.67
CA ILE P 67 -32.59 -28.08 19.89
C ILE P 67 -31.12 -27.86 20.20
N ARG P 68 -30.26 -28.03 19.18
CA ARG P 68 -28.84 -27.87 19.35
C ARG P 68 -28.50 -26.53 20.01
N ASP P 69 -29.12 -25.46 19.51
CA ASP P 69 -28.83 -24.15 20.11
C ASP P 69 -29.45 -24.00 21.50
N ALA P 70 -30.69 -24.46 21.69
CA ALA P 70 -31.31 -24.37 23.00
C ALA P 70 -30.49 -25.11 24.06
N VAL P 71 -30.05 -26.32 23.75
CA VAL P 71 -29.22 -27.09 24.68
C VAL P 71 -27.87 -26.44 24.88
N THR P 72 -27.33 -25.78 23.84
CA THR P 72 -26.09 -25.04 24.05
C THR P 72 -26.28 -23.94 25.10
N TYR P 73 -27.34 -23.15 24.97
CA TYR P 73 -27.63 -22.16 26.00
C TYR P 73 -27.93 -22.79 27.35
N THR P 74 -28.57 -23.95 27.36
CA THR P 74 -28.90 -24.62 28.62
C THR P 74 -27.65 -25.05 29.37
N GLU P 75 -26.70 -25.65 28.67
CA GLU P 75 -25.46 -26.06 29.31
C GLU P 75 -24.52 -24.89 29.56
N HIS P 76 -24.64 -23.79 28.82
CA HIS P 76 -23.96 -22.57 29.21
C HIS P 76 -24.49 -22.05 30.54
N ALA P 77 -25.81 -22.11 30.74
CA ALA P 77 -26.38 -21.90 32.07
C ALA P 77 -26.11 -23.03 33.03
N LYS P 78 -25.41 -24.08 32.58
CA LYS P 78 -24.89 -25.11 33.47
C LYS P 78 -26.00 -25.75 34.29
N ARG P 79 -27.06 -26.19 33.62
CA ARG P 79 -28.23 -26.71 34.28
C ARG P 79 -28.82 -27.84 33.45
N LYS P 80 -29.68 -28.64 34.08
CA LYS P 80 -30.23 -29.85 33.48
C LYS P 80 -31.63 -29.68 32.92
N THR P 81 -32.23 -28.50 33.04
CA THR P 81 -33.55 -28.23 32.47
C THR P 81 -33.45 -27.14 31.43
N VAL P 82 -33.84 -27.45 30.20
CA VAL P 82 -34.09 -26.41 29.20
C VAL P 82 -35.37 -25.66 29.56
N THR P 83 -35.28 -24.33 29.60
CA THR P 83 -36.43 -23.49 29.87
C THR P 83 -37.01 -22.92 28.58
N ALA P 84 -38.19 -22.33 28.70
CA ALA P 84 -38.75 -21.52 27.62
C ALA P 84 -37.79 -20.42 27.20
N MET P 85 -37.06 -19.84 28.15
CA MET P 85 -36.12 -18.78 27.83
C MET P 85 -34.99 -19.29 26.94
N ASP P 86 -34.52 -20.51 27.20
CA ASP P 86 -33.47 -21.09 26.38
C ASP P 86 -33.91 -21.20 24.92
N VAL P 87 -35.11 -21.74 24.68
CA VAL P 87 -35.59 -21.86 23.31
C VAL P 87 -35.86 -20.49 22.70
N VAL P 88 -36.39 -19.56 23.49
CA VAL P 88 -36.63 -18.21 22.97
C VAL P 88 -35.33 -17.58 22.49
N TYR P 89 -34.27 -17.69 23.29
CA TYR P 89 -32.98 -17.17 22.87
C TYR P 89 -32.44 -17.93 21.67
N ALA P 90 -32.58 -19.26 21.64
CA ALA P 90 -32.11 -20.03 20.50
C ALA P 90 -32.76 -19.54 19.22
N LEU P 91 -34.08 -19.37 19.24
CA LEU P 91 -34.78 -18.78 18.10
C LEU P 91 -34.24 -17.39 17.77
N LYS P 92 -34.19 -16.51 18.76
CA LYS P 92 -33.82 -15.13 18.52
C LYS P 92 -32.45 -15.01 17.86
N ARG P 93 -31.47 -15.77 18.35
CA ARG P 93 -30.15 -15.75 17.74
C ARG P 93 -30.08 -16.55 16.44
N GLN P 94 -30.96 -17.54 16.28
CA GLN P 94 -31.06 -18.23 14.99
C GLN P 94 -31.56 -17.29 13.91
N GLY P 95 -32.47 -16.39 14.24
CA GLY P 95 -32.88 -15.35 13.32
C GLY P 95 -34.38 -15.23 13.21
N ARG P 96 -35.09 -15.69 14.24
CA ARG P 96 -36.53 -15.67 14.27
C ARG P 96 -36.97 -15.47 15.71
N THR P 97 -38.10 -14.78 15.89
CA THR P 97 -38.53 -14.40 17.23
C THR P 97 -39.98 -14.78 17.46
N LEU P 98 -40.28 -15.14 18.71
CA LEU P 98 -41.57 -15.66 19.10
C LEU P 98 -42.05 -14.86 20.31
N TYR P 99 -43.26 -14.30 20.21
CA TYR P 99 -43.85 -13.59 21.33
C TYR P 99 -44.69 -14.53 22.19
N GLY P 100 -44.91 -14.10 23.43
CA GLY P 100 -45.37 -14.97 24.49
C GLY P 100 -44.23 -15.63 25.24
N PHE P 101 -44.61 -16.51 26.15
CA PHE P 101 -43.64 -17.25 26.95
C PHE P 101 -42.64 -16.31 27.61
N PRO Q 124 53.78 -29.28 15.33
CA PRO Q 124 52.88 -28.90 16.42
C PRO Q 124 53.52 -29.04 17.80
N THR Q 125 53.13 -28.19 18.73
CA THR Q 125 53.90 -27.95 19.94
C THR Q 125 53.09 -28.12 21.22
N ARG Q 126 51.84 -27.70 21.23
CA ARG Q 126 50.98 -27.79 22.40
C ARG Q 126 49.89 -28.85 22.19
N PHE Q 127 49.64 -29.62 23.24
CA PHE Q 127 48.64 -30.67 23.22
C PHE Q 127 47.89 -30.62 24.55
N SER Q 128 46.56 -30.71 24.48
CA SER Q 128 45.77 -30.73 25.69
C SER Q 128 45.87 -32.07 26.41
N ASN Q 129 45.91 -32.02 27.73
CA ASN Q 129 45.78 -33.23 28.53
C ASN Q 129 44.34 -33.74 28.56
N ARG Q 130 43.38 -32.84 28.42
CA ARG Q 130 41.99 -33.18 28.73
C ARG Q 130 41.49 -34.29 27.82
N GLN Q 131 40.94 -35.33 28.45
CA GLN Q 131 40.44 -36.51 27.74
C GLN Q 131 39.04 -36.26 27.21
N ASN Q 132 38.86 -35.20 26.43
CA ASN Q 132 37.60 -35.01 25.73
C ASN Q 132 37.34 -36.19 24.79
N LYS Q 133 36.07 -36.54 24.65
CA LYS Q 133 35.66 -37.48 23.62
C LYS Q 133 35.99 -36.95 22.23
N THR Q 134 36.02 -37.88 21.27
CA THR Q 134 36.02 -37.51 19.87
C THR Q 134 34.72 -36.82 19.50
N VAL Q 135 34.81 -35.87 18.57
CA VAL Q 135 33.67 -35.06 18.15
C VAL Q 135 33.63 -35.03 16.63
N ASN Q 136 32.42 -35.06 16.08
CA ASN Q 136 32.17 -34.69 14.70
C ASN Q 136 31.68 -33.25 14.63
N TYR Q 137 32.30 -32.45 13.77
CA TYR Q 137 31.85 -31.09 13.49
C TYR Q 137 31.32 -30.93 12.07
N ASN Q 138 31.36 -31.98 11.25
CA ASN Q 138 30.81 -31.88 9.91
C ASN Q 138 29.29 -31.74 9.96
N ILE Q 139 28.77 -30.78 9.20
CA ILE Q 139 27.35 -30.46 9.16
C ILE Q 139 26.79 -30.54 7.74
N ASP Q 140 27.53 -31.14 6.81
CA ASP Q 140 26.94 -31.52 5.53
C ASP Q 140 25.93 -32.64 5.72
N TYR Q 141 24.84 -32.56 4.96
CA TYR Q 141 23.73 -33.49 5.08
C TYR Q 141 22.93 -33.47 3.77
N SER Q 142 22.08 -34.47 3.61
CA SER Q 142 21.31 -34.67 2.38
C SER Q 142 19.82 -34.51 2.65
N ASP Q 143 19.04 -34.66 1.58
CA ASP Q 143 17.57 -34.65 1.66
C ASP Q 143 16.96 -35.85 0.93
N ASP Q 144 17.76 -36.84 0.56
CA ASP Q 144 17.25 -38.03 -0.13
C ASP Q 144 16.39 -38.89 0.77
N ASP Q 145 16.53 -38.77 2.09
CA ASP Q 145 15.56 -39.37 3.01
C ASP Q 145 14.19 -38.71 2.88
N LEU Q 146 14.13 -37.46 2.43
CA LEU Q 146 12.85 -36.78 2.28
C LEU Q 146 12.20 -37.04 0.92
N LEU Q 147 12.99 -37.15 -0.14
CA LEU Q 147 12.46 -37.62 -1.42
C LEU Q 147 12.09 -39.10 -1.34
N GLY Q 178 -15.69 -5.25 -51.27
CA GLY Q 178 -16.66 -4.71 -50.35
C GLY Q 178 -17.02 -3.26 -50.63
N ILE Q 179 -18.25 -2.89 -50.31
CA ILE Q 179 -18.70 -1.51 -50.49
C ILE Q 179 -18.11 -0.66 -49.38
N ASP Q 180 -17.28 0.31 -49.74
CA ASP Q 180 -16.95 1.41 -48.87
C ASP Q 180 -17.89 2.59 -49.13
N ILE Q 181 -17.71 3.67 -48.36
CA ILE Q 181 -18.61 4.81 -48.45
C ILE Q 181 -18.67 5.29 -49.89
N VAL Q 182 -19.89 5.49 -50.39
CA VAL Q 182 -20.10 5.99 -51.74
C VAL Q 182 -19.92 7.50 -51.76
N ILE Q 183 -19.33 7.99 -52.84
CA ILE Q 183 -18.78 9.34 -52.88
C ILE Q 183 -19.79 10.33 -53.42
N ASN Q 184 -20.49 9.97 -54.49
CA ASN Q 184 -21.26 10.93 -55.27
C ASN Q 184 -22.26 10.14 -56.11
N HIS Q 185 -23.21 10.85 -56.70
CA HIS Q 185 -24.24 10.22 -57.51
C HIS Q 185 -24.52 11.06 -58.73
N ARG Q 186 -24.90 10.37 -59.80
CA ARG Q 186 -25.20 11.00 -61.08
C ARG Q 186 -26.30 10.21 -61.77
N LEU Q 187 -27.00 10.88 -62.68
CA LEU Q 187 -28.20 10.32 -63.28
C LEU Q 187 -27.85 9.17 -64.22
N LEU Q 204 -37.88 5.94 -53.84
CA LEU Q 204 -36.65 5.18 -53.87
C LEU Q 204 -36.40 4.60 -55.25
N ASN Q 205 -37.47 4.13 -55.90
CA ASN Q 205 -37.33 3.49 -57.20
C ASN Q 205 -36.86 4.47 -58.27
N ASN Q 206 -37.24 5.74 -58.15
CA ASN Q 206 -36.67 6.77 -59.01
C ASN Q 206 -35.15 6.80 -58.90
N CYS Q 207 -34.63 6.76 -57.67
CA CYS Q 207 -33.19 6.79 -57.48
C CYS Q 207 -32.53 5.53 -58.04
N LYS Q 208 -33.07 4.36 -57.69
CA LYS Q 208 -32.46 3.11 -58.14
C LYS Q 208 -32.44 3.01 -59.66
N GLU Q 209 -33.53 3.42 -60.32
CA GLU Q 209 -33.56 3.35 -61.77
C GLU Q 209 -32.66 4.41 -62.41
N ASN Q 210 -32.82 5.68 -62.01
CA ASN Q 210 -32.14 6.76 -62.71
C ASN Q 210 -30.65 6.81 -62.40
N TYR Q 211 -30.28 6.77 -61.12
CA TYR Q 211 -28.98 7.27 -60.71
C TYR Q 211 -27.91 6.20 -60.71
N GLU Q 212 -26.68 6.65 -60.98
CA GLU Q 212 -25.45 5.91 -60.74
C GLU Q 212 -24.68 6.60 -59.62
N PHE Q 213 -24.18 5.80 -58.68
CA PHE Q 213 -23.40 6.33 -57.58
C PHE Q 213 -21.92 6.08 -57.82
N LEU Q 214 -21.08 6.78 -57.06
CA LEU Q 214 -19.64 6.58 -57.08
C LEU Q 214 -19.21 5.82 -55.82
N ILE Q 215 -18.69 4.62 -56.03
CA ILE Q 215 -18.44 3.66 -54.96
C ILE Q 215 -16.94 3.63 -54.71
N LYS Q 216 -16.56 3.92 -53.45
CA LYS Q 216 -15.27 3.53 -52.94
C LYS Q 216 -15.32 2.07 -52.50
N TRP Q 217 -14.17 1.40 -52.54
CA TRP Q 217 -14.08 -0.02 -52.27
C TRP Q 217 -13.23 -0.28 -51.04
N THR Q 218 -13.70 -1.22 -50.21
CA THR Q 218 -13.16 -1.36 -48.86
C THR Q 218 -11.72 -1.83 -48.86
N ASP Q 219 -11.31 -2.62 -49.86
CA ASP Q 219 -10.02 -3.27 -49.86
C ASP Q 219 -9.11 -2.71 -50.95
N GLU Q 220 -9.43 -1.50 -51.41
CA GLU Q 220 -8.87 -0.93 -52.63
C GLU Q 220 -8.55 0.53 -52.35
N SER Q 221 -7.75 1.11 -53.24
CA SER Q 221 -7.34 2.49 -53.03
C SER Q 221 -8.50 3.44 -53.32
N HIS Q 222 -8.34 4.68 -52.87
CA HIS Q 222 -9.30 5.72 -53.20
C HIS Q 222 -9.34 5.99 -54.70
N LEU Q 223 -8.19 5.87 -55.38
CA LEU Q 223 -8.16 6.03 -56.82
C LEU Q 223 -8.83 4.89 -57.56
N HIS Q 224 -8.99 3.73 -56.93
CA HIS Q 224 -9.70 2.61 -57.55
C HIS Q 224 -11.22 2.76 -57.52
N ASN Q 225 -11.74 3.85 -56.96
CA ASN Q 225 -13.18 4.01 -56.88
C ASN Q 225 -13.79 4.02 -58.28
N THR Q 226 -15.05 3.58 -58.38
CA THR Q 226 -15.69 3.43 -59.68
C THR Q 226 -17.16 3.79 -59.59
N TRP Q 227 -17.70 4.30 -60.69
CA TRP Q 227 -19.14 4.53 -60.80
C TRP Q 227 -19.86 3.21 -61.01
N GLU Q 228 -20.92 2.98 -60.24
CA GLU Q 228 -21.73 1.78 -60.30
C GLU Q 228 -23.17 2.13 -60.01
N THR Q 229 -24.08 1.39 -60.64
CA THR Q 229 -25.50 1.40 -60.28
C THR Q 229 -25.83 0.21 -59.39
N TYR Q 230 -27.07 0.20 -58.89
CA TYR Q 230 -27.57 -0.94 -58.14
C TYR Q 230 -27.43 -2.23 -58.93
N GLU Q 231 -27.85 -2.22 -60.19
CA GLU Q 231 -27.68 -3.39 -61.03
C GLU Q 231 -26.21 -3.65 -61.34
N SER Q 232 -25.40 -2.60 -61.44
CA SER Q 232 -23.97 -2.81 -61.66
C SER Q 232 -23.34 -3.52 -60.47
N ILE Q 233 -23.60 -3.02 -59.26
CA ILE Q 233 -23.01 -3.60 -58.07
C ILE Q 233 -23.65 -4.94 -57.73
N GLY Q 234 -24.94 -5.08 -57.99
CA GLY Q 234 -25.66 -6.28 -57.60
C GLY Q 234 -25.85 -6.34 -56.09
N GLN Q 235 -25.33 -7.40 -55.47
CA GLN Q 235 -25.41 -7.56 -54.02
C GLN Q 235 -24.05 -7.96 -53.49
N VAL Q 236 -23.63 -7.31 -52.40
CA VAL Q 236 -22.30 -7.52 -51.85
C VAL Q 236 -22.28 -6.96 -50.42
N ARG Q 237 -21.31 -7.41 -49.64
CA ARG Q 237 -21.07 -6.89 -48.30
C ARG Q 237 -21.06 -5.37 -48.26
N GLY Q 238 -21.85 -4.80 -47.36
CA GLY Q 238 -21.91 -3.36 -47.14
C GLY Q 238 -23.04 -2.62 -47.82
N LEU Q 239 -23.90 -3.32 -48.56
CA LEU Q 239 -24.85 -2.64 -49.42
C LEU Q 239 -25.75 -1.67 -48.66
N LYS Q 240 -26.05 -1.98 -47.39
CA LYS Q 240 -26.86 -1.06 -46.59
C LYS Q 240 -26.29 0.35 -46.53
N ARG Q 241 -24.97 0.50 -46.58
CA ARG Q 241 -24.40 1.85 -46.55
C ARG Q 241 -24.83 2.63 -47.77
N LEU Q 242 -24.87 1.97 -48.93
CA LEU Q 242 -25.36 2.64 -50.12
C LEU Q 242 -26.82 3.01 -49.95
N ASP Q 243 -27.61 2.09 -49.40
CA ASP Q 243 -29.00 2.41 -49.14
C ASP Q 243 -29.11 3.58 -48.18
N ASN Q 244 -28.25 3.61 -47.16
CA ASN Q 244 -28.31 4.75 -46.25
C ASN Q 244 -27.94 6.04 -46.96
N TYR Q 245 -26.92 5.98 -47.83
CA TYR Q 245 -26.63 7.15 -48.65
C TYR Q 245 -27.80 7.49 -49.54
N CYS Q 246 -28.45 6.46 -50.10
CA CYS Q 246 -29.63 6.72 -50.90
C CYS Q 246 -30.68 7.47 -50.10
N LYS Q 247 -30.94 7.03 -48.86
CA LYS Q 247 -31.89 7.78 -48.05
C LYS Q 247 -31.44 9.21 -47.88
N GLN Q 248 -30.15 9.43 -47.61
CA GLN Q 248 -29.65 10.79 -47.49
C GLN Q 248 -29.93 11.58 -48.77
N PHE Q 249 -29.65 10.97 -49.92
CA PHE Q 249 -29.93 11.67 -51.17
C PHE Q 249 -31.42 11.93 -51.32
N ILE Q 250 -32.26 10.99 -50.91
CA ILE Q 250 -33.69 11.22 -51.01
C ILE Q 250 -34.08 12.41 -50.15
N ILE Q 251 -33.61 12.45 -48.90
CA ILE Q 251 -33.97 13.58 -48.07
C ILE Q 251 -33.34 14.84 -48.63
N GLU Q 252 -32.16 14.72 -49.23
CA GLU Q 252 -31.58 15.87 -49.90
C GLU Q 252 -32.47 16.31 -51.07
N ASP Q 253 -32.83 15.36 -51.93
CA ASP Q 253 -33.68 15.67 -53.08
C ASP Q 253 -35.02 16.26 -52.67
N GLN Q 254 -35.71 15.60 -51.75
CA GLN Q 254 -37.08 15.99 -51.43
C GLN Q 254 -37.13 17.34 -50.74
N GLN Q 255 -36.23 17.58 -49.80
CA GLN Q 255 -36.24 18.88 -49.14
C GLN Q 255 -35.81 19.99 -50.10
N VAL Q 256 -34.92 19.69 -51.05
CA VAL Q 256 -34.55 20.69 -52.04
C VAL Q 256 -35.72 21.02 -52.95
N ARG Q 257 -36.37 20.00 -53.52
CA ARG Q 257 -37.46 20.24 -54.45
C ARG Q 257 -38.74 20.71 -53.77
N LEU Q 258 -39.19 19.98 -52.75
CA LEU Q 258 -40.59 20.08 -52.33
C LEU Q 258 -40.91 21.37 -51.61
N ASP Q 259 -40.12 21.73 -50.59
CA ASP Q 259 -40.68 22.51 -49.50
C ASP Q 259 -40.55 24.01 -49.77
N PRO Q 260 -41.65 24.75 -49.91
CA PRO Q 260 -41.56 26.21 -50.02
C PRO Q 260 -41.15 26.88 -48.72
N TYR Q 261 -41.15 26.15 -47.61
CA TYR Q 261 -40.60 26.62 -46.35
C TYR Q 261 -39.08 26.60 -46.33
N VAL Q 262 -38.44 25.96 -47.32
CA VAL Q 262 -36.99 25.91 -47.43
C VAL Q 262 -36.54 27.02 -48.38
N THR Q 263 -35.59 27.83 -47.95
CA THR Q 263 -35.20 29.03 -48.65
C THR Q 263 -34.14 28.73 -49.72
N ALA Q 264 -33.93 29.71 -50.61
CA ALA Q 264 -32.80 29.65 -51.51
C ALA Q 264 -31.49 29.55 -50.74
N GLU Q 265 -31.39 30.25 -49.61
CA GLU Q 265 -30.18 30.18 -48.80
C GLU Q 265 -29.90 28.75 -48.36
N ASP Q 266 -30.93 28.00 -48.00
CA ASP Q 266 -30.73 26.59 -47.67
C ASP Q 266 -30.18 25.81 -48.84
N ILE Q 267 -30.54 26.19 -50.07
CA ILE Q 267 -29.97 25.55 -51.25
C ILE Q 267 -28.51 25.93 -51.43
N GLU Q 268 -28.16 27.18 -51.11
CA GLU Q 268 -26.75 27.56 -51.08
C GLU Q 268 -25.97 26.74 -50.06
N ILE Q 269 -26.52 26.61 -48.85
CA ILE Q 269 -25.89 25.78 -47.82
C ILE Q 269 -25.74 24.34 -48.28
N MET Q 270 -26.73 23.82 -49.00
CA MET Q 270 -26.65 22.46 -49.53
C MET Q 270 -25.53 22.32 -50.56
N ASP Q 271 -25.44 23.27 -51.49
CA ASP Q 271 -24.31 23.29 -52.42
C ASP Q 271 -22.98 23.42 -51.70
N MET Q 272 -22.93 24.23 -50.64
CA MET Q 272 -21.70 24.35 -49.86
C MET Q 272 -21.33 23.06 -49.14
N GLU Q 273 -22.31 22.29 -48.69
CA GLU Q 273 -22.00 20.98 -48.14
C GLU Q 273 -21.52 20.03 -49.22
N ARG Q 274 -22.19 20.03 -50.38
CA ARG Q 274 -21.79 19.15 -51.46
C ARG Q 274 -20.35 19.40 -51.88
N GLU Q 275 -20.01 20.67 -52.13
CA GLU Q 275 -18.64 21.01 -52.46
C GLU Q 275 -17.67 20.68 -51.33
N ARG Q 276 -18.06 20.94 -50.07
CA ARG Q 276 -17.14 20.68 -48.97
C ARG Q 276 -16.80 19.20 -48.85
N ARG Q 277 -17.78 18.32 -49.07
CA ARG Q 277 -17.47 16.89 -49.13
C ARG Q 277 -16.65 16.54 -50.37
N LEU Q 278 -16.99 17.10 -51.53
CA LEU Q 278 -16.28 16.76 -52.76
C LEU Q 278 -14.82 17.18 -52.70
N ASP Q 279 -14.53 18.30 -52.05
CA ASP Q 279 -13.15 18.78 -51.93
C ASP Q 279 -12.27 17.73 -51.27
N GLU Q 280 -12.64 17.31 -50.07
CA GLU Q 280 -11.91 16.25 -49.37
C GLU Q 280 -11.89 14.96 -50.19
N PHE Q 281 -13.05 14.54 -50.69
CA PHE Q 281 -13.09 13.26 -51.39
C PHE Q 281 -12.27 13.27 -52.68
N GLU Q 282 -11.98 14.44 -53.24
CA GLU Q 282 -11.02 14.53 -54.33
C GLU Q 282 -9.57 14.55 -53.82
N GLU Q 283 -9.30 15.38 -52.81
CA GLU Q 283 -7.93 15.50 -52.31
C GLU Q 283 -7.42 14.20 -51.73
N PHE Q 284 -8.32 13.30 -51.31
CA PHE Q 284 -7.91 11.96 -50.90
C PHE Q 284 -7.22 11.20 -52.02
N HIS Q 285 -7.37 11.64 -53.27
CA HIS Q 285 -6.58 11.07 -54.35
C HIS Q 285 -5.10 11.47 -54.28
N VAL Q 286 -4.79 12.61 -53.69
CA VAL Q 286 -3.42 13.13 -53.75
C VAL Q 286 -2.56 12.35 -52.76
N PRO Q 287 -1.41 11.81 -53.18
CA PRO Q 287 -0.48 11.20 -52.25
C PRO Q 287 0.33 12.25 -51.50
N GLU Q 288 0.74 11.91 -50.28
CA GLU Q 288 1.56 12.83 -49.50
C GLU Q 288 2.84 12.18 -48.99
N ARG Q 289 2.85 10.85 -48.84
CA ARG Q 289 4.04 10.16 -48.35
C ARG Q 289 4.11 8.78 -48.96
N ILE Q 290 5.15 8.53 -49.74
CA ILE Q 290 5.60 7.17 -49.98
C ILE Q 290 6.22 6.63 -48.71
N ILE Q 291 5.72 5.48 -48.24
CA ILE Q 291 6.18 4.89 -46.99
C ILE Q 291 7.33 3.92 -47.26
N ASP Q 292 7.11 2.96 -48.15
CA ASP Q 292 8.00 1.83 -48.30
C ASP Q 292 7.84 1.25 -49.69
N SER Q 293 8.89 0.61 -50.18
CA SER Q 293 8.87 -0.02 -51.49
C SER Q 293 8.81 -1.53 -51.34
N GLN Q 294 8.04 -2.17 -52.22
CA GLN Q 294 7.81 -3.60 -52.16
C GLN Q 294 7.93 -4.17 -53.56
N ARG Q 295 8.31 -5.44 -53.64
CA ARG Q 295 8.27 -6.18 -54.89
C ARG Q 295 7.28 -7.33 -54.75
N ALA Q 296 6.48 -7.53 -55.79
CA ALA Q 296 5.34 -8.43 -55.75
C ALA Q 296 5.44 -9.37 -56.93
N SER Q 297 5.02 -10.62 -56.73
CA SER Q 297 4.92 -11.59 -57.80
C SER Q 297 3.56 -12.28 -57.73
N LEU Q 298 2.98 -12.55 -58.90
CA LEU Q 298 1.56 -12.84 -59.01
C LEU Q 298 1.35 -14.17 -59.72
N GLU Q 299 0.22 -14.81 -59.42
CA GLU Q 299 -0.12 -16.08 -60.06
C GLU Q 299 -0.23 -15.93 -61.56
N ASP Q 300 -0.35 -14.71 -62.06
CA ASP Q 300 -0.18 -14.45 -63.49
C ASP Q 300 1.17 -14.96 -63.99
N GLY Q 301 2.18 -14.99 -63.12
CA GLY Q 301 3.53 -15.25 -63.54
C GLY Q 301 4.32 -14.00 -63.84
N THR Q 302 4.03 -12.92 -63.13
CA THR Q 302 4.56 -11.59 -63.45
C THR Q 302 4.91 -10.90 -62.14
N SER Q 303 5.86 -9.96 -62.22
CA SER Q 303 6.32 -9.25 -61.04
C SER Q 303 6.24 -7.76 -61.25
N GLN Q 304 6.08 -7.04 -60.14
CA GLN Q 304 5.81 -5.61 -60.14
C GLN Q 304 6.52 -4.99 -58.94
N LEU Q 305 6.84 -3.71 -59.07
CA LEU Q 305 7.20 -2.91 -57.91
C LEU Q 305 6.02 -2.05 -57.47
N GLN Q 306 5.97 -1.81 -56.16
CA GLN Q 306 4.83 -1.18 -55.52
C GLN Q 306 5.36 -0.22 -54.46
N TYR Q 307 4.56 0.79 -54.15
CA TYR Q 307 4.78 1.59 -52.95
C TYR Q 307 3.62 1.47 -52.00
N LEU Q 308 3.93 1.33 -50.72
CA LEU Q 308 3.01 1.77 -49.67
C LEU Q 308 2.97 3.29 -49.65
N VAL Q 309 1.78 3.85 -49.77
CA VAL Q 309 1.58 5.28 -49.92
C VAL Q 309 0.46 5.73 -49.00
N LYS Q 310 0.66 6.90 -48.40
CA LYS Q 310 -0.30 7.56 -47.55
C LYS Q 310 -0.91 8.72 -48.31
N TRP Q 311 -2.24 8.84 -48.26
CA TRP Q 311 -2.93 9.91 -48.96
C TRP Q 311 -2.92 11.19 -48.14
N ARG Q 312 -3.09 12.31 -48.86
CA ARG Q 312 -2.76 13.64 -48.37
C ARG Q 312 -3.66 14.14 -47.25
N ARG Q 313 -4.67 13.39 -46.83
CA ARG Q 313 -5.47 13.80 -45.68
C ARG Q 313 -5.85 12.64 -44.78
N LEU Q 314 -5.35 11.44 -45.03
CA LEU Q 314 -5.68 10.25 -44.27
C LEU Q 314 -4.58 9.96 -43.27
N ASN Q 315 -4.89 9.11 -42.30
CA ASN Q 315 -3.86 8.58 -41.41
C ASN Q 315 -3.00 7.56 -42.16
N TYR Q 316 -2.08 6.94 -41.42
CA TYR Q 316 -1.25 5.89 -42.00
C TYR Q 316 -1.99 4.57 -42.05
N ASP Q 317 -2.92 4.33 -41.14
CA ASP Q 317 -4.03 3.45 -41.46
C ASP Q 317 -4.80 4.01 -42.64
N GLU Q 318 -5.27 3.12 -43.51
CA GLU Q 318 -5.82 3.45 -44.81
C GLU Q 318 -4.79 3.98 -45.79
N ALA Q 319 -3.50 3.95 -45.43
CA ALA Q 319 -2.46 3.86 -46.45
C ALA Q 319 -2.60 2.53 -47.20
N THR Q 320 -2.05 2.49 -48.40
CA THR Q 320 -2.23 1.30 -49.23
C THR Q 320 -1.02 1.10 -50.11
N TRP Q 321 -0.79 -0.15 -50.50
CA TRP Q 321 0.06 -0.43 -51.65
C TRP Q 321 -0.60 0.03 -52.94
N GLU Q 322 0.23 0.51 -53.86
CA GLU Q 322 -0.16 0.84 -55.21
C GLU Q 322 0.97 0.48 -56.15
N ASN Q 323 0.61 0.29 -57.42
CA ASN Q 323 1.61 0.01 -58.45
C ASN Q 323 2.56 1.19 -58.62
N ALA Q 324 3.86 0.89 -58.50
CA ALA Q 324 4.89 1.92 -58.55
C ALA Q 324 4.83 2.73 -59.84
N THR Q 325 4.78 2.05 -60.98
CA THR Q 325 4.85 2.75 -62.26
C THR Q 325 3.59 3.55 -62.56
N ASP Q 326 2.60 3.54 -61.69
CA ASP Q 326 1.52 4.51 -61.77
C ASP Q 326 1.85 5.72 -60.91
N ILE Q 327 2.12 5.49 -59.63
CA ILE Q 327 2.29 6.61 -58.71
C ILE Q 327 3.45 7.48 -59.15
N VAL Q 328 4.45 6.89 -59.80
CA VAL Q 328 5.60 7.67 -60.25
C VAL Q 328 5.17 8.74 -61.26
N LYS Q 329 4.17 8.45 -62.08
CA LYS Q 329 3.64 9.44 -63.00
C LYS Q 329 2.56 10.30 -62.37
N LEU Q 330 1.91 9.81 -61.31
CA LEU Q 330 0.97 10.65 -60.59
C LEU Q 330 1.67 11.70 -59.74
N ALA Q 331 2.79 11.36 -59.12
CA ALA Q 331 3.45 12.26 -58.17
C ALA Q 331 4.96 12.09 -58.23
N PRO Q 332 5.58 12.45 -59.35
CA PRO Q 332 7.03 12.25 -59.48
C PRO Q 332 7.81 13.03 -58.44
N GLU Q 333 7.30 14.21 -58.06
CA GLU Q 333 7.90 14.99 -56.98
C GLU Q 333 7.93 14.18 -55.70
N GLN Q 334 6.81 13.57 -55.35
CA GLN Q 334 6.71 12.87 -54.07
C GLN Q 334 7.62 11.65 -54.03
N VAL Q 335 7.65 10.87 -55.12
CA VAL Q 335 8.48 9.68 -55.13
C VAL Q 335 9.97 10.03 -55.14
N LYS Q 336 10.35 11.08 -55.87
CA LYS Q 336 11.75 11.52 -55.82
C LYS Q 336 12.13 12.00 -54.43
N HIS Q 337 11.29 12.86 -53.84
CA HIS Q 337 11.51 13.31 -52.47
C HIS Q 337 11.63 12.14 -51.52
N PHE Q 338 10.78 11.12 -51.71
CA PHE Q 338 10.89 9.92 -50.88
C PHE Q 338 12.25 9.28 -51.06
N GLN Q 339 12.60 8.93 -52.30
CA GLN Q 339 13.74 8.04 -52.44
C GLN Q 339 15.02 8.75 -52.05
N ASN Q 340 15.01 10.08 -52.06
CA ASN Q 340 16.10 10.83 -51.46
C ASN Q 340 16.34 10.40 -50.02
N ARG Q 341 15.26 10.13 -49.28
CA ARG Q 341 15.37 9.84 -47.82
C ARG Q 341 16.18 8.56 -47.54
N GLU Q 342 15.80 7.42 -48.11
CA GLU Q 342 16.62 6.24 -47.89
C GLU Q 342 17.91 6.29 -48.68
N ASN Q 343 17.98 7.13 -49.72
CA ASN Q 343 19.27 7.43 -50.32
C ASN Q 343 20.10 8.36 -49.44
N SER Q 344 19.50 9.02 -48.46
CA SER Q 344 20.23 9.98 -47.66
C SER Q 344 21.18 9.27 -46.69
N LYS Q 345 22.10 10.04 -46.13
CA LYS Q 345 22.99 9.60 -45.07
C LYS Q 345 22.79 10.39 -43.78
N ILE Q 346 21.63 11.00 -43.61
CA ILE Q 346 21.33 11.85 -42.45
C ILE Q 346 20.54 10.98 -41.49
N LEU Q 347 21.24 10.34 -40.55
CA LEU Q 347 20.72 9.16 -39.90
C LEU Q 347 21.34 9.04 -38.51
N PRO Q 348 20.62 8.45 -37.56
CA PRO Q 348 21.21 8.21 -36.24
C PRO Q 348 22.41 7.29 -36.30
N GLN Q 349 22.43 6.37 -37.27
CA GLN Q 349 23.57 5.50 -37.47
C GLN Q 349 24.88 6.29 -37.51
N TYR Q 350 24.84 7.51 -38.05
CA TYR Q 350 26.05 8.28 -38.29
C TYR Q 350 26.06 9.62 -37.55
N SER Q 351 25.16 9.81 -36.58
CA SER Q 351 25.25 10.97 -35.72
C SER Q 351 26.50 10.88 -34.86
N SER Q 352 27.30 11.95 -34.84
CA SER Q 352 28.50 12.01 -34.02
C SER Q 352 28.14 12.32 -32.57
N ASN Q 353 28.39 11.38 -31.67
CA ASN Q 353 28.33 11.64 -30.25
C ASN Q 353 29.49 12.53 -29.80
N TYR Q 354 29.25 13.31 -28.76
CA TYR Q 354 30.26 14.14 -28.11
C TYR Q 354 30.28 13.88 -26.62
N THR Q 355 30.23 12.61 -26.25
CA THR Q 355 30.05 12.22 -24.85
C THR Q 355 31.20 12.73 -23.98
N SER Q 356 32.39 12.92 -24.55
CA SER Q 356 33.48 13.50 -23.79
C SER Q 356 33.23 14.95 -23.46
N GLN Q 357 33.15 15.82 -24.47
CA GLN Q 357 32.67 17.18 -24.26
C GLN Q 357 32.08 17.70 -25.56
N ARG Q 358 31.12 18.60 -25.42
CA ARG Q 358 30.60 19.32 -26.57
C ARG Q 358 31.75 19.98 -27.32
N PRO Q 359 31.71 20.02 -28.65
CA PRO Q 359 32.74 20.73 -29.41
C PRO Q 359 32.63 22.23 -29.25
N ARG Q 360 33.64 22.91 -29.80
CA ARG Q 360 33.67 24.36 -29.79
C ARG Q 360 32.39 24.93 -30.37
N PHE Q 361 31.97 26.07 -29.84
CA PHE Q 361 30.92 26.88 -30.44
C PHE Q 361 31.33 28.34 -30.49
N GLU Q 362 30.96 29.00 -31.60
CA GLU Q 362 31.12 30.44 -31.74
C GLU Q 362 29.90 31.01 -32.43
N LYS Q 363 29.53 32.22 -32.04
CA LYS Q 363 28.24 32.79 -32.43
C LYS Q 363 28.16 32.94 -33.95
N LEU Q 364 27.13 32.35 -34.53
CA LEU Q 364 26.94 32.38 -35.97
C LEU Q 364 26.43 33.75 -36.42
N SER Q 365 27.08 34.31 -37.44
CA SER Q 365 26.83 35.69 -37.84
C SER Q 365 25.60 35.84 -38.73
N VAL Q 366 25.21 34.77 -39.44
CA VAL Q 366 24.17 34.87 -40.45
C VAL Q 366 23.43 33.54 -40.52
N GLN Q 367 22.25 33.57 -41.12
CA GLN Q 367 21.48 32.36 -41.36
C GLN Q 367 22.32 31.32 -42.09
N PRO Q 368 22.62 30.18 -41.47
CA PRO Q 368 23.34 29.11 -42.16
C PRO Q 368 22.61 28.65 -43.41
N PRO Q 369 23.32 28.09 -44.37
CA PRO Q 369 22.69 27.67 -45.64
C PRO Q 369 21.77 26.48 -45.47
N PHE Q 370 21.76 25.83 -44.31
CA PHE Q 370 20.83 24.73 -44.07
C PHE Q 370 19.38 25.18 -44.18
N ILE Q 371 19.10 26.45 -43.92
CA ILE Q 371 17.75 26.90 -43.63
C ILE Q 371 17.21 27.62 -44.85
N LYS Q 372 16.05 27.16 -45.33
CA LYS Q 372 15.59 27.40 -46.69
C LYS Q 372 14.26 28.12 -46.76
N GLY Q 373 13.49 28.13 -45.68
CA GLY Q 373 12.10 28.57 -45.73
C GLY Q 373 11.94 30.06 -45.96
N GLY Q 374 12.99 30.83 -45.79
CA GLY Q 374 12.89 32.28 -45.78
C GLY Q 374 14.08 32.89 -45.06
N GLU Q 375 13.85 34.06 -44.47
CA GLU Q 375 14.88 34.77 -43.74
C GLU Q 375 14.54 34.77 -42.25
N LEU Q 376 15.48 34.29 -41.44
CA LEU Q 376 15.39 34.49 -40.00
C LEU Q 376 15.41 35.97 -39.68
N ARG Q 377 14.61 36.37 -38.71
CA ARG Q 377 14.84 37.65 -38.05
C ARG Q 377 16.16 37.67 -37.31
N ASP Q 378 16.71 38.87 -37.16
CA ASP Q 378 17.91 39.08 -36.35
C ASP Q 378 17.77 38.48 -34.95
N PHE Q 379 16.65 38.77 -34.27
CA PHE Q 379 16.44 38.22 -32.94
C PHE Q 379 16.28 36.72 -32.98
N GLN Q 380 15.67 36.18 -34.04
CA GLN Q 380 15.58 34.73 -34.17
C GLN Q 380 16.97 34.11 -34.26
N LEU Q 381 17.82 34.64 -35.13
CA LEU Q 381 19.20 34.17 -35.20
C LEU Q 381 19.90 34.28 -33.86
N THR Q 382 19.70 35.40 -33.15
CA THR Q 382 20.30 35.54 -31.83
C THR Q 382 19.81 34.46 -30.87
N GLY Q 383 18.52 34.12 -30.95
CA GLY Q 383 18.01 33.01 -30.16
C GLY Q 383 18.67 31.69 -30.50
N ILE Q 384 18.85 31.42 -31.79
CA ILE Q 384 19.57 30.22 -32.20
C ILE Q 384 20.97 30.21 -31.61
N ASN Q 385 21.66 31.35 -31.67
CA ASN Q 385 22.98 31.45 -31.05
C ASN Q 385 22.93 31.15 -29.57
N TRP Q 386 21.94 31.69 -28.87
CA TRP Q 386 21.81 31.44 -27.43
C TRP Q 386 21.58 29.96 -27.14
N MET Q 387 20.70 29.32 -27.91
CA MET Q 387 20.48 27.89 -27.74
C MET Q 387 21.75 27.11 -28.02
N ALA Q 388 22.48 27.46 -29.07
CA ALA Q 388 23.70 26.74 -29.39
C ALA Q 388 24.72 26.88 -28.26
N PHE Q 389 24.91 28.10 -27.78
CA PHE Q 389 25.76 28.34 -26.63
C PHE Q 389 25.38 27.46 -25.44
N LEU Q 390 24.08 27.41 -25.13
CA LEU Q 390 23.62 26.62 -23.99
C LEU Q 390 23.86 25.13 -24.22
N TRP Q 391 23.49 24.62 -25.39
CA TRP Q 391 23.73 23.22 -25.70
C TRP Q 391 25.21 22.87 -25.70
N SER Q 392 26.07 23.82 -26.06
CA SER Q 392 27.50 23.55 -26.00
C SER Q 392 27.99 23.51 -24.57
N LYS Q 393 27.28 24.20 -23.67
CA LYS Q 393 27.50 23.96 -22.25
C LYS Q 393 26.75 22.74 -21.73
N GLY Q 394 25.93 22.11 -22.56
CA GLY Q 394 25.19 20.92 -22.16
C GLY Q 394 23.92 21.16 -21.38
N ASP Q 395 23.50 22.40 -21.20
CA ASP Q 395 22.40 22.69 -20.30
C ASP Q 395 21.06 22.59 -21.02
N ASN Q 396 20.06 22.12 -20.30
CA ASN Q 396 18.67 22.26 -20.72
C ASN Q 396 18.16 23.66 -20.42
N GLY Q 397 17.12 24.06 -21.14
CA GLY Q 397 16.57 25.37 -20.91
C GLY Q 397 15.17 25.55 -21.45
N ILE Q 398 14.73 26.80 -21.40
CA ILE Q 398 13.43 27.19 -21.92
C ILE Q 398 13.60 28.35 -22.89
N LEU Q 399 12.74 28.36 -23.90
CA LEU Q 399 12.50 29.52 -24.74
C LEU Q 399 11.17 30.14 -24.35
N ALA Q 400 11.20 31.42 -23.98
CA ALA Q 400 10.02 32.11 -23.48
C ALA Q 400 9.86 33.48 -24.11
N ASP Q 401 10.43 33.69 -25.30
CA ASP Q 401 10.09 34.87 -26.09
C ASP Q 401 8.59 34.96 -26.28
N GLU Q 402 8.10 36.19 -26.35
CA GLU Q 402 6.67 36.45 -26.36
C GLU Q 402 5.97 35.68 -27.47
N MET Q 403 4.69 35.42 -27.23
CA MET Q 403 3.91 34.50 -28.05
C MET Q 403 3.87 34.93 -29.51
N GLY Q 404 4.09 33.96 -30.41
CA GLY Q 404 4.10 34.22 -31.83
C GLY Q 404 5.33 34.90 -32.37
N LEU Q 405 6.37 35.08 -31.57
CA LEU Q 405 7.61 35.69 -32.06
C LEU Q 405 8.44 34.74 -32.92
N GLY Q 406 7.95 33.55 -33.23
CA GLY Q 406 8.63 32.64 -34.11
C GLY Q 406 9.14 31.36 -33.47
N LYS Q 407 8.65 31.00 -32.29
CA LYS Q 407 9.31 29.93 -31.54
C LYS Q 407 9.37 28.65 -32.35
N THR Q 408 8.35 28.38 -33.16
CA THR Q 408 8.38 27.22 -34.04
C THR Q 408 9.53 27.28 -35.03
N VAL Q 409 9.72 28.43 -35.69
CA VAL Q 409 10.81 28.55 -36.65
C VAL Q 409 12.15 28.52 -35.92
N GLN Q 410 12.22 29.14 -34.76
CA GLN Q 410 13.48 29.19 -34.03
C GLN Q 410 13.90 27.77 -33.62
N THR Q 411 12.95 27.02 -33.06
CA THR Q 411 13.23 25.64 -32.67
C THR Q 411 13.65 24.79 -33.85
N VAL Q 412 12.88 24.84 -34.94
CA VAL Q 412 13.22 23.96 -36.07
C VAL Q 412 14.56 24.36 -36.67
N ALA Q 413 14.87 25.66 -36.70
CA ALA Q 413 16.20 26.10 -37.14
C ALA Q 413 17.29 25.56 -36.23
N PHE Q 414 17.08 25.61 -34.92
CA PHE Q 414 18.06 25.06 -34.00
C PHE Q 414 18.29 23.57 -34.23
N ILE Q 415 17.20 22.84 -34.47
CA ILE Q 415 17.33 21.44 -34.85
C ILE Q 415 18.18 21.32 -36.10
N SER Q 416 17.88 22.12 -37.12
CA SER Q 416 18.62 22.02 -38.37
C SER Q 416 20.10 22.27 -38.17
N TRP Q 417 20.43 23.22 -37.30
CA TRP Q 417 21.84 23.52 -37.02
C TRP Q 417 22.52 22.34 -36.33
N LEU Q 418 21.90 21.81 -35.28
CA LEU Q 418 22.56 20.73 -34.56
C LEU Q 418 22.64 19.47 -35.41
N ILE Q 419 21.64 19.22 -36.24
CA ILE Q 419 21.63 18.00 -37.03
C ILE Q 419 22.66 18.08 -38.16
N PHE Q 420 22.67 19.19 -38.91
CA PHE Q 420 23.69 19.34 -39.94
C PHE Q 420 25.07 19.66 -39.39
N ALA Q 421 25.21 20.72 -38.58
CA ALA Q 421 26.54 21.14 -38.18
C ALA Q 421 27.15 20.22 -37.14
N ARG Q 422 26.42 19.96 -36.06
CA ARG Q 422 26.89 19.03 -35.03
C ARG Q 422 26.76 17.57 -35.44
N ARG Q 423 25.92 17.24 -36.42
CA ARG Q 423 25.59 15.85 -36.72
C ARG Q 423 24.97 15.16 -35.50
N GLN Q 424 24.02 15.86 -34.88
CA GLN Q 424 23.15 15.27 -33.87
C GLN Q 424 21.88 14.80 -34.58
N ASN Q 425 22.01 13.65 -35.24
CA ASN Q 425 20.97 13.09 -36.09
C ASN Q 425 20.23 11.94 -35.43
N GLY Q 426 20.41 11.77 -34.12
CA GLY Q 426 19.66 10.80 -33.37
C GLY Q 426 18.17 11.08 -33.42
N PRO Q 427 17.37 10.13 -32.95
CA PRO Q 427 15.94 10.40 -32.78
C PRO Q 427 15.72 11.61 -31.89
N HIS Q 428 14.91 12.54 -32.38
CA HIS Q 428 14.48 13.70 -31.62
C HIS Q 428 12.96 13.72 -31.53
N ILE Q 429 12.45 14.28 -30.45
CA ILE Q 429 11.02 14.21 -30.14
C ILE Q 429 10.53 15.61 -29.81
N ILE Q 430 9.40 15.99 -30.42
CA ILE Q 430 8.70 17.23 -30.14
C ILE Q 430 7.27 16.90 -29.74
N VAL Q 431 6.84 17.41 -28.60
CA VAL Q 431 5.50 17.17 -28.09
C VAL Q 431 4.70 18.45 -28.22
N VAL Q 432 3.47 18.32 -28.69
CA VAL Q 432 2.76 19.42 -29.36
C VAL Q 432 1.30 19.42 -28.91
N PRO Q 433 0.68 20.58 -28.71
CA PRO Q 433 -0.77 20.61 -28.54
C PRO Q 433 -1.48 20.42 -29.87
N LEU Q 434 -2.46 19.50 -29.87
CA LEU Q 434 -3.00 18.94 -31.10
C LEU Q 434 -3.29 19.98 -32.17
N SER Q 435 -3.99 21.06 -31.80
CA SER Q 435 -4.42 22.03 -32.80
C SER Q 435 -3.26 22.61 -33.59
N THR Q 436 -2.06 22.61 -33.05
CA THR Q 436 -0.91 23.22 -33.72
C THR Q 436 -0.12 22.22 -34.55
N MET Q 437 -0.39 20.92 -34.38
CA MET Q 437 0.36 19.90 -35.08
C MET Q 437 0.47 20.12 -36.59
N PRO Q 438 -0.60 20.49 -37.30
CA PRO Q 438 -0.43 20.76 -38.73
C PRO Q 438 0.58 21.84 -39.06
N ALA Q 439 0.50 22.98 -38.37
CA ALA Q 439 1.42 24.07 -38.65
C ALA Q 439 2.85 23.66 -38.37
N TRP Q 440 3.06 22.92 -37.29
CA TRP Q 440 4.39 22.42 -37.01
C TRP Q 440 4.89 21.62 -38.21
N LEU Q 441 4.09 20.67 -38.66
CA LEU Q 441 4.55 19.84 -39.77
C LEU Q 441 4.79 20.71 -40.99
N ASP Q 442 3.87 21.64 -41.27
CA ASP Q 442 4.08 22.58 -42.35
C ASP Q 442 5.38 23.35 -42.17
N THR Q 443 5.64 23.81 -40.95
CA THR Q 443 6.85 24.59 -40.73
C THR Q 443 8.08 23.73 -41.01
N PHE Q 444 8.04 22.48 -40.58
CA PHE Q 444 9.11 21.56 -40.92
C PHE Q 444 9.28 21.50 -42.42
N GLU Q 445 8.18 21.31 -43.14
CA GLU Q 445 8.29 21.19 -44.59
C GLU Q 445 8.83 22.47 -45.21
N LYS Q 446 8.38 23.64 -44.74
CA LYS Q 446 8.88 24.87 -45.34
C LYS Q 446 10.35 25.10 -45.01
N TRP Q 447 10.72 25.02 -43.74
CA TRP Q 447 12.04 25.51 -43.34
C TRP Q 447 13.13 24.47 -43.52
N ALA Q 448 12.81 23.19 -43.40
CA ALA Q 448 13.84 22.17 -43.50
C ALA Q 448 13.28 20.87 -44.05
N PRO Q 449 12.80 20.88 -45.30
CA PRO Q 449 12.12 19.70 -45.84
C PRO Q 449 12.99 18.46 -45.87
N ASP Q 450 14.31 18.62 -45.88
CA ASP Q 450 15.19 17.46 -45.94
C ASP Q 450 15.03 16.56 -44.73
N LEU Q 451 14.64 17.12 -43.58
CA LEU Q 451 14.52 16.32 -42.37
C LEU Q 451 13.25 15.48 -42.44
N ASN Q 452 13.41 14.16 -42.49
CA ASN Q 452 12.26 13.28 -42.53
C ASN Q 452 11.68 13.14 -41.13
N CYS Q 453 10.38 13.36 -41.00
CA CYS Q 453 9.72 13.46 -39.71
C CYS Q 453 8.39 12.74 -39.77
N ILE Q 454 7.87 12.39 -38.60
CA ILE Q 454 6.72 11.48 -38.50
C ILE Q 454 5.73 12.07 -37.52
N CYS Q 455 4.45 12.02 -37.91
CA CYS Q 455 3.34 12.42 -37.04
C CYS Q 455 2.67 11.21 -36.42
N TYR Q 456 3.25 10.74 -35.31
CA TYR Q 456 2.76 9.53 -34.64
C TYR Q 456 1.44 9.86 -33.97
N MET Q 457 0.34 9.43 -34.59
CA MET Q 457 -0.99 9.92 -34.26
C MET Q 457 -2.02 8.90 -34.69
N GLY Q 458 -3.25 9.11 -34.20
CA GLY Q 458 -4.41 8.45 -34.75
C GLY Q 458 -4.72 7.11 -34.11
N ASN Q 459 -5.52 6.34 -34.84
CA ASN Q 459 -6.00 5.06 -34.34
C ASN Q 459 -4.86 4.08 -34.12
N GLN Q 460 -5.17 3.03 -33.35
CA GLN Q 460 -4.16 2.09 -32.90
C GLN Q 460 -3.45 1.43 -34.07
N LYS Q 461 -4.23 0.88 -35.01
CA LYS Q 461 -3.65 0.26 -36.20
C LYS Q 461 -2.74 1.21 -36.95
N SER Q 462 -3.13 2.47 -37.10
CA SER Q 462 -2.28 3.43 -37.79
C SER Q 462 -0.90 3.52 -37.14
N ARG Q 463 -0.87 3.78 -35.83
CA ARG Q 463 0.38 3.81 -35.09
C ARG Q 463 1.14 2.50 -35.22
N ASP Q 464 0.42 1.38 -35.21
CA ASP Q 464 1.09 0.10 -35.36
C ASP Q 464 1.80 0.00 -36.70
N THR Q 465 1.15 0.43 -37.78
CA THR Q 465 1.80 0.43 -39.09
C THR Q 465 3.01 1.36 -39.10
N ILE Q 466 2.95 2.45 -38.35
CA ILE Q 466 4.09 3.36 -38.30
C ILE Q 466 5.27 2.69 -37.60
N ARG Q 467 5.00 2.06 -36.45
CA ARG Q 467 6.03 1.26 -35.79
C ARG Q 467 6.55 0.15 -36.69
N GLU Q 468 5.68 -0.42 -37.53
CA GLU Q 468 6.08 -1.50 -38.41
C GLU Q 468 7.06 -1.04 -39.48
N TYR Q 469 6.69 -0.01 -40.24
CA TYR Q 469 7.41 0.32 -41.46
C TYR Q 469 8.30 1.55 -41.36
N GLU Q 470 7.94 2.53 -40.53
CA GLU Q 470 8.73 3.74 -40.44
C GLU Q 470 9.85 3.67 -39.42
N PHE Q 471 9.64 3.04 -38.27
CA PHE Q 471 10.56 3.21 -37.15
C PHE Q 471 11.90 2.54 -37.41
N TYR Q 472 11.91 1.25 -37.76
CA TYR Q 472 13.10 0.43 -37.62
C TYR Q 472 13.67 0.01 -38.97
N THR Q 473 14.99 0.00 -39.05
CA THR Q 473 15.71 -0.61 -40.17
C THR Q 473 15.66 -2.12 -40.03
N ASN Q 474 14.71 -2.76 -40.72
CA ASN Q 474 14.75 -4.18 -40.99
C ASN Q 474 14.94 -5.00 -39.70
N PRO Q 475 13.98 -4.93 -38.77
CA PRO Q 475 14.10 -5.65 -37.49
C PRO Q 475 14.08 -7.17 -37.68
N LYS Q 481 18.27 -2.77 -33.06
CA LYS Q 481 17.57 -1.99 -34.07
C LYS Q 481 18.11 -0.56 -34.14
N THR Q 482 17.82 0.12 -35.23
CA THR Q 482 18.21 1.51 -35.40
C THR Q 482 17.18 2.22 -36.28
N MET Q 483 17.02 3.51 -36.06
CA MET Q 483 15.79 4.22 -36.38
C MET Q 483 15.95 4.94 -37.72
N LYS Q 484 14.92 4.81 -38.56
CA LYS Q 484 14.93 5.34 -39.92
C LYS Q 484 14.44 6.78 -40.01
N PHE Q 485 14.35 7.50 -38.88
CA PHE Q 485 13.73 8.81 -38.89
C PHE Q 485 14.53 9.79 -38.03
N ASN Q 486 14.41 11.06 -38.38
CA ASN Q 486 15.01 12.13 -37.58
C ASN Q 486 14.11 12.56 -36.43
N VAL Q 487 12.82 12.75 -36.69
CA VAL Q 487 11.97 13.52 -35.78
C VAL Q 487 10.62 12.84 -35.60
N LEU Q 488 10.15 12.81 -34.36
CA LEU Q 488 8.76 12.57 -34.03
C LEU Q 488 8.09 13.88 -33.64
N LEU Q 489 6.92 14.13 -34.21
CA LEU Q 489 5.93 15.03 -33.64
C LEU Q 489 4.85 14.20 -32.97
N THR Q 490 4.40 14.62 -31.80
CA THR Q 490 3.26 13.92 -31.20
C THR Q 490 2.57 14.80 -30.17
N THR Q 491 1.43 14.30 -29.69
CA THR Q 491 0.66 14.97 -28.66
C THR Q 491 0.61 14.15 -27.38
N TYR Q 492 0.30 14.87 -26.29
CA TYR Q 492 0.35 14.30 -24.95
C TYR Q 492 -0.46 13.00 -24.83
N GLU Q 493 -1.59 12.92 -25.54
CA GLU Q 493 -2.40 11.71 -25.50
C GLU Q 493 -1.58 10.48 -25.87
N TYR Q 494 -0.86 10.56 -26.98
CA TYR Q 494 -0.10 9.41 -27.44
C TYR Q 494 1.11 9.16 -26.56
N ILE Q 495 1.59 10.16 -25.83
CA ILE Q 495 2.58 9.91 -24.79
C ILE Q 495 1.98 9.02 -23.72
N LEU Q 496 0.88 9.47 -23.12
CA LEU Q 496 0.29 8.71 -22.02
C LEU Q 496 -0.11 7.30 -22.46
N LYS Q 497 -0.58 7.16 -23.70
CA LYS Q 497 -0.89 5.82 -24.22
C LYS Q 497 0.36 4.96 -24.42
N ASP Q 498 1.34 5.46 -25.17
CA ASP Q 498 2.36 4.60 -25.78
C ASP Q 498 3.75 4.84 -25.19
N ARG Q 499 3.84 5.47 -24.02
CA ARG Q 499 5.08 5.50 -23.28
C ARG Q 499 5.72 4.13 -23.16
N ALA Q 500 4.92 3.07 -23.06
CA ALA Q 500 5.45 1.72 -23.03
C ALA Q 500 6.37 1.43 -24.21
N GLU Q 501 5.99 1.84 -25.41
CA GLU Q 501 6.86 1.73 -26.56
C GLU Q 501 7.94 2.82 -26.55
N LEU Q 502 7.50 4.07 -26.51
CA LEU Q 502 8.38 5.19 -26.83
C LEU Q 502 9.52 5.35 -25.83
N GLY Q 503 9.32 4.94 -24.57
CA GLY Q 503 10.44 4.97 -23.63
C GLY Q 503 11.58 4.05 -24.00
N SER Q 504 11.38 3.14 -24.95
CA SER Q 504 12.45 2.24 -25.36
C SER Q 504 13.54 2.98 -26.11
N ILE Q 505 13.23 4.11 -26.72
CA ILE Q 505 14.16 4.78 -27.62
C ILE Q 505 15.11 5.65 -26.81
N LYS Q 506 16.40 5.58 -27.16
CA LYS Q 506 17.42 6.42 -26.53
C LYS Q 506 17.46 7.75 -27.28
N TRP Q 507 16.46 8.58 -27.00
CA TRP Q 507 16.36 9.88 -27.66
C TRP Q 507 17.60 10.73 -27.43
N GLN Q 508 17.97 11.49 -28.46
CA GLN Q 508 19.00 12.50 -28.29
C GLN Q 508 18.42 13.79 -27.72
N PHE Q 509 17.38 14.32 -28.33
CA PHE Q 509 16.87 15.63 -27.93
C PHE Q 509 15.35 15.59 -27.85
N MET Q 510 14.82 16.33 -26.88
CA MET Q 510 13.39 16.36 -26.59
C MET Q 510 12.97 17.80 -26.36
N ALA Q 511 11.78 18.15 -26.84
CA ALA Q 511 11.24 19.47 -26.55
C ALA Q 511 9.73 19.40 -26.47
N VAL Q 512 9.16 20.43 -25.87
CA VAL Q 512 7.70 20.58 -25.79
C VAL Q 512 7.33 22.00 -26.18
N ASP Q 513 6.30 22.13 -27.02
CA ASP Q 513 5.89 23.44 -27.50
C ASP Q 513 5.25 24.27 -26.38
N GLU Q 514 4.51 23.63 -25.48
CA GLU Q 514 3.78 24.36 -24.43
C GLU Q 514 4.10 23.74 -23.07
N ALA Q 515 5.09 24.32 -22.38
CA ALA Q 515 5.55 23.72 -21.14
C ALA Q 515 4.56 23.96 -20.00
N HIS Q 516 3.84 25.08 -20.04
CA HIS Q 516 2.93 25.41 -18.96
C HIS Q 516 1.95 24.30 -18.68
N ARG Q 517 1.65 23.48 -19.69
CA ARG Q 517 0.85 22.28 -19.45
C ARG Q 517 1.45 21.43 -18.35
N LEU Q 518 2.78 21.47 -18.18
CA LEU Q 518 3.41 20.82 -17.04
C LEU Q 518 3.50 21.84 -15.92
N LYS Q 519 2.47 21.87 -15.08
CA LYS Q 519 2.42 22.75 -13.93
C LYS Q 519 3.03 22.12 -12.69
N ASN Q 520 2.91 20.81 -12.52
CA ASN Q 520 3.23 20.18 -11.24
C ASN Q 520 3.78 18.78 -11.48
N ALA Q 521 4.69 18.38 -10.59
CA ALA Q 521 5.47 17.17 -10.80
C ALA Q 521 4.63 15.91 -10.77
N GLU Q 522 3.45 15.96 -10.12
CA GLU Q 522 2.58 14.81 -10.03
C GLU Q 522 1.71 14.61 -11.27
N SER Q 523 1.78 15.52 -12.23
CA SER Q 523 1.05 15.30 -13.48
C SER Q 523 1.52 14.01 -14.14
N SER Q 524 0.55 13.17 -14.51
CA SER Q 524 0.87 11.89 -15.15
C SER Q 524 1.75 12.10 -16.37
N LEU Q 525 1.54 13.19 -17.10
CA LEU Q 525 2.43 13.54 -18.19
C LEU Q 525 3.83 13.86 -17.67
N TYR Q 526 3.93 14.64 -16.59
CA TYR Q 526 5.23 14.97 -16.04
C TYR Q 526 5.98 13.72 -15.59
N GLU Q 527 5.28 12.82 -14.91
CA GLU Q 527 5.88 11.55 -14.48
C GLU Q 527 6.35 10.72 -15.67
N SER Q 528 5.45 10.51 -16.63
CA SER Q 528 5.80 9.65 -17.76
C SER Q 528 6.91 10.25 -18.59
N LEU Q 529 6.89 11.56 -18.82
CA LEU Q 529 8.01 12.16 -19.55
C LEU Q 529 9.31 12.00 -18.78
N ASN Q 530 9.26 12.12 -17.45
CA ASN Q 530 10.48 11.88 -16.70
C ASN Q 530 10.90 10.41 -16.74
N SER Q 531 10.01 9.51 -17.15
CA SER Q 531 10.44 8.14 -17.40
C SER Q 531 11.22 7.98 -18.69
N PHE Q 532 11.25 9.01 -19.54
CA PHE Q 532 12.00 8.95 -20.78
C PHE Q 532 13.48 9.22 -20.58
N LYS Q 533 14.28 8.57 -21.41
CA LYS Q 533 15.73 8.77 -21.46
C LYS Q 533 16.06 9.70 -22.63
N VAL Q 534 16.65 10.86 -22.34
CA VAL Q 534 16.99 11.82 -23.37
C VAL Q 534 18.21 12.61 -22.92
N ALA Q 535 19.03 13.01 -23.89
CA ALA Q 535 20.26 13.75 -23.60
C ALA Q 535 20.00 15.20 -23.27
N ASN Q 536 19.07 15.86 -23.94
CA ASN Q 536 18.74 17.24 -23.60
C ASN Q 536 17.25 17.52 -23.80
N ARG Q 537 16.76 18.46 -22.98
CA ARG Q 537 15.37 18.85 -22.94
C ARG Q 537 15.24 20.34 -23.24
N MET Q 538 14.14 20.74 -23.86
CA MET Q 538 13.89 22.15 -24.14
C MET Q 538 12.41 22.45 -24.04
N LEU Q 539 12.07 23.42 -23.19
CA LEU Q 539 10.68 23.77 -22.94
C LEU Q 539 10.34 25.11 -23.59
N ILE Q 540 9.26 25.12 -24.38
CA ILE Q 540 8.77 26.33 -25.04
C ILE Q 540 7.50 26.76 -24.33
N THR Q 541 7.32 28.07 -24.20
CA THR Q 541 6.13 28.57 -23.53
C THR Q 541 5.78 29.95 -24.08
N GLY Q 542 4.51 30.31 -23.91
CA GLY Q 542 4.10 31.70 -23.99
C GLY Q 542 4.36 32.43 -22.69
N THR Q 543 4.18 31.73 -21.58
CA THR Q 543 4.30 32.33 -20.26
C THR Q 543 4.68 31.26 -19.24
N PRO Q 544 5.92 31.28 -18.73
CA PRO Q 544 6.28 30.29 -17.72
C PRO Q 544 5.68 30.58 -16.36
N LEU Q 545 5.40 31.86 -16.08
CA LEU Q 545 5.02 32.30 -14.74
C LEU Q 545 3.52 32.11 -14.60
N GLN Q 546 3.14 30.87 -14.35
CA GLN Q 546 1.75 30.53 -14.02
C GLN Q 546 1.44 30.97 -12.59
N ASN Q 547 0.26 30.54 -12.11
CA ASN Q 547 -0.33 31.09 -10.90
C ASN Q 547 0.54 30.95 -9.65
N ASN Q 548 1.49 30.03 -9.63
CA ASN Q 548 2.28 29.85 -8.42
C ASN Q 548 3.74 29.57 -8.73
N ILE Q 549 4.62 30.21 -7.97
CA ILE Q 549 6.06 29.97 -8.06
C ILE Q 549 6.38 28.50 -7.87
N LYS Q 550 5.58 27.79 -7.07
CA LYS Q 550 5.74 26.34 -6.95
C LYS Q 550 5.69 25.66 -8.31
N GLU Q 551 4.87 26.18 -9.21
CA GLU Q 551 4.78 25.58 -10.54
C GLU Q 551 6.05 25.79 -11.33
N LEU Q 552 6.62 27.00 -11.28
CA LEU Q 552 7.92 27.24 -11.88
C LEU Q 552 8.99 26.36 -11.25
N ALA Q 553 8.93 26.16 -9.93
CA ALA Q 553 9.88 25.28 -9.27
C ALA Q 553 9.78 23.85 -9.80
N ALA Q 554 8.57 23.35 -9.98
CA ALA Q 554 8.42 22.04 -10.61
C ALA Q 554 8.93 22.02 -12.03
N LEU Q 555 8.72 23.11 -12.77
CA LEU Q 555 9.21 23.17 -14.14
C LEU Q 555 10.73 23.09 -14.20
N VAL Q 556 11.41 23.92 -13.40
CA VAL Q 556 12.86 23.87 -13.40
C VAL Q 556 13.37 22.56 -12.83
N ASN Q 557 12.66 21.94 -11.89
CA ASN Q 557 12.99 20.57 -11.52
C ASN Q 557 12.88 19.63 -12.70
N PHE Q 558 11.95 19.90 -13.62
CA PHE Q 558 11.90 19.11 -14.84
C PHE Q 558 13.13 19.36 -15.70
N LEU Q 559 13.61 20.61 -15.70
CA LEU Q 559 14.81 20.93 -16.46
C LEU Q 559 16.05 20.36 -15.79
N MET Q 560 16.11 20.41 -14.46
CA MET Q 560 17.36 20.23 -13.73
C MET Q 560 17.09 19.43 -12.47
N PRO Q 561 18.09 18.71 -11.97
CA PRO Q 561 17.93 17.95 -10.72
C PRO Q 561 17.63 18.86 -9.53
N GLY Q 562 16.96 18.27 -8.54
CA GLY Q 562 16.26 19.04 -7.54
C GLY Q 562 17.09 20.11 -6.86
N ARG Q 563 18.38 19.88 -6.66
CA ARG Q 563 19.20 20.90 -6.03
C ARG Q 563 19.37 22.14 -6.91
N PHE Q 564 19.03 22.05 -8.19
CA PHE Q 564 18.98 23.23 -9.05
C PHE Q 564 17.75 24.09 -8.77
N THR Q 565 16.72 23.52 -8.16
CA THR Q 565 15.42 24.17 -8.05
C THR Q 565 15.50 25.34 -7.06
N ILE Q 566 14.34 25.91 -6.75
CA ILE Q 566 14.25 26.96 -5.74
C ILE Q 566 14.79 26.47 -4.40
N ASP Q 567 14.67 25.18 -4.13
CA ASP Q 567 15.28 24.54 -2.96
C ASP Q 567 14.75 25.08 -1.64
N GLN Q 568 13.66 25.86 -1.68
CA GLN Q 568 12.98 26.28 -0.45
C GLN Q 568 11.54 26.60 -0.81
N GLU Q 569 10.62 25.78 -0.30
CA GLU Q 569 9.24 25.75 -0.75
C GLU Q 569 8.38 26.86 -0.15
N ILE Q 570 8.96 27.79 0.61
CA ILE Q 570 8.18 28.92 1.12
C ILE Q 570 7.59 29.70 -0.06
N ASP Q 571 6.29 29.93 0.02
CA ASP Q 571 5.56 30.63 -1.04
C ASP Q 571 5.93 32.11 -1.08
N PHE Q 572 5.65 32.72 -2.23
CA PHE Q 572 5.92 34.13 -2.44
C PHE Q 572 5.04 34.97 -1.52
N GLU Q 573 5.67 35.77 -0.66
CA GLU Q 573 4.91 36.67 0.20
C GLU Q 573 4.32 37.81 -0.63
N ASN Q 574 3.12 38.24 -0.25
CA ASN Q 574 2.43 39.29 -0.99
C ASN Q 574 3.24 40.58 -1.00
N GLN Q 575 3.79 40.96 0.14
CA GLN Q 575 4.79 42.03 0.17
C GLN Q 575 5.55 41.96 1.49
N ASP Q 576 6.86 41.77 1.40
CA ASP Q 576 7.71 41.60 2.58
C ASP Q 576 9.16 41.71 2.13
N GLU Q 577 10.06 41.72 3.11
CA GLU Q 577 11.49 41.75 2.79
C GLU Q 577 11.96 40.38 2.28
N GLU Q 578 11.58 39.31 2.97
CA GLU Q 578 12.12 38.00 2.64
C GLU Q 578 11.77 37.59 1.22
N GLN Q 579 10.54 37.86 0.79
CA GLN Q 579 10.17 37.61 -0.59
C GLN Q 579 11.03 38.42 -1.57
N GLU Q 580 11.47 39.62 -1.20
CA GLU Q 580 12.26 40.41 -2.13
C GLU Q 580 13.65 39.80 -2.33
N GLU Q 581 14.31 39.44 -1.25
CA GLU Q 581 15.63 38.81 -1.36
C GLU Q 581 15.53 37.43 -2.00
N TYR Q 582 14.49 36.66 -1.66
CA TYR Q 582 14.37 35.32 -2.22
C TYR Q 582 14.03 35.37 -3.70
N ILE Q 583 13.13 36.27 -4.11
CA ILE Q 583 12.79 36.38 -5.52
C ILE Q 583 13.95 36.91 -6.34
N HIS Q 584 14.73 37.84 -5.79
CA HIS Q 584 15.91 38.29 -6.53
C HIS Q 584 17.01 37.23 -6.56
N ASP Q 585 17.15 36.44 -5.50
CA ASP Q 585 18.02 35.27 -5.56
C ASP Q 585 17.60 34.32 -6.67
N LEU Q 586 16.33 33.96 -6.70
CA LEU Q 586 15.84 33.05 -7.74
C LEU Q 586 16.04 33.63 -9.13
N HIS Q 587 15.74 34.91 -9.31
CA HIS Q 587 15.99 35.58 -10.58
C HIS Q 587 17.46 35.45 -10.98
N ARG Q 588 18.37 35.74 -10.06
CA ARG Q 588 19.80 35.66 -10.37
C ARG Q 588 20.25 34.24 -10.64
N ARG Q 589 19.63 33.25 -9.98
CA ARG Q 589 19.90 31.86 -10.32
C ARG Q 589 19.46 31.53 -11.74
N ILE Q 590 18.24 31.92 -12.11
CA ILE Q 590 17.61 31.36 -13.29
C ILE Q 590 17.84 32.16 -14.57
N GLN Q 591 18.12 33.46 -14.46
CA GLN Q 591 18.22 34.30 -15.63
C GLN Q 591 19.08 33.72 -16.74
N PRO Q 592 20.23 33.10 -16.47
CA PRO Q 592 21.00 32.50 -17.57
C PRO Q 592 20.23 31.45 -18.34
N PHE Q 593 19.28 30.78 -17.70
CA PHE Q 593 18.62 29.63 -18.31
C PHE Q 593 17.33 30.00 -19.03
N ILE Q 594 16.89 31.26 -18.93
CA ILE Q 594 15.72 31.75 -19.63
C ILE Q 594 16.19 32.61 -20.79
N LEU Q 595 15.65 32.35 -21.98
CA LEU Q 595 15.62 33.32 -23.06
C LEU Q 595 14.19 33.84 -23.20
N ARG Q 596 14.02 35.13 -23.01
CA ARG Q 596 12.71 35.78 -23.15
C ARG Q 596 12.90 37.18 -23.72
N ARG Q 597 11.97 37.57 -24.58
CA ARG Q 597 11.97 38.89 -25.19
C ARG Q 597 10.55 39.34 -25.39
N LEU Q 598 10.32 40.64 -25.36
CA LEU Q 598 8.98 41.20 -25.52
C LEU Q 598 8.80 41.76 -26.92
N LYS Q 599 7.70 41.38 -27.58
CA LYS Q 599 7.46 41.81 -28.94
C LYS Q 599 7.46 43.33 -29.07
N LYS Q 600 6.97 44.02 -28.04
CA LYS Q 600 7.04 45.48 -28.02
C LYS Q 600 8.47 45.98 -28.16
N ASP Q 601 9.40 45.37 -27.42
CA ASP Q 601 10.81 45.72 -27.58
C ASP Q 601 11.40 45.20 -28.88
N VAL Q 602 11.09 43.95 -29.23
CA VAL Q 602 11.79 43.31 -30.34
C VAL Q 602 11.33 43.89 -31.68
N GLU Q 603 10.02 43.94 -31.92
CA GLU Q 603 9.50 44.06 -33.28
C GLU Q 603 8.53 45.23 -33.39
N LYS Q 604 9.11 46.43 -33.55
CA LYS Q 604 8.33 47.66 -33.59
C LYS Q 604 7.52 47.78 -34.88
N SER Q 605 7.75 46.91 -35.85
CA SER Q 605 6.91 46.87 -37.04
C SER Q 605 5.49 46.41 -36.73
N LEU Q 606 5.31 45.55 -35.75
CA LEU Q 606 3.97 45.02 -35.52
C LEU Q 606 3.09 46.08 -34.83
N PRO Q 607 1.82 46.17 -35.21
CA PRO Q 607 0.92 47.13 -34.55
C PRO Q 607 0.62 46.69 -33.13
N SER Q 608 0.38 47.68 -32.27
CA SER Q 608 0.12 47.43 -30.86
C SER Q 608 -1.29 46.91 -30.64
N LYS Q 609 -1.59 46.60 -29.38
CA LYS Q 609 -2.89 46.14 -28.94
C LYS Q 609 -3.46 47.10 -27.89
N THR Q 610 -4.78 47.28 -27.92
CA THR Q 610 -5.50 47.96 -26.87
C THR Q 610 -6.33 46.94 -26.11
N GLU Q 611 -6.15 46.92 -24.79
CA GLU Q 611 -6.93 46.07 -23.90
C GLU Q 611 -7.98 46.91 -23.18
N ARG Q 612 -9.24 46.54 -23.34
CA ARG Q 612 -10.35 47.29 -22.79
C ARG Q 612 -11.35 46.33 -22.18
N ILE Q 613 -12.01 46.78 -21.12
CA ILE Q 613 -13.05 46.01 -20.44
C ILE Q 613 -14.34 46.79 -20.46
N LEU Q 614 -15.45 46.08 -20.67
CA LEU Q 614 -16.78 46.67 -20.75
C LEU Q 614 -17.65 46.02 -19.67
N ARG Q 615 -18.21 46.85 -18.79
CA ARG Q 615 -19.04 46.38 -17.70
C ARG Q 615 -20.51 46.60 -18.04
N VAL Q 616 -21.33 45.58 -17.88
CA VAL Q 616 -22.70 45.58 -18.38
C VAL Q 616 -23.65 45.14 -17.28
N GLU Q 617 -24.74 45.88 -17.14
CA GLU Q 617 -25.75 45.59 -16.14
C GLU Q 617 -26.55 44.34 -16.50
N LEU Q 618 -26.97 43.62 -15.46
CA LEU Q 618 -27.77 42.41 -15.66
C LEU Q 618 -29.13 42.77 -16.26
N SER Q 619 -29.67 41.85 -17.05
CA SER Q 619 -31.07 41.89 -17.40
C SER Q 619 -31.95 41.58 -16.19
N ASP Q 620 -33.25 41.79 -16.37
CA ASP Q 620 -34.24 41.35 -15.38
C ASP Q 620 -34.11 39.86 -15.08
N VAL Q 621 -34.17 39.03 -16.11
CA VAL Q 621 -34.07 37.60 -15.90
C VAL Q 621 -32.74 37.25 -15.23
N GLN Q 622 -31.67 37.89 -15.67
CA GLN Q 622 -30.38 37.69 -15.03
C GLN Q 622 -30.42 38.10 -13.57
N THR Q 623 -31.01 39.26 -13.28
CA THR Q 623 -31.06 39.76 -11.91
C THR Q 623 -31.83 38.79 -11.02
N GLU Q 624 -33.01 38.36 -11.47
CA GLU Q 624 -33.85 37.51 -10.64
C GLU Q 624 -33.23 36.14 -10.45
N TYR Q 625 -32.67 35.54 -11.50
CA TYR Q 625 -31.97 34.27 -11.35
C TYR Q 625 -30.82 34.40 -10.36
N TYR Q 626 -30.03 35.47 -10.50
CA TYR Q 626 -28.91 35.70 -9.59
C TYR Q 626 -29.38 35.80 -8.14
N LYS Q 627 -30.40 36.62 -7.90
CA LYS Q 627 -30.95 36.73 -6.55
C LYS Q 627 -31.49 35.40 -6.03
N ASN Q 628 -32.11 34.62 -6.91
CA ASN Q 628 -32.67 33.32 -6.49
C ASN Q 628 -31.58 32.34 -6.09
N ILE Q 629 -30.49 32.28 -6.86
CA ILE Q 629 -29.39 31.41 -6.46
C ILE Q 629 -28.71 31.95 -5.20
N LEU Q 630 -28.56 33.26 -5.11
CA LEU Q 630 -28.04 33.87 -3.88
C LEU Q 630 -28.88 33.47 -2.68
N THR Q 631 -30.19 33.45 -2.82
CA THR Q 631 -31.09 33.07 -1.75
C THR Q 631 -31.31 31.56 -1.65
N LYS Q 632 -30.48 30.76 -2.32
CA LYS Q 632 -30.50 29.31 -2.13
C LYS Q 632 -31.88 28.72 -2.38
N ASN Q 633 -32.68 29.37 -3.24
CA ASN Q 633 -34.10 29.11 -3.33
C ASN Q 633 -34.33 27.88 -4.19
N TYR Q 634 -34.24 26.71 -3.56
CA TYR Q 634 -34.55 25.46 -4.24
C TYR Q 634 -35.93 25.50 -4.90
N SER Q 635 -36.90 26.14 -4.24
CA SER Q 635 -38.23 26.26 -4.83
C SER Q 635 -38.21 27.01 -6.14
N ALA Q 636 -37.56 28.19 -6.17
CA ALA Q 636 -37.44 28.94 -7.41
C ALA Q 636 -36.70 28.15 -8.50
N LEU Q 637 -35.60 27.50 -8.14
CA LEU Q 637 -34.82 26.75 -9.10
C LEU Q 637 -35.45 25.41 -9.49
N THR Q 638 -36.49 24.98 -8.78
CA THR Q 638 -37.20 23.77 -9.19
C THR Q 638 -37.74 23.89 -10.60
N ALA Q 639 -38.32 25.04 -10.95
CA ALA Q 639 -38.73 25.32 -12.31
C ALA Q 639 -37.68 26.08 -13.09
N GLY Q 640 -36.41 25.98 -12.70
CA GLY Q 640 -35.35 26.75 -13.33
C GLY Q 640 -34.90 26.16 -14.65
N PHE Q 646 -29.55 23.53 -10.82
CA PHE Q 646 -30.25 23.02 -9.65
C PHE Q 646 -29.32 22.19 -8.78
N SER Q 647 -28.20 21.73 -9.35
CA SER Q 647 -27.14 21.10 -8.59
C SER Q 647 -26.33 22.17 -7.86
N LEU Q 648 -26.88 22.65 -6.75
CA LEU Q 648 -26.34 23.82 -6.06
C LEU Q 648 -25.03 23.53 -5.33
N LEU Q 649 -24.45 22.35 -5.53
CA LEU Q 649 -23.25 21.96 -4.80
C LEU Q 649 -22.04 22.82 -5.15
N ASN Q 650 -22.04 23.50 -6.29
CA ASN Q 650 -21.02 24.50 -6.58
C ASN Q 650 -21.72 25.84 -6.84
N ILE Q 651 -22.01 26.54 -5.74
CA ILE Q 651 -22.73 27.80 -5.81
C ILE Q 651 -22.01 28.78 -6.74
N MET Q 652 -20.69 28.90 -6.57
CA MET Q 652 -19.91 29.81 -7.40
C MET Q 652 -20.07 29.52 -8.87
N ASN Q 653 -19.88 28.25 -9.27
CA ASN Q 653 -20.04 27.90 -10.68
C ASN Q 653 -21.44 28.22 -11.18
N GLU Q 654 -22.45 27.84 -10.39
CA GLU Q 654 -23.83 28.01 -10.83
C GLU Q 654 -24.17 29.47 -11.08
N LEU Q 655 -23.85 30.33 -10.11
CA LEU Q 655 -24.13 31.75 -10.27
C LEU Q 655 -23.20 32.40 -11.29
N LYS Q 656 -21.97 31.92 -11.42
CA LYS Q 656 -21.08 32.44 -12.45
C LYS Q 656 -21.65 32.24 -13.85
N LYS Q 657 -22.08 31.02 -14.16
CA LYS Q 657 -22.71 30.80 -15.46
C LYS Q 657 -24.05 31.52 -15.58
N ALA Q 658 -24.82 31.61 -14.49
CA ALA Q 658 -26.03 32.43 -14.51
C ALA Q 658 -25.72 33.86 -14.93
N SER Q 659 -24.67 34.45 -14.36
CA SER Q 659 -24.41 35.87 -14.52
C SER Q 659 -24.19 36.27 -15.97
N ASN Q 660 -23.58 35.41 -16.79
CA ASN Q 660 -23.51 35.71 -18.21
C ASN Q 660 -24.81 35.45 -18.96
N HIS Q 661 -25.53 34.36 -18.65
CA HIS Q 661 -26.66 34.05 -19.53
C HIS Q 661 -27.64 33.06 -18.92
N PRO Q 662 -28.96 33.34 -18.95
CA PRO Q 662 -29.91 32.50 -18.22
C PRO Q 662 -30.31 31.21 -18.93
N TYR Q 663 -30.22 31.16 -20.26
CA TYR Q 663 -30.67 29.96 -20.97
C TYR Q 663 -29.81 28.74 -20.66
N LEU Q 664 -28.70 28.93 -19.95
CA LEU Q 664 -27.97 27.78 -19.42
C LEU Q 664 -28.79 27.02 -18.38
N PHE Q 665 -29.93 27.57 -17.96
CA PHE Q 665 -30.91 26.86 -17.14
C PHE Q 665 -32.09 26.47 -18.00
N ASP Q 666 -32.49 25.20 -17.91
CA ASP Q 666 -33.15 24.52 -19.01
C ASP Q 666 -34.62 24.92 -19.21
N ASN Q 667 -35.25 25.59 -18.25
CA ASN Q 667 -36.58 26.14 -18.51
C ASN Q 667 -36.59 27.60 -18.95
N ALA Q 668 -35.49 28.33 -18.77
CA ALA Q 668 -35.57 29.78 -18.88
C ALA Q 668 -36.02 30.20 -20.27
N GLU Q 669 -35.67 29.40 -21.28
CA GLU Q 669 -36.17 29.63 -22.62
C GLU Q 669 -37.69 29.52 -22.63
N GLU Q 670 -38.23 28.36 -22.27
CA GLU Q 670 -39.68 28.21 -22.18
C GLU Q 670 -40.27 29.25 -21.24
N ARG Q 671 -39.60 29.55 -20.15
CA ARG Q 671 -40.06 30.57 -19.20
C ARG Q 671 -40.21 31.95 -19.83
N VAL Q 672 -39.56 32.22 -20.95
CA VAL Q 672 -39.77 33.46 -21.69
C VAL Q 672 -40.67 33.25 -22.91
N LEU Q 673 -40.54 32.11 -23.57
CA LEU Q 673 -41.31 31.86 -24.79
C LEU Q 673 -42.79 31.60 -24.53
N GLN Q 674 -43.14 31.04 -23.36
CA GLN Q 674 -44.54 30.73 -23.11
C GLN Q 674 -45.39 31.98 -22.92
N LYS Q 675 -44.80 33.06 -22.40
CA LYS Q 675 -45.52 34.34 -22.45
C LYS Q 675 -45.58 34.91 -23.86
N PHE Q 676 -45.06 34.19 -24.85
CA PHE Q 676 -45.29 34.45 -26.26
C PHE Q 676 -45.63 33.14 -26.97
N GLY Q 677 -46.55 32.38 -26.38
CA GLY Q 677 -46.66 30.95 -26.66
C GLY Q 677 -46.99 30.61 -28.10
N ASP Q 678 -47.48 31.58 -28.88
CA ASP Q 678 -47.55 31.42 -30.32
C ASP Q 678 -46.34 31.99 -31.04
N GLY Q 679 -45.89 33.19 -30.64
CA GLY Q 679 -44.75 33.82 -31.27
C GLY Q 679 -43.46 33.03 -31.14
N LYS Q 680 -43.37 32.14 -30.15
CA LYS Q 680 -42.19 31.29 -30.03
C LYS Q 680 -41.93 30.46 -31.28
N MET Q 681 -42.92 30.30 -32.14
CA MET Q 681 -42.68 29.66 -33.43
C MET Q 681 -41.99 30.58 -34.42
N THR Q 682 -42.11 31.89 -34.25
CA THR Q 682 -41.51 32.84 -35.18
C THR Q 682 -40.01 32.96 -34.94
N ARG Q 683 -39.26 33.12 -36.04
CA ARG Q 683 -37.86 33.52 -35.93
C ARG Q 683 -37.72 34.81 -35.15
N GLU Q 684 -38.60 35.78 -35.42
CA GLU Q 684 -38.44 37.12 -34.88
C GLU Q 684 -38.48 37.12 -33.36
N ASN Q 685 -39.50 36.49 -32.78
CA ASN Q 685 -39.64 36.52 -31.33
C ASN Q 685 -38.63 35.62 -30.64
N VAL Q 686 -38.21 34.54 -31.29
CA VAL Q 686 -37.08 33.77 -30.77
C VAL Q 686 -35.84 34.63 -30.66
N LEU Q 687 -35.52 35.35 -31.73
CA LEU Q 687 -34.35 36.23 -31.71
C LEU Q 687 -34.49 37.32 -30.66
N ARG Q 688 -35.65 37.98 -30.62
CA ARG Q 688 -35.92 39.01 -29.62
C ARG Q 688 -35.70 38.49 -28.21
N GLY Q 689 -36.32 37.36 -27.86
CA GLY Q 689 -36.17 36.81 -26.53
C GLY Q 689 -34.74 36.43 -26.22
N LEU Q 690 -34.07 35.77 -27.15
CA LEU Q 690 -32.67 35.42 -26.95
C LEU Q 690 -31.84 36.67 -26.67
N ILE Q 691 -31.90 37.67 -27.55
CA ILE Q 691 -31.01 38.82 -27.41
C ILE Q 691 -31.33 39.59 -26.13
N MET Q 692 -32.61 39.83 -25.86
CA MET Q 692 -32.97 40.58 -24.66
C MET Q 692 -32.76 39.76 -23.39
N SER Q 693 -32.50 38.45 -23.49
CA SER Q 693 -32.29 37.67 -22.28
C SER Q 693 -31.12 38.19 -21.47
N SER Q 694 -30.13 38.80 -22.13
CA SER Q 694 -28.81 38.98 -21.50
C SER Q 694 -28.21 40.29 -21.97
N GLY Q 695 -28.12 41.25 -21.06
CA GLY Q 695 -27.72 42.60 -21.44
C GLY Q 695 -26.39 42.64 -22.16
N LYS Q 696 -25.42 41.87 -21.67
CA LYS Q 696 -24.12 41.80 -22.32
C LYS Q 696 -24.23 41.26 -23.74
N MET Q 697 -25.19 40.38 -24.02
CA MET Q 697 -25.42 40.01 -25.41
C MET Q 697 -25.96 41.19 -26.21
N VAL Q 698 -26.86 41.99 -25.63
CA VAL Q 698 -27.38 43.15 -26.35
C VAL Q 698 -26.23 44.07 -26.75
N LEU Q 699 -25.33 44.35 -25.80
CA LEU Q 699 -24.12 45.11 -26.12
C LEU Q 699 -23.31 44.41 -27.20
N LEU Q 700 -23.08 43.11 -27.05
CA LEU Q 700 -22.26 42.38 -28.01
C LEU Q 700 -22.84 42.52 -29.40
N ASP Q 701 -24.15 42.34 -29.53
CA ASP Q 701 -24.80 42.45 -30.84
C ASP Q 701 -24.66 43.84 -31.42
N GLN Q 702 -24.78 44.87 -30.58
CA GLN Q 702 -24.58 46.23 -31.10
C GLN Q 702 -23.17 46.40 -31.64
N LEU Q 703 -22.17 45.99 -30.86
CA LEU Q 703 -20.78 46.11 -31.31
C LEU Q 703 -20.52 45.27 -32.55
N LEU Q 704 -21.01 44.04 -32.57
CA LEU Q 704 -20.85 43.19 -33.74
C LEU Q 704 -21.47 43.81 -34.97
N THR Q 705 -22.65 44.42 -34.83
CA THR Q 705 -23.27 45.09 -35.96
C THR Q 705 -22.41 46.25 -36.45
N ARG Q 706 -21.85 47.03 -35.53
CA ARG Q 706 -20.95 48.11 -35.92
C ARG Q 706 -19.73 47.58 -36.66
N LEU Q 707 -19.14 46.49 -36.17
CA LEU Q 707 -17.99 45.88 -36.84
C LEU Q 707 -18.36 45.28 -38.19
N LYS Q 708 -19.57 44.74 -38.30
CA LYS Q 708 -20.09 44.28 -39.58
C LYS Q 708 -20.19 45.43 -40.57
N LYS Q 709 -20.66 46.58 -40.11
CA LYS Q 709 -20.65 47.76 -40.96
C LYS Q 709 -19.22 48.15 -41.34
N ASP Q 710 -18.30 48.05 -40.39
CA ASP Q 710 -16.94 48.54 -40.61
C ASP Q 710 -15.99 47.48 -41.15
N GLY Q 711 -16.46 46.26 -41.37
CA GLY Q 711 -15.64 45.25 -42.03
C GLY Q 711 -14.54 44.65 -41.21
N HIS Q 712 -14.60 44.75 -39.88
CA HIS Q 712 -13.66 44.05 -39.02
C HIS Q 712 -13.85 42.54 -39.11
N ARG Q 713 -12.85 41.82 -38.60
CA ARG Q 713 -12.85 40.36 -38.53
C ARG Q 713 -12.57 39.98 -37.09
N VAL Q 714 -13.45 39.17 -36.49
CA VAL Q 714 -13.58 39.12 -35.04
C VAL Q 714 -13.53 37.70 -34.52
N LEU Q 715 -12.82 37.54 -33.41
CA LEU Q 715 -12.73 36.32 -32.63
C LEU Q 715 -13.58 36.46 -31.38
N ILE Q 716 -14.32 35.42 -31.04
CA ILE Q 716 -15.08 35.30 -29.81
C ILE Q 716 -14.42 34.20 -28.99
N PHE Q 717 -14.19 34.45 -27.70
CA PHE Q 717 -13.74 33.39 -26.81
C PHE Q 717 -14.70 33.18 -25.66
N SER Q 718 -14.86 31.92 -25.24
CA SER Q 718 -15.53 31.64 -23.98
C SER Q 718 -15.01 30.35 -23.36
N GLN Q 719 -15.21 30.22 -22.04
CA GLN Q 719 -14.94 28.94 -21.39
C GLN Q 719 -15.99 27.88 -21.71
N MET Q 720 -17.25 28.27 -21.91
CA MET Q 720 -18.36 27.34 -21.77
C MET Q 720 -18.89 26.96 -23.13
N VAL Q 721 -18.89 25.65 -23.42
CA VAL Q 721 -19.30 25.17 -24.73
C VAL Q 721 -20.78 25.41 -24.96
N ARG Q 722 -21.61 25.24 -23.92
CA ARG Q 722 -23.02 25.55 -24.04
C ARG Q 722 -23.25 27.01 -24.43
N MET Q 723 -22.53 27.93 -23.80
CA MET Q 723 -22.68 29.34 -24.13
C MET Q 723 -22.26 29.59 -25.58
N LEU Q 724 -21.11 29.05 -25.96
CA LEU Q 724 -20.64 29.20 -27.34
C LEU Q 724 -21.64 28.62 -28.33
N ASP Q 725 -22.28 27.51 -27.98
CA ASP Q 725 -23.35 26.96 -28.81
C ASP Q 725 -24.51 27.93 -28.95
N ILE Q 726 -24.97 28.49 -27.84
CA ILE Q 726 -26.07 29.44 -27.90
C ILE Q 726 -25.71 30.64 -28.77
N LEU Q 727 -24.49 31.15 -28.60
CA LEU Q 727 -24.05 32.30 -29.40
C LEU Q 727 -23.90 31.94 -30.88
N GLY Q 728 -23.42 30.75 -31.19
CA GLY Q 728 -23.40 30.30 -32.57
C GLY Q 728 -24.79 30.18 -33.18
N ASP Q 729 -25.74 29.65 -32.41
CA ASP Q 729 -27.11 29.59 -32.92
C ASP Q 729 -27.66 31.00 -33.12
N TYR Q 730 -27.30 31.93 -32.25
CA TYR Q 730 -27.64 33.33 -32.47
C TYR Q 730 -27.10 33.84 -33.80
N LEU Q 731 -25.83 33.59 -34.07
CA LEU Q 731 -25.25 33.96 -35.36
C LEU Q 731 -26.00 33.31 -36.51
N SER Q 732 -26.35 32.03 -36.37
CA SER Q 732 -27.02 31.32 -37.45
C SER Q 732 -28.39 31.93 -37.73
N ILE Q 733 -29.16 32.24 -36.69
CA ILE Q 733 -30.49 32.81 -36.91
C ILE Q 733 -30.38 34.25 -37.39
N LYS Q 734 -29.33 34.96 -36.99
CA LYS Q 734 -29.02 36.24 -37.62
C LYS Q 734 -28.46 36.06 -39.02
N GLY Q 735 -28.15 34.84 -39.43
CA GLY Q 735 -27.67 34.59 -40.78
C GLY Q 735 -26.23 34.94 -40.99
N ILE Q 736 -25.42 34.99 -39.93
CA ILE Q 736 -24.04 35.40 -40.04
C ILE Q 736 -23.18 34.21 -40.47
N ASN Q 737 -22.04 34.53 -41.08
CA ASN Q 737 -21.07 33.54 -41.55
C ASN Q 737 -19.96 33.41 -40.51
N PHE Q 738 -19.83 32.23 -39.92
CA PHE Q 738 -18.86 32.03 -38.85
C PHE Q 738 -18.43 30.57 -38.78
N GLN Q 739 -17.32 30.33 -38.08
CA GLN Q 739 -16.93 28.97 -37.69
C GLN Q 739 -16.62 28.87 -36.21
N ARG Q 740 -16.89 27.69 -35.66
CA ARG Q 740 -16.57 27.33 -34.28
C ARG Q 740 -15.26 26.55 -34.21
N LEU Q 741 -14.70 26.50 -33.00
CA LEU Q 741 -13.60 25.59 -32.69
C LEU Q 741 -13.58 25.29 -31.20
N ASP Q 742 -13.62 24.01 -30.86
CA ASP Q 742 -13.50 23.54 -29.48
C ASP Q 742 -13.23 22.04 -29.51
N GLY Q 743 -13.33 21.41 -28.34
CA GLY Q 743 -13.08 19.99 -28.23
C GLY Q 743 -14.02 19.10 -29.04
N THR Q 744 -15.12 19.66 -29.52
CA THR Q 744 -16.08 18.85 -30.27
C THR Q 744 -15.64 18.51 -31.68
N VAL Q 745 -14.70 19.25 -32.25
CA VAL Q 745 -14.32 19.08 -33.66
C VAL Q 745 -13.01 18.33 -33.71
N PRO Q 746 -12.96 17.12 -34.29
CA PRO Q 746 -11.68 16.44 -34.50
C PRO Q 746 -10.74 17.22 -35.40
N SER Q 747 -9.52 16.67 -35.49
CA SER Q 747 -8.40 17.37 -36.12
C SER Q 747 -8.72 17.89 -37.52
N ALA Q 748 -9.21 17.02 -38.40
CA ALA Q 748 -9.36 17.38 -39.81
C ALA Q 748 -10.34 18.52 -40.03
N GLN Q 749 -11.53 18.44 -39.45
CA GLN Q 749 -12.51 19.50 -39.64
C GLN Q 749 -12.06 20.83 -39.04
N ARG Q 750 -11.41 20.80 -37.87
CA ARG Q 750 -10.86 22.05 -37.35
C ARG Q 750 -9.76 22.58 -38.24
N ARG Q 751 -8.87 21.71 -38.71
CA ARG Q 751 -7.79 22.11 -39.60
C ARG Q 751 -8.32 22.81 -40.85
N ILE Q 752 -9.36 22.24 -41.46
CA ILE Q 752 -9.92 22.90 -42.63
C ILE Q 752 -10.68 24.16 -42.25
N SER Q 753 -11.23 24.24 -41.03
CA SER Q 753 -11.97 25.43 -40.66
C SER Q 753 -11.02 26.61 -40.44
N ILE Q 754 -9.93 26.37 -39.70
CA ILE Q 754 -8.89 27.38 -39.56
C ILE Q 754 -8.35 27.78 -40.93
N ASP Q 755 -8.07 26.80 -41.79
CA ASP Q 755 -7.56 27.13 -43.11
C ASP Q 755 -8.54 28.02 -43.87
N HIS Q 756 -9.81 27.65 -43.88
CA HIS Q 756 -10.82 28.45 -44.56
C HIS Q 756 -10.86 29.87 -44.02
N PHE Q 757 -10.93 30.03 -42.70
CA PHE Q 757 -10.98 31.38 -42.14
C PHE Q 757 -9.71 32.16 -42.37
N ASN Q 758 -8.57 31.48 -42.56
CA ASN Q 758 -7.35 32.15 -42.97
C ASN Q 758 -7.31 32.44 -44.47
N SER Q 759 -8.21 31.84 -45.23
CA SER Q 759 -8.23 32.08 -46.67
C SER Q 759 -8.68 33.51 -46.96
N PRO Q 760 -8.01 34.22 -47.87
CA PRO Q 760 -8.20 35.68 -47.97
C PRO Q 760 -9.55 36.05 -48.54
N ASP Q 761 -10.21 35.14 -49.24
CA ASP Q 761 -11.57 35.34 -49.74
C ASP Q 761 -12.64 35.01 -48.71
N SER Q 762 -12.27 34.37 -47.59
CA SER Q 762 -13.24 33.68 -46.76
C SER Q 762 -14.33 34.63 -46.27
N ASN Q 763 -15.58 34.31 -46.64
CA ASN Q 763 -16.71 35.15 -46.31
C ASN Q 763 -17.04 35.12 -44.83
N ASP Q 764 -16.74 34.01 -44.15
CA ASP Q 764 -17.01 33.92 -42.71
C ASP Q 764 -16.10 34.89 -41.96
N PHE Q 765 -16.72 35.93 -41.40
CA PHE Q 765 -16.03 37.01 -40.73
C PHE Q 765 -15.88 36.80 -39.23
N VAL Q 766 -16.56 35.80 -38.66
CA VAL Q 766 -16.53 35.53 -37.23
C VAL Q 766 -15.95 34.15 -36.97
N PHE Q 767 -15.07 34.05 -35.99
CA PHE Q 767 -14.57 32.77 -35.53
C PHE Q 767 -14.70 32.72 -34.02
N LEU Q 768 -15.08 31.54 -33.52
CA LEU Q 768 -15.68 31.40 -32.20
C LEU Q 768 -15.02 30.21 -31.52
N LEU Q 769 -14.42 30.44 -30.36
CA LEU Q 769 -13.47 29.47 -29.82
C LEU Q 769 -13.68 29.22 -28.34
N SER Q 770 -13.35 27.99 -27.95
CA SER Q 770 -13.05 27.73 -26.54
C SER Q 770 -11.68 28.30 -26.19
N THR Q 771 -11.53 28.68 -24.92
CA THR Q 771 -10.23 29.13 -24.42
C THR Q 771 -9.24 27.98 -24.27
N ARG Q 772 -9.71 26.81 -23.82
CA ARG Q 772 -8.79 25.70 -23.58
C ARG Q 772 -8.19 25.16 -24.87
N ALA Q 773 -9.03 24.71 -25.80
CA ALA Q 773 -8.49 24.22 -27.07
C ALA Q 773 -8.07 25.37 -27.97
N GLY Q 774 -8.90 26.39 -28.11
CA GLY Q 774 -8.61 27.46 -29.06
C GLY Q 774 -7.59 28.47 -28.60
N GLY Q 775 -7.24 28.47 -27.31
CA GLY Q 775 -6.35 29.49 -26.78
C GLY Q 775 -4.92 29.40 -27.28
N LEU Q 776 -4.47 28.22 -27.69
CA LEU Q 776 -3.06 27.94 -27.85
C LEU Q 776 -2.69 27.82 -29.33
N GLY Q 777 -1.72 28.63 -29.76
CA GLY Q 777 -1.01 28.42 -30.99
C GLY Q 777 -1.79 28.51 -32.29
N ILE Q 778 -3.10 28.74 -32.24
CA ILE Q 778 -3.84 28.97 -33.47
C ILE Q 778 -3.38 30.28 -34.09
N ASN Q 779 -3.37 30.33 -35.42
CA ASN Q 779 -2.97 31.53 -36.15
C ASN Q 779 -4.20 32.20 -36.74
N LEU Q 780 -4.42 33.46 -36.36
CA LEU Q 780 -5.62 34.19 -36.76
C LEU Q 780 -5.28 35.61 -37.20
N MET Q 781 -4.12 35.81 -37.83
CA MET Q 781 -3.74 37.13 -38.30
C MET Q 781 -4.63 37.65 -39.42
N THR Q 782 -5.61 36.87 -39.88
CA THR Q 782 -6.69 37.43 -40.68
C THR Q 782 -7.75 38.13 -39.83
N ALA Q 783 -7.80 37.84 -38.53
CA ALA Q 783 -8.63 38.58 -37.60
C ALA Q 783 -7.90 39.82 -37.10
N ASP Q 784 -8.69 40.78 -36.60
CA ASP Q 784 -8.14 41.98 -36.00
C ASP Q 784 -8.81 42.39 -34.70
N THR Q 785 -9.86 41.69 -34.28
CA THR Q 785 -10.68 42.10 -33.15
C THR Q 785 -10.97 40.89 -32.29
N VAL Q 786 -11.00 41.07 -30.97
CA VAL Q 786 -11.26 39.97 -30.06
C VAL Q 786 -12.27 40.42 -29.01
N VAL Q 787 -13.26 39.59 -28.75
CA VAL Q 787 -14.15 39.73 -27.60
C VAL Q 787 -13.94 38.54 -26.68
N ILE Q 788 -13.56 38.85 -25.45
CA ILE Q 788 -13.48 37.88 -24.36
C ILE Q 788 -14.80 37.97 -23.62
N PHE Q 789 -15.70 37.03 -23.90
CA PHE Q 789 -17.05 37.10 -23.37
C PHE Q 789 -17.05 36.81 -21.88
N ASP Q 790 -16.04 36.09 -21.41
CA ASP Q 790 -15.85 35.77 -20.01
C ASP Q 790 -14.39 35.39 -19.83
N SER Q 791 -13.92 35.41 -18.58
CA SER Q 791 -12.52 35.17 -18.30
C SER Q 791 -12.35 33.92 -17.45
N ASP Q 792 -11.21 33.26 -17.63
CA ASP Q 792 -10.76 32.22 -16.72
C ASP Q 792 -10.27 32.80 -15.40
N TRP Q 793 -10.16 31.93 -14.40
CA TRP Q 793 -9.46 32.27 -13.17
C TRP Q 793 -8.00 32.61 -13.41
N ASN Q 794 -7.45 32.25 -14.57
CA ASN Q 794 -6.04 32.43 -14.84
C ASN Q 794 -5.83 33.47 -15.91
N PRO Q 795 -5.09 34.56 -15.64
CA PRO Q 795 -4.92 35.60 -16.66
C PRO Q 795 -4.16 35.11 -17.87
N GLN Q 796 -3.23 34.17 -17.71
CA GLN Q 796 -2.41 33.76 -18.83
C GLN Q 796 -3.24 33.12 -19.93
N ALA Q 797 -4.37 32.51 -19.58
CA ALA Q 797 -5.28 32.01 -20.60
C ALA Q 797 -5.82 33.14 -21.46
N ASP Q 798 -6.18 34.26 -20.82
CA ASP Q 798 -6.61 35.44 -21.57
C ASP Q 798 -5.49 36.02 -22.41
N LEU Q 799 -4.27 36.06 -21.87
CA LEU Q 799 -3.15 36.55 -22.64
C LEU Q 799 -2.91 35.69 -23.87
N GLN Q 800 -2.97 34.37 -23.72
CA GLN Q 800 -2.88 33.46 -24.86
C GLN Q 800 -3.96 33.75 -25.88
N ALA Q 801 -5.22 33.80 -25.44
CA ALA Q 801 -6.32 34.05 -26.36
C ALA Q 801 -6.13 35.36 -27.11
N MET Q 802 -5.67 36.40 -26.42
CA MET Q 802 -5.36 37.65 -27.12
C MET Q 802 -4.26 37.41 -28.14
N ALA Q 803 -3.19 36.72 -27.72
CA ALA Q 803 -2.01 36.64 -28.56
C ALA Q 803 -2.29 35.90 -29.85
N ARG Q 804 -3.30 35.02 -29.85
CA ARG Q 804 -3.65 34.31 -31.08
C ARG Q 804 -3.93 35.26 -32.23
N ALA Q 805 -4.48 36.43 -31.94
CA ALA Q 805 -4.62 37.45 -32.98
C ALA Q 805 -3.35 38.25 -33.18
N HIS Q 806 -2.60 38.51 -32.11
CA HIS Q 806 -1.49 39.46 -32.16
C HIS Q 806 -0.20 38.83 -32.69
N ARG Q 807 -0.30 38.00 -33.71
CA ARG Q 807 0.86 37.31 -34.24
C ARG Q 807 1.75 38.26 -35.04
N ILE Q 808 2.96 37.78 -35.33
CA ILE Q 808 3.71 38.22 -36.49
C ILE Q 808 2.83 38.13 -37.73
N GLY Q 809 2.88 39.16 -38.56
CA GLY Q 809 2.09 39.21 -39.77
C GLY Q 809 0.71 39.82 -39.62
N GLN Q 810 0.23 40.03 -38.40
CA GLN Q 810 -0.91 40.90 -38.20
C GLN Q 810 -0.51 42.33 -38.53
N LYS Q 811 -1.41 43.07 -39.17
CA LYS Q 811 -1.03 44.25 -39.92
C LYS Q 811 -1.90 45.47 -39.64
N ASN Q 812 -2.80 45.39 -38.65
CA ASN Q 812 -3.43 46.59 -38.12
C ASN Q 812 -3.63 46.42 -36.62
N HIS Q 813 -3.79 47.55 -35.94
CA HIS Q 813 -3.93 47.53 -34.49
C HIS Q 813 -5.18 46.77 -34.08
N VAL Q 814 -5.03 45.87 -33.12
CA VAL Q 814 -6.10 44.97 -32.70
C VAL Q 814 -6.79 45.52 -31.48
N MET Q 815 -8.12 45.39 -31.44
CA MET Q 815 -8.93 45.81 -30.30
C MET Q 815 -9.40 44.57 -29.56
N VAL Q 816 -9.14 44.52 -28.25
CA VAL Q 816 -9.65 43.48 -27.38
C VAL Q 816 -10.65 44.10 -26.41
N TYR Q 817 -11.86 43.56 -26.39
CA TYR Q 817 -12.89 43.95 -25.44
C TYR Q 817 -13.19 42.76 -24.54
N ARG Q 818 -13.04 42.94 -23.23
CA ARG Q 818 -13.45 41.96 -22.25
C ARG Q 818 -14.77 42.36 -21.62
N LEU Q 819 -15.75 41.46 -21.64
CA LEU Q 819 -17.11 41.77 -21.25
C LEU Q 819 -17.38 41.16 -19.88
N VAL Q 820 -17.76 42.01 -18.92
CA VAL Q 820 -17.93 41.60 -17.54
C VAL Q 820 -19.29 42.08 -17.03
N SER Q 821 -20.02 41.20 -16.36
CA SER Q 821 -21.30 41.56 -15.78
C SER Q 821 -21.08 42.42 -14.55
N LYS Q 822 -21.56 43.66 -14.61
CA LYS Q 822 -21.37 44.61 -13.53
C LYS Q 822 -22.17 44.21 -12.30
N ASP Q 823 -21.57 44.39 -11.11
CA ASP Q 823 -22.12 43.90 -9.86
C ASP Q 823 -22.30 42.38 -9.85
N THR Q 824 -21.26 41.66 -10.28
CA THR Q 824 -21.25 40.21 -10.18
C THR Q 824 -19.89 39.73 -9.71
N VAL Q 825 -19.83 38.47 -9.28
CA VAL Q 825 -18.61 37.92 -8.71
C VAL Q 825 -17.45 37.96 -9.70
N GLU Q 826 -17.73 37.91 -10.99
CA GLU Q 826 -16.63 37.79 -11.96
C GLU Q 826 -15.73 39.01 -11.96
N GLU Q 827 -16.26 40.19 -11.62
CA GLU Q 827 -15.34 41.33 -11.46
C GLU Q 827 -14.49 41.23 -10.20
N GLU Q 828 -14.84 40.34 -9.27
CA GLU Q 828 -13.88 39.95 -8.23
C GLU Q 828 -12.93 38.88 -8.73
N VAL Q 829 -13.40 37.99 -9.59
CA VAL Q 829 -12.51 37.04 -10.23
C VAL Q 829 -11.41 37.78 -10.98
N LEU Q 830 -11.77 38.91 -11.58
CA LEU Q 830 -10.76 39.80 -12.16
C LEU Q 830 -9.70 40.20 -11.15
N GLU Q 831 -10.10 40.52 -9.92
CA GLU Q 831 -9.12 40.89 -8.91
C GLU Q 831 -8.23 39.71 -8.51
N ARG Q 832 -8.82 38.52 -8.45
CA ARG Q 832 -8.01 37.29 -8.33
C ARG Q 832 -7.01 37.16 -9.48
N ALA Q 833 -7.44 37.49 -10.69
CA ALA Q 833 -6.53 37.44 -11.82
C ALA Q 833 -5.40 38.45 -11.69
N ARG Q 834 -5.71 39.68 -11.29
CA ARG Q 834 -4.66 40.66 -11.02
C ARG Q 834 -3.69 40.15 -9.95
N LYS Q 835 -4.21 39.57 -8.87
CA LYS Q 835 -3.36 39.06 -7.82
C LYS Q 835 -2.44 37.96 -8.31
N LYS Q 836 -2.90 37.12 -9.24
CA LYS Q 836 -1.98 36.21 -9.90
C LYS Q 836 -1.00 36.96 -10.80
N MET Q 837 -1.49 37.99 -11.50
CA MET Q 837 -0.66 38.71 -12.45
C MET Q 837 0.52 39.39 -11.77
N ILE Q 838 0.41 39.64 -10.47
CA ILE Q 838 1.44 40.40 -9.76
C ILE Q 838 2.82 39.77 -9.94
N LEU Q 839 2.89 38.44 -10.06
CA LEU Q 839 4.17 37.77 -9.92
C LEU Q 839 5.19 38.24 -10.95
N GLU Q 840 4.75 38.55 -12.16
CA GLU Q 840 5.70 39.00 -13.18
C GLU Q 840 6.43 40.27 -12.77
N TYR Q 841 5.72 41.19 -12.11
CA TYR Q 841 6.34 42.42 -11.66
C TYR Q 841 7.36 42.20 -10.55
N ALA Q 842 7.35 41.03 -9.94
CA ALA Q 842 8.37 40.67 -8.96
C ALA Q 842 9.52 39.92 -9.60
N ILE Q 843 9.23 38.86 -10.35
CA ILE Q 843 10.30 38.05 -10.93
C ILE Q 843 10.88 38.68 -12.19
N ILE Q 844 10.14 39.57 -12.85
CA ILE Q 844 10.54 40.09 -14.15
C ILE Q 844 10.56 38.96 -15.16
N ASP Q 1006 44.61 6.81 -35.19
CA ASP Q 1006 44.27 5.70 -36.07
C ASP Q 1006 44.30 6.12 -37.53
N MET Q 1007 44.19 7.43 -37.76
CA MET Q 1007 43.87 7.93 -39.09
C MET Q 1007 44.94 7.57 -40.11
N ASP Q 1008 46.18 7.35 -39.66
CA ASP Q 1008 47.26 6.97 -40.56
C ASP Q 1008 47.24 5.48 -40.88
N SER Q 1009 46.62 4.65 -40.05
CA SER Q 1009 46.45 3.25 -40.37
C SER Q 1009 45.39 3.08 -41.45
N ILE Q 1010 45.42 1.93 -42.12
CA ILE Q 1010 44.34 1.48 -42.98
C ILE Q 1010 44.07 0.01 -42.69
N GLY Q 1011 42.81 -0.34 -42.48
CA GLY Q 1011 42.44 -1.72 -42.24
C GLY Q 1011 42.04 -2.46 -43.49
N GLU Q 1012 42.22 -3.78 -43.46
CA GLU Q 1012 41.89 -4.61 -44.61
C GLU Q 1012 40.42 -4.47 -45.00
N SER Q 1013 39.54 -4.27 -44.03
CA SER Q 1013 38.15 -3.97 -44.33
C SER Q 1013 38.01 -2.63 -45.05
N GLU Q 1014 38.85 -1.66 -44.69
CA GLU Q 1014 38.87 -0.39 -45.41
C GLU Q 1014 39.46 -0.56 -46.81
N VAL Q 1015 40.52 -1.35 -46.95
CA VAL Q 1015 41.04 -1.69 -48.28
C VAL Q 1015 39.94 -2.30 -49.15
N ARG Q 1016 39.20 -3.26 -48.60
CA ARG Q 1016 38.05 -3.83 -49.31
C ARG Q 1016 37.04 -2.76 -49.71
N ALA Q 1017 36.64 -1.92 -48.75
CA ALA Q 1017 35.59 -0.95 -49.01
C ALA Q 1017 36.02 0.07 -50.04
N LEU Q 1018 37.26 0.55 -49.95
CA LEU Q 1018 37.84 1.42 -50.97
C LEU Q 1018 37.84 0.74 -52.34
N TYR Q 1019 38.34 -0.49 -52.40
CA TYR Q 1019 38.44 -1.19 -53.68
C TYR Q 1019 37.06 -1.33 -54.35
N LYS Q 1020 36.06 -1.74 -53.58
CA LYS Q 1020 34.68 -1.76 -54.08
C LYS Q 1020 34.18 -0.37 -54.48
N ALA Q 1021 34.46 0.64 -53.65
CA ALA Q 1021 34.01 1.99 -53.94
C ALA Q 1021 34.55 2.46 -55.28
N ILE Q 1022 35.86 2.36 -55.47
CA ILE Q 1022 36.48 2.80 -56.73
C ILE Q 1022 36.04 1.92 -57.89
N LEU Q 1023 35.78 0.63 -57.65
CA LEU Q 1023 35.18 -0.20 -58.68
C LEU Q 1023 33.80 0.29 -59.11
N LYS Q 1024 33.08 0.98 -58.21
CA LYS Q 1024 31.78 1.52 -58.61
C LYS Q 1024 31.82 2.97 -59.09
N PHE Q 1025 32.74 3.79 -58.57
CA PHE Q 1025 32.63 5.23 -58.66
C PHE Q 1025 33.86 5.92 -59.22
N GLY Q 1026 34.93 5.18 -59.50
CA GLY Q 1026 36.13 5.80 -60.06
C GLY Q 1026 36.90 6.63 -59.05
N ASN Q 1027 37.25 7.86 -59.44
CA ASN Q 1027 38.07 8.74 -58.61
C ASN Q 1027 37.26 9.25 -57.41
N LEU Q 1028 37.19 8.41 -56.38
CA LEU Q 1028 36.31 8.65 -55.25
C LEU Q 1028 36.61 9.97 -54.53
N LYS Q 1029 37.82 10.53 -54.71
CA LYS Q 1029 38.24 11.67 -53.91
C LYS Q 1029 37.31 12.86 -54.05
N GLU Q 1030 36.53 12.93 -55.12
CA GLU Q 1030 35.46 13.91 -55.20
C GLU Q 1030 34.37 13.59 -54.18
N ILE Q 1031 33.82 12.38 -54.28
CA ILE Q 1031 32.74 11.93 -53.42
C ILE Q 1031 33.21 11.60 -52.01
N LEU Q 1032 34.51 11.36 -51.83
CA LEU Q 1032 35.00 10.54 -50.72
C LEU Q 1032 34.47 11.00 -49.37
N ASP Q 1033 34.28 12.30 -49.20
CA ASP Q 1033 33.66 12.79 -47.97
C ASP Q 1033 32.29 12.17 -47.75
N GLU Q 1034 31.46 12.12 -48.79
CA GLU Q 1034 30.16 11.45 -48.68
C GLU Q 1034 30.31 9.97 -48.40
N LEU Q 1035 31.31 9.32 -49.01
CA LEU Q 1035 31.52 7.89 -48.79
C LEU Q 1035 31.93 7.58 -47.36
N ILE Q 1036 32.63 8.48 -46.69
CA ILE Q 1036 32.82 8.34 -45.25
C ILE Q 1036 31.50 8.65 -44.52
N ALA Q 1037 30.84 9.73 -44.91
CA ALA Q 1037 29.68 10.21 -44.16
C ALA Q 1037 28.51 9.23 -44.24
N ASP Q 1038 28.38 8.50 -45.34
CA ASP Q 1038 27.40 7.44 -45.45
C ASP Q 1038 27.89 6.10 -44.88
N GLY Q 1039 29.09 6.07 -44.32
CA GLY Q 1039 29.62 4.87 -43.71
C GLY Q 1039 30.12 3.80 -44.66
N THR Q 1040 30.17 4.06 -45.97
CA THR Q 1040 30.74 3.09 -46.89
C THR Q 1040 32.18 2.78 -46.51
N LEU Q 1041 32.94 3.82 -46.21
CA LEU Q 1041 34.30 3.72 -45.69
C LEU Q 1041 34.30 4.05 -44.20
N PRO Q 1042 34.90 3.21 -43.36
CA PRO Q 1042 35.23 3.65 -42.00
C PRO Q 1042 36.01 4.96 -42.01
N VAL Q 1043 35.90 5.69 -40.90
CA VAL Q 1043 36.51 7.01 -40.78
C VAL Q 1043 38.03 6.86 -40.77
N LYS Q 1044 38.69 7.56 -41.70
CA LYS Q 1044 40.13 7.67 -41.75
C LYS Q 1044 40.47 9.04 -42.32
N SER Q 1045 41.75 9.38 -42.28
CA SER Q 1045 42.20 10.59 -42.96
C SER Q 1045 41.81 10.57 -44.44
N PHE Q 1046 41.19 11.66 -44.88
CA PHE Q 1046 40.89 11.86 -46.29
C PHE Q 1046 42.16 11.84 -47.11
N GLU Q 1047 43.21 12.45 -46.59
CA GLU Q 1047 44.51 12.45 -47.27
C GLU Q 1047 45.08 11.04 -47.40
N LYS Q 1048 44.94 10.22 -46.38
CA LYS Q 1048 45.44 8.84 -46.46
C LYS Q 1048 44.70 8.03 -47.53
N TYR Q 1049 43.36 8.09 -47.53
CA TYR Q 1049 42.61 7.47 -48.62
C TYR Q 1049 43.01 8.02 -49.99
N GLY Q 1050 43.21 9.34 -50.08
CA GLY Q 1050 43.64 9.93 -51.34
C GLY Q 1050 44.98 9.38 -51.81
N GLU Q 1051 45.98 9.41 -50.94
CA GLU Q 1051 47.31 8.99 -51.35
C GLU Q 1051 47.37 7.50 -51.63
N THR Q 1052 46.64 6.68 -50.87
CA THR Q 1052 46.65 5.25 -51.14
C THR Q 1052 45.89 4.90 -52.41
N TYR Q 1053 44.87 5.70 -52.75
CA TYR Q 1053 44.24 5.60 -54.06
C TYR Q 1053 45.23 5.92 -55.17
N ASP Q 1054 45.86 7.09 -55.10
CA ASP Q 1054 46.83 7.45 -56.13
C ASP Q 1054 47.94 6.41 -56.23
N GLU Q 1055 48.44 5.95 -55.08
CA GLU Q 1055 49.45 4.90 -55.03
C GLU Q 1055 49.04 3.66 -55.79
N MET Q 1056 47.82 3.18 -55.57
CA MET Q 1056 47.37 2.01 -56.32
C MET Q 1056 47.04 2.30 -57.77
N MET Q 1057 46.72 3.54 -58.12
CA MET Q 1057 46.64 3.90 -59.54
C MET Q 1057 48.01 3.76 -60.21
N GLU Q 1058 49.04 4.27 -59.54
CA GLU Q 1058 50.40 4.13 -60.05
C GLU Q 1058 50.82 2.67 -60.10
N ALA Q 1059 50.47 1.89 -59.08
CA ALA Q 1059 50.79 0.47 -59.08
C ALA Q 1059 50.06 -0.27 -60.20
N ALA Q 1060 48.83 0.12 -60.52
CA ALA Q 1060 48.14 -0.44 -61.68
C ALA Q 1060 48.84 -0.10 -62.99
N LYS Q 1061 49.26 1.15 -63.14
CA LYS Q 1061 50.07 1.52 -64.31
C LYS Q 1061 51.35 0.69 -64.38
N ASP Q 1062 52.03 0.51 -63.25
CA ASP Q 1062 53.20 -0.35 -63.23
C ASP Q 1062 52.87 -1.78 -63.63
N CYS Q 1063 51.74 -2.30 -63.14
CA CYS Q 1063 51.31 -3.63 -63.56
C CYS Q 1063 51.11 -3.73 -65.07
N VAL Q 1064 50.57 -2.68 -65.69
CA VAL Q 1064 50.45 -2.64 -67.14
C VAL Q 1064 51.82 -2.59 -67.82
N HIS Q 1065 52.77 -1.89 -67.21
CA HIS Q 1065 54.13 -1.92 -67.73
C HIS Q 1065 54.77 -3.30 -67.58
N GLU Q 1066 54.48 -3.99 -66.47
CA GLU Q 1066 54.99 -5.35 -66.31
C GLU Q 1066 54.35 -6.31 -67.31
N GLU Q 1067 53.07 -6.13 -67.61
CA GLU Q 1067 52.46 -6.87 -68.72
C GLU Q 1067 53.16 -6.60 -70.04
N GLU Q 1068 53.49 -5.34 -70.32
CA GLU Q 1068 54.22 -5.03 -71.54
C GLU Q 1068 55.60 -5.69 -71.55
N LYS Q 1069 56.32 -5.64 -70.43
CA LYS Q 1069 57.59 -6.34 -70.32
C LYS Q 1069 57.41 -7.84 -70.54
N ASN Q 1070 56.33 -8.41 -70.01
CA ASN Q 1070 56.11 -9.85 -70.13
C ASN Q 1070 55.87 -10.25 -71.57
N ARG Q 1071 55.02 -9.52 -72.28
CA ARG Q 1071 54.68 -9.95 -73.64
C ARG Q 1071 55.75 -9.56 -74.64
N LYS Q 1072 56.38 -8.39 -74.45
CA LYS Q 1072 57.43 -7.94 -75.36
C LYS Q 1072 58.71 -8.72 -75.14
N VAL Q 1118 43.88 -8.67 -63.24
CA VAL Q 1118 44.91 -9.53 -62.69
C VAL Q 1118 45.33 -9.03 -61.31
N LEU Q 1119 45.31 -9.92 -60.32
CA LEU Q 1119 45.46 -9.50 -58.94
C LEU Q 1119 46.85 -8.94 -58.69
N PHE Q 1120 46.90 -7.90 -57.86
CA PHE Q 1120 48.13 -7.50 -57.18
C PHE Q 1120 47.76 -6.84 -55.87
N ASN Q 1121 48.63 -6.99 -54.88
CA ASN Q 1121 48.29 -6.67 -53.51
C ASN Q 1121 48.47 -5.18 -53.21
N PHE Q 1122 47.72 -4.73 -52.21
CA PHE Q 1122 48.00 -3.48 -51.51
C PHE Q 1122 48.33 -3.80 -50.06
N LYS Q 1123 49.50 -3.35 -49.60
CA LYS Q 1123 49.97 -3.63 -48.25
C LYS Q 1123 49.81 -5.11 -47.92
N GLY Q 1124 50.14 -5.97 -48.88
CA GLY Q 1124 49.94 -7.40 -48.76
C GLY Q 1124 48.53 -7.87 -48.95
N VAL Q 1125 47.53 -7.01 -48.78
CA VAL Q 1125 46.14 -7.41 -49.03
C VAL Q 1125 45.98 -7.72 -50.51
N LYS Q 1126 45.69 -8.98 -50.83
CA LYS Q 1126 45.59 -9.45 -52.20
C LYS Q 1126 44.34 -8.95 -52.91
N SER Q 1127 43.42 -8.30 -52.19
CA SER Q 1127 42.10 -7.95 -52.71
C SER Q 1127 42.15 -6.76 -53.67
N LEU Q 1128 42.96 -6.89 -54.72
CA LEU Q 1128 43.12 -5.78 -55.64
C LEU Q 1128 43.59 -6.29 -56.99
N ASN Q 1129 43.14 -5.63 -58.06
CA ASN Q 1129 43.60 -5.90 -59.41
C ASN Q 1129 43.69 -4.58 -60.18
N ALA Q 1130 44.62 -4.52 -61.13
CA ALA Q 1130 44.92 -3.26 -61.82
C ALA Q 1130 43.90 -2.92 -62.89
N GLU Q 1131 43.62 -3.85 -63.80
CA GLU Q 1131 42.99 -3.49 -65.07
C GLU Q 1131 41.54 -3.06 -64.87
N SER Q 1132 40.83 -3.76 -63.99
CA SER Q 1132 39.45 -3.40 -63.69
C SER Q 1132 39.39 -1.98 -63.16
N LEU Q 1133 40.22 -1.65 -62.19
CA LEU Q 1133 40.22 -0.31 -61.63
C LEU Q 1133 40.56 0.73 -62.69
N LEU Q 1134 41.64 0.52 -63.43
CA LEU Q 1134 42.10 1.55 -64.37
C LEU Q 1134 41.06 1.82 -65.43
N SER Q 1135 40.53 0.76 -66.05
CA SER Q 1135 39.48 0.93 -67.04
C SER Q 1135 38.23 1.55 -66.43
N ARG Q 1136 37.74 1.00 -65.32
CA ARG Q 1136 36.53 1.53 -64.72
C ARG Q 1136 36.66 3.01 -64.41
N VAL Q 1137 37.78 3.41 -63.82
CA VAL Q 1137 38.01 4.81 -63.47
C VAL Q 1137 37.96 5.71 -64.70
N GLU Q 1138 38.71 5.34 -65.75
CA GLU Q 1138 38.71 6.19 -66.93
C GLU Q 1138 37.36 6.20 -67.65
N ASP Q 1139 36.72 5.04 -67.73
CA ASP Q 1139 35.42 4.94 -68.37
C ASP Q 1139 34.36 5.76 -67.65
N LEU Q 1140 34.28 5.63 -66.33
CA LEU Q 1140 33.34 6.41 -65.55
C LEU Q 1140 33.64 7.91 -65.59
N LYS Q 1141 34.92 8.28 -65.61
CA LYS Q 1141 35.23 9.70 -65.81
C LYS Q 1141 34.73 10.20 -67.15
N TYR Q 1142 34.98 9.45 -68.22
CA TYR Q 1142 34.51 9.86 -69.55
C TYR Q 1142 33.00 9.98 -69.59
N LEU Q 1143 32.29 8.97 -69.09
CA LEU Q 1143 30.82 8.99 -69.09
C LEU Q 1143 30.28 10.15 -68.28
N LYS Q 1144 30.76 10.33 -67.05
CA LYS Q 1144 30.24 11.43 -66.24
C LYS Q 1144 30.60 12.78 -66.83
N ASN Q 1145 31.77 12.90 -67.45
CA ASN Q 1145 32.14 14.17 -68.07
C ASN Q 1145 31.21 14.51 -69.22
N LEU Q 1146 30.98 13.57 -70.13
CA LEU Q 1146 30.12 13.87 -71.28
C LEU Q 1146 28.68 14.09 -70.87
N ILE Q 1147 28.19 13.29 -69.90
CA ILE Q 1147 26.82 13.42 -69.46
C ILE Q 1147 26.61 14.75 -68.74
N ASN Q 1148 27.57 15.17 -67.91
CA ASN Q 1148 27.48 16.52 -67.37
C ASN Q 1148 27.51 17.54 -68.50
N SER Q 1149 28.47 17.38 -69.41
CA SER Q 1149 28.79 18.45 -70.34
C SER Q 1149 27.59 18.85 -71.19
N ASN Q 1150 26.93 17.87 -71.82
CA ASN Q 1150 25.64 18.22 -72.44
C ASN Q 1150 24.48 18.29 -71.45
N TYR Q 1151 24.23 17.20 -70.72
CA TYR Q 1151 22.95 16.98 -70.06
C TYR Q 1151 22.79 17.67 -68.71
N LYS Q 1152 23.88 18.05 -68.04
CA LYS Q 1152 23.87 18.18 -66.58
C LYS Q 1152 22.67 18.97 -66.08
N ASP Q 1153 22.19 19.95 -66.84
CA ASP Q 1153 20.94 20.60 -66.48
C ASP Q 1153 19.85 19.59 -66.12
N ASP Q 1154 19.77 18.49 -66.86
CA ASP Q 1154 19.03 17.32 -66.40
C ASP Q 1154 19.48 16.07 -67.14
N PRO Q 1155 20.12 15.10 -66.46
CA PRO Q 1155 20.57 13.91 -67.19
C PRO Q 1155 19.44 13.06 -67.73
N LEU Q 1156 18.21 13.26 -67.25
CA LEU Q 1156 17.06 12.59 -67.84
C LEU Q 1156 16.84 13.02 -69.29
N LYS Q 1157 17.47 14.12 -69.69
CA LYS Q 1157 17.50 14.52 -71.10
C LYS Q 1157 18.34 13.57 -71.95
N PHE Q 1158 19.21 12.78 -71.34
CA PHE Q 1158 20.23 12.06 -72.09
C PHE Q 1158 19.61 11.12 -73.12
N SER Q 1159 20.29 11.02 -74.26
CA SER Q 1159 20.11 9.92 -75.19
C SER Q 1159 21.47 9.59 -75.81
N LEU Q 1160 21.63 8.34 -76.24
CA LEU Q 1160 22.86 7.93 -76.90
C LEU Q 1160 22.97 8.49 -78.31
N GLY Q 1161 21.86 8.93 -78.89
CA GLY Q 1161 21.92 9.77 -80.08
C GLY Q 1161 22.28 8.99 -81.31
N ASN Q 1162 23.23 9.52 -82.09
CA ASN Q 1162 23.61 8.90 -83.36
C ASN Q 1162 24.37 7.60 -83.17
N ASN Q 1163 25.00 7.38 -82.02
CA ASN Q 1163 25.65 6.10 -81.74
C ASN Q 1163 24.60 5.00 -81.67
N THR Q 1164 24.61 4.09 -82.65
CA THR Q 1164 23.63 3.02 -82.71
C THR Q 1164 24.23 1.72 -82.16
N PRO Q 1165 23.83 1.26 -80.98
CA PRO Q 1165 24.47 0.09 -80.39
C PRO Q 1165 23.98 -1.21 -81.04
N LYS Q 1166 24.81 -2.24 -80.92
CA LYS Q 1166 24.35 -3.58 -81.24
C LYS Q 1166 23.26 -4.02 -80.26
N PRO Q 1167 22.32 -4.85 -80.70
CA PRO Q 1167 21.24 -5.28 -79.80
C PRO Q 1167 21.71 -6.25 -78.74
N VAL Q 1168 20.84 -6.48 -77.76
CA VAL Q 1168 21.03 -7.58 -76.83
C VAL Q 1168 20.80 -8.91 -77.55
N GLN Q 1169 21.54 -9.93 -77.13
CA GLN Q 1169 21.43 -11.26 -77.71
C GLN Q 1169 20.30 -12.04 -77.05
N ASN Q 1170 19.13 -12.04 -77.70
CA ASN Q 1170 18.05 -12.97 -77.38
C ASN Q 1170 17.69 -13.00 -75.90
N TRP Q 1171 17.74 -11.83 -75.25
CA TRP Q 1171 17.38 -11.79 -73.85
C TRP Q 1171 15.89 -12.11 -73.65
N SER Q 1172 15.56 -12.50 -72.43
CA SER Q 1172 14.18 -12.73 -72.02
C SER Q 1172 13.36 -11.45 -71.98
N SER Q 1173 13.97 -10.31 -72.24
CA SER Q 1173 13.30 -9.02 -72.24
C SER Q 1173 13.67 -8.25 -73.49
N ASN Q 1174 12.69 -7.55 -74.05
CA ASN Q 1174 12.95 -6.65 -75.16
C ASN Q 1174 13.79 -5.45 -74.71
N TRP Q 1175 14.69 -5.02 -75.59
CA TRP Q 1175 15.69 -4.01 -75.26
C TRP Q 1175 15.99 -3.18 -76.49
N THR Q 1176 16.30 -1.91 -76.26
CA THR Q 1176 16.55 -0.97 -77.34
C THR Q 1176 17.57 0.05 -76.87
N LYS Q 1177 17.95 0.94 -77.78
CA LYS Q 1177 18.71 2.13 -77.39
C LYS Q 1177 18.07 2.85 -76.22
N GLU Q 1178 16.74 2.81 -76.11
CA GLU Q 1178 16.07 3.45 -74.99
C GLU Q 1178 16.39 2.78 -73.65
N GLU Q 1179 16.30 1.44 -73.59
CA GLU Q 1179 16.68 0.74 -72.37
C GLU Q 1179 18.15 0.96 -72.04
N ASP Q 1180 19.00 0.97 -73.06
CA ASP Q 1180 20.41 1.32 -72.87
C ASP Q 1180 20.54 2.70 -72.24
N GLU Q 1181 19.88 3.70 -72.83
CA GLU Q 1181 19.98 5.08 -72.36
C GLU Q 1181 19.53 5.20 -70.92
N LYS Q 1182 18.38 4.60 -70.59
CA LYS Q 1182 17.90 4.64 -69.21
C LYS Q 1182 18.87 3.94 -68.27
N LEU Q 1183 19.44 2.80 -68.68
CA LEU Q 1183 20.44 2.15 -67.85
C LEU Q 1183 21.64 3.05 -67.60
N LEU Q 1184 22.12 3.71 -68.66
CA LEU Q 1184 23.25 4.63 -68.52
C LEU Q 1184 22.94 5.77 -67.55
N ILE Q 1185 21.75 6.36 -67.65
CA ILE Q 1185 21.35 7.39 -66.68
C ILE Q 1185 21.30 6.81 -65.27
N GLY Q 1186 20.82 5.58 -65.14
CA GLY Q 1186 20.86 4.92 -63.84
C GLY Q 1186 22.26 4.81 -63.27
N VAL Q 1187 23.18 4.28 -64.07
CA VAL Q 1187 24.57 4.13 -63.63
C VAL Q 1187 25.23 5.47 -63.33
N PHE Q 1188 24.81 6.53 -64.02
CA PHE Q 1188 25.27 7.87 -63.66
C PHE Q 1188 24.71 8.31 -62.31
N LYS Q 1189 23.44 8.04 -62.04
CA LYS Q 1189 22.86 8.44 -60.76
C LYS Q 1189 23.41 7.61 -59.60
N TYR Q 1190 23.70 6.33 -59.82
CA TYR Q 1190 24.00 5.40 -58.74
C TYR Q 1190 25.33 4.70 -58.90
N GLY Q 1191 26.12 5.04 -59.91
CA GLY Q 1191 27.38 4.36 -60.16
C GLY Q 1191 27.22 3.00 -60.80
N TYR Q 1192 28.37 2.45 -61.18
CA TYR Q 1192 28.44 1.09 -61.69
C TYR Q 1192 28.06 0.07 -60.62
N GLY Q 1193 27.47 -1.03 -61.06
CA GLY Q 1193 27.27 -2.18 -60.21
C GLY Q 1193 26.28 -2.00 -59.09
N SER Q 1194 25.50 -0.92 -59.10
CA SER Q 1194 24.47 -0.70 -58.08
C SER Q 1194 23.17 -1.39 -58.45
N TRP Q 1195 23.25 -2.64 -58.93
CA TRP Q 1195 22.23 -3.17 -59.82
C TRP Q 1195 20.84 -3.15 -59.18
N THR Q 1196 20.76 -3.35 -57.87
CA THR Q 1196 19.46 -3.28 -57.21
C THR Q 1196 18.84 -1.90 -57.36
N GLN Q 1197 19.61 -0.85 -57.07
CA GLN Q 1197 19.10 0.50 -57.23
C GLN Q 1197 18.86 0.83 -58.70
N ILE Q 1198 19.75 0.37 -59.58
CA ILE Q 1198 19.56 0.60 -61.01
C ILE Q 1198 18.23 0.04 -61.48
N ARG Q 1199 17.93 -1.21 -61.12
CA ARG Q 1199 16.66 -1.81 -61.52
C ARG Q 1199 15.48 -1.13 -60.82
N ASP Q 1200 15.64 -0.76 -59.55
CA ASP Q 1200 14.52 -0.27 -58.77
C ASP Q 1200 14.10 1.14 -59.17
N ASP Q 1201 15.03 1.98 -59.63
CA ASP Q 1201 14.65 3.35 -59.94
C ASP Q 1201 13.61 3.37 -61.05
N PRO Q 1202 12.38 3.82 -60.75
CA PRO Q 1202 11.29 3.70 -61.73
C PRO Q 1202 11.36 4.71 -62.86
N PHE Q 1203 12.09 5.81 -62.69
CA PHE Q 1203 12.28 6.73 -63.80
C PHE Q 1203 13.03 6.09 -64.96
N LEU Q 1204 13.74 4.99 -64.69
CA LEU Q 1204 14.39 4.25 -65.76
C LEU Q 1204 13.46 3.28 -66.46
N GLY Q 1205 12.31 2.97 -65.87
CA GLY Q 1205 11.37 2.03 -66.45
C GLY Q 1205 11.93 0.62 -66.50
N ILE Q 1206 13.05 0.40 -65.83
CA ILE Q 1206 13.72 -0.90 -65.88
C ILE Q 1206 12.93 -1.93 -65.06
N THR Q 1207 12.19 -1.48 -64.05
CA THR Q 1207 11.89 -2.31 -62.90
C THR Q 1207 11.26 -3.64 -63.27
N ASP Q 1208 10.49 -3.66 -64.37
CA ASP Q 1208 10.00 -4.94 -64.91
C ASP Q 1208 11.10 -5.71 -65.63
N LYS Q 1209 11.91 -5.04 -66.44
CA LYS Q 1209 12.62 -5.71 -67.52
C LYS Q 1209 13.82 -6.53 -67.08
N ILE Q 1210 14.24 -6.46 -65.82
CA ILE Q 1210 15.50 -7.04 -65.41
C ILE Q 1210 15.30 -7.89 -64.15
N PHE Q 1211 15.98 -9.03 -64.12
CA PHE Q 1211 15.67 -10.12 -63.21
C PHE Q 1211 16.67 -10.15 -62.06
N LEU Q 1212 16.33 -10.94 -61.04
CA LEU Q 1212 17.19 -11.10 -59.88
C LEU Q 1212 18.42 -11.91 -60.27
N LYS Q 1245 16.84 -18.03 -63.76
CA LYS Q 1245 17.55 -18.46 -64.97
C LYS Q 1245 17.08 -17.67 -66.19
N LYS Q 1246 16.25 -16.65 -65.95
CA LYS Q 1246 15.97 -15.66 -66.99
C LYS Q 1246 17.25 -14.94 -67.40
N VAL Q 1247 17.35 -14.65 -68.69
CA VAL Q 1247 18.65 -14.53 -69.37
C VAL Q 1247 19.48 -13.41 -68.75
N PRO Q 1248 19.09 -12.13 -68.86
CA PRO Q 1248 20.00 -11.08 -68.42
C PRO Q 1248 20.12 -11.03 -66.91
N GLY Q 1249 21.35 -10.93 -66.43
CA GLY Q 1249 21.63 -10.68 -65.03
C GLY Q 1249 22.85 -9.80 -64.85
N ALA Q 1250 23.34 -9.70 -63.60
CA ALA Q 1250 24.36 -8.72 -63.28
C ALA Q 1250 25.58 -8.86 -64.18
N ILE Q 1251 25.99 -10.09 -64.49
CA ILE Q 1251 27.11 -10.29 -65.39
C ILE Q 1251 26.79 -9.79 -66.79
N HIS Q 1252 25.58 -10.11 -67.28
CA HIS Q 1252 25.17 -9.62 -68.59
C HIS Q 1252 25.04 -8.10 -68.59
N LEU Q 1253 24.52 -7.52 -67.52
CA LEU Q 1253 24.45 -6.06 -67.42
C LEU Q 1253 25.85 -5.45 -67.46
N GLY Q 1254 26.79 -6.04 -66.72
CA GLY Q 1254 28.17 -5.58 -66.77
C GLY Q 1254 28.76 -5.61 -68.17
N ARG Q 1255 28.61 -6.75 -68.86
CA ARG Q 1255 29.10 -6.84 -70.23
C ARG Q 1255 28.42 -5.83 -71.15
N ARG Q 1256 27.11 -5.61 -70.97
CA ARG Q 1256 26.39 -4.64 -71.78
C ARG Q 1256 26.93 -3.24 -71.56
N VAL Q 1257 27.13 -2.86 -70.29
CA VAL Q 1257 27.72 -1.57 -69.98
C VAL Q 1257 29.12 -1.45 -70.58
N ASP Q 1258 29.92 -2.50 -70.49
CA ASP Q 1258 31.25 -2.48 -71.08
C ASP Q 1258 31.18 -2.20 -72.58
N TYR Q 1259 30.28 -2.90 -73.27
CA TYR Q 1259 30.10 -2.64 -74.70
C TYR Q 1259 29.64 -1.22 -74.96
N LEU Q 1260 28.61 -0.78 -74.24
CA LEU Q 1260 28.00 0.52 -74.53
C LEU Q 1260 28.99 1.65 -74.29
N LEU Q 1261 29.72 1.59 -73.18
CA LEU Q 1261 30.73 2.61 -72.92
C LEU Q 1261 31.89 2.53 -73.90
N SER Q 1262 32.29 1.33 -74.30
CA SER Q 1262 33.37 1.22 -75.28
C SER Q 1262 32.96 1.80 -76.63
N PHE Q 1263 31.74 1.49 -77.06
CA PHE Q 1263 31.19 2.06 -78.29
C PHE Q 1263 31.05 3.57 -78.23
N LEU Q 1264 30.52 4.11 -77.14
CA LEU Q 1264 30.39 5.57 -77.04
C LEU Q 1264 31.74 6.26 -76.91
N ARG Q 1265 32.70 5.63 -76.21
CA ARG Q 1265 34.04 6.18 -76.15
C ARG Q 1265 34.78 6.00 -77.47
N GLY Q 1266 34.48 4.93 -78.20
CA GLY Q 1266 34.75 4.88 -79.63
C GLY Q 1266 33.75 5.69 -80.43
PB ADP R . 4.57 30.14 -31.77
O1B ADP R . 3.84 28.86 -31.44
O2B ADP R . 4.29 31.26 -30.81
O3B ADP R . 6.02 29.97 -32.16
PA ADP R . 4.78 30.83 -34.41
O1A ADP R . 5.01 29.44 -34.97
O2A ADP R . 5.97 31.69 -34.07
O3A ADP R . 3.86 30.65 -33.11
O5' ADP R . 3.86 31.63 -35.45
C5' ADP R . 3.92 31.32 -36.83
C4' ADP R . 3.74 32.57 -37.66
O4' ADP R . 4.85 33.44 -37.44
C3' ADP R . 3.71 32.23 -39.15
O3' ADP R . 2.41 32.50 -39.68
C2' ADP R . 4.77 33.10 -39.80
O2' ADP R . 4.23 33.95 -40.81
C1' ADP R . 5.36 33.93 -38.69
N9 ADP R . 6.83 33.76 -38.72
C8 ADP R . 7.53 33.04 -37.82
N7 ADP R . 8.85 33.07 -38.12
C5 ADP R . 9.00 33.80 -39.23
C6 ADP R . 10.14 34.23 -40.08
N6 ADP R . 11.40 33.84 -39.77
N1 ADP R . 9.87 34.99 -41.16
C2 ADP R . 8.62 35.38 -41.46
N3 ADP R . 7.54 35.03 -40.73
C4 ADP R . 7.67 34.26 -39.63
BE BEF S . 2.58 31.34 -30.03
F1 BEF S . 1.74 32.39 -30.63
F2 BEF S . 2.61 31.61 -28.58
F3 BEF S . 1.82 30.08 -30.18
MG MG T . 3.20 26.52 -29.27
#